data_6SWU
#
_entry.id   6SWU
#
_cell.length_a   101.732
_cell.length_b   107.532
_cell.length_c   222.650
_cell.angle_alpha   90.000
_cell.angle_beta   90.000
_cell.angle_gamma   90.000
#
_symmetry.space_group_name_H-M   'P 21 21 21'
#
loop_
_entity.id
_entity.type
_entity.pdbx_description
1 polymer 'Kinesin light chain 1,Kinesin light chain 1,TPR domain of kinesin light chain 1 in complex with an engineered high-affinity cargo peptide of sequence TVFTTEDIYEWDDSAI'
2 non-polymer DI(HYDROXYETHYL)ETHER
3 non-polymer 1,2-ETHANEDIOL
4 water water
#
_entity_poly.entity_id   1
_entity_poly.type   'polypeptide(L)'
_entity_poly.pdbx_seq_one_letter_code
;GSHMGGYEIPARLRTLHNLVIQYASQGRYEVAVPLCKQALEDLEKTSGHDHPDVATMLNILALVYRDQNKYKDAANLLND
ALAIREKTLGRDHPAVAATLNNLAVLYGKRGKYKEAEPLCKRALEIREKVLGKDHPDVAKQLNNLALLCQNQGKYEEVEY
YYQRALGIYQTKLGPDDPNVAKTKNNLASCYLKQGKFKQAETLYKEILTRAHEREFGSVDDENKPIWMHAEEREECKGKQ
KDGSAFGEYGGWYKACKVDSPTVTTTLKNLGALYRRQGKFEAAETLEEAAMRSRKQTGSTGSTGSTGSTGSTGSTGSTGS
TGSTGSGTVFTTEDIYEWDDSAI
;
_entity_poly.pdbx_strand_id   A,B,C,D,E,F
#
# COMPACT_ATOMS: atom_id res chain seq x y z
N PRO A 10 31.52 15.54 -11.71
CA PRO A 10 31.18 16.99 -11.67
C PRO A 10 29.86 17.30 -10.94
N ALA A 11 29.77 18.51 -10.40
CA ALA A 11 28.65 19.04 -9.61
C ALA A 11 27.35 19.00 -10.44
N ARG A 12 27.42 19.30 -11.74
CA ARG A 12 26.25 19.30 -12.63
C ARG A 12 25.59 17.91 -12.60
N LEU A 13 26.37 16.84 -12.77
CA LEU A 13 25.84 15.46 -12.74
C LEU A 13 25.18 15.17 -11.40
N ARG A 14 25.83 15.56 -10.29
CA ARG A 14 25.30 15.35 -8.92
C ARG A 14 23.90 15.95 -8.86
N THR A 15 23.75 17.21 -9.30
CA THR A 15 22.47 17.95 -9.28
C THR A 15 21.47 17.29 -10.23
N LEU A 16 21.88 16.91 -11.44
CA LEU A 16 20.94 16.25 -12.39
C LEU A 16 20.42 14.94 -11.80
N HIS A 17 21.30 14.11 -11.25
CA HIS A 17 20.92 12.80 -10.68
C HIS A 17 19.93 13.05 -9.54
N ASN A 18 20.23 14.03 -8.69
CA ASN A 18 19.40 14.45 -7.54
C ASN A 18 18.00 14.80 -8.03
N LEU A 19 17.88 15.64 -9.07
CA LEU A 19 16.57 16.10 -9.62
C LEU A 19 15.83 14.91 -10.26
N VAL A 20 16.51 14.07 -11.04
CA VAL A 20 15.84 12.91 -11.71
C VAL A 20 15.15 12.08 -10.63
N ILE A 21 15.88 11.72 -9.58
CA ILE A 21 15.35 10.93 -8.44
C ILE A 21 14.17 11.67 -7.80
N GLN A 22 14.34 12.96 -7.49
CA GLN A 22 13.28 13.79 -6.86
C GLN A 22 11.98 13.66 -7.67
N TYR A 23 12.03 13.87 -8.97
CA TYR A 23 10.81 14.00 -9.81
C TYR A 23 10.28 12.61 -10.18
N ALA A 24 11.13 11.61 -10.29
CA ALA A 24 10.67 10.21 -10.52
C ALA A 24 9.94 9.68 -9.27
N SER A 25 10.39 10.00 -8.05
CA SER A 25 9.73 9.62 -6.77
C SER A 25 8.28 10.10 -6.78
N GLN A 26 8.07 11.29 -7.32
CA GLN A 26 6.77 12.03 -7.28
C GLN A 26 5.90 11.64 -8.46
N GLY A 27 6.40 10.80 -9.36
CA GLY A 27 5.63 10.38 -10.53
C GLY A 27 5.53 11.46 -11.59
N ARG A 28 6.37 12.49 -11.50
CA ARG A 28 6.42 13.63 -12.45
C ARG A 28 7.40 13.30 -13.58
N TYR A 29 6.97 12.40 -14.46
CA TYR A 29 7.79 11.79 -15.52
C TYR A 29 8.08 12.81 -16.63
N GLU A 30 7.20 13.79 -16.81
CA GLU A 30 7.33 14.85 -17.84
C GLU A 30 8.60 15.66 -17.55
N VAL A 31 9.11 15.62 -16.31
CA VAL A 31 10.34 16.31 -15.87
C VAL A 31 11.50 15.31 -15.80
N ALA A 32 11.27 14.14 -15.22
CA ALA A 32 12.31 13.13 -14.96
C ALA A 32 12.93 12.65 -16.27
N VAL A 33 12.11 12.32 -17.28
CA VAL A 33 12.63 11.75 -18.57
C VAL A 33 13.64 12.70 -19.21
N PRO A 34 13.31 13.97 -19.50
CA PRO A 34 14.27 14.89 -20.11
C PRO A 34 15.58 15.01 -19.31
N LEU A 35 15.48 15.19 -17.99
CA LEU A 35 16.67 15.37 -17.11
C LEU A 35 17.53 14.10 -17.15
N CYS A 36 16.88 12.96 -17.18
CA CYS A 36 17.53 11.64 -17.25
C CYS A 36 18.34 11.52 -18.54
N LYS A 37 17.74 11.88 -19.68
CA LYS A 37 18.40 11.85 -21.01
C LYS A 37 19.59 12.81 -21.00
N GLN A 38 19.41 13.98 -20.39
CA GLN A 38 20.47 15.01 -20.25
C GLN A 38 21.62 14.42 -19.44
N ALA A 39 21.34 13.78 -18.32
CA ALA A 39 22.35 13.15 -17.43
C ALA A 39 23.10 12.07 -18.21
N LEU A 40 22.42 11.27 -19.03
CA LEU A 40 23.07 10.21 -19.85
C LEU A 40 24.03 10.85 -20.86
N GLU A 41 23.58 11.92 -21.53
CA GLU A 41 24.39 12.67 -22.52
C GLU A 41 25.69 13.15 -21.85
N ASP A 42 25.58 13.75 -20.65
CA ASP A 42 26.69 14.39 -19.91
C ASP A 42 27.57 13.32 -19.28
N LEU A 43 26.99 12.16 -18.89
CA LEU A 43 27.74 11.03 -18.28
C LEU A 43 28.66 10.40 -19.34
N GLU A 44 28.14 10.18 -20.55
CA GLU A 44 28.90 9.53 -21.65
C GLU A 44 30.10 10.40 -22.05
N LYS A 45 29.96 11.74 -22.02
CA LYS A 45 31.08 12.70 -22.27
C LYS A 45 32.16 12.53 -21.18
N THR A 46 31.78 12.43 -19.92
CA THR A 46 32.66 12.55 -18.74
C THR A 46 33.34 11.22 -18.47
N SER A 47 32.55 10.18 -18.20
CA SER A 47 33.00 8.81 -17.82
C SER A 47 32.80 7.91 -19.04
N GLY A 48 33.48 6.76 -19.13
CA GLY A 48 33.30 5.82 -20.27
C GLY A 48 31.86 5.34 -20.32
N HIS A 49 31.27 5.16 -21.52
CA HIS A 49 30.02 4.37 -21.73
C HIS A 49 30.37 2.90 -21.51
N ASP A 50 29.47 2.01 -21.05
CA ASP A 50 29.80 0.67 -20.47
C ASP A 50 30.59 0.86 -19.17
N HIS A 51 30.12 1.77 -18.31
CA HIS A 51 30.47 1.98 -16.89
C HIS A 51 29.21 1.70 -16.05
N PRO A 52 29.30 1.04 -14.87
CA PRO A 52 28.11 0.69 -14.10
C PRO A 52 27.17 1.87 -13.77
N ASP A 53 27.69 3.09 -13.62
CA ASP A 53 26.89 4.32 -13.38
C ASP A 53 25.93 4.56 -14.55
N VAL A 54 26.37 4.28 -15.77
CA VAL A 54 25.56 4.48 -17.00
C VAL A 54 24.40 3.48 -16.97
N ALA A 55 24.68 2.22 -16.59
CA ALA A 55 23.68 1.14 -16.45
C ALA A 55 22.62 1.53 -15.42
N THR A 56 23.02 2.16 -14.31
CA THR A 56 22.09 2.58 -13.24
C THR A 56 21.14 3.64 -13.79
N MET A 57 21.66 4.66 -14.47
CA MET A 57 20.83 5.75 -15.04
C MET A 57 19.89 5.16 -16.10
N LEU A 58 20.35 4.17 -16.85
CA LEU A 58 19.53 3.48 -17.89
C LEU A 58 18.36 2.75 -17.20
N ASN A 59 18.64 2.10 -16.08
CA ASN A 59 17.62 1.37 -15.26
C ASN A 59 16.56 2.36 -14.78
N ILE A 60 16.98 3.53 -14.30
CA ILE A 60 16.06 4.57 -13.77
C ILE A 60 15.14 5.03 -14.91
N LEU A 61 15.67 5.30 -16.10
CA LEU A 61 14.86 5.75 -17.25
C LEU A 61 13.89 4.61 -17.63
N ALA A 62 14.36 3.36 -17.61
CA ALA A 62 13.56 2.18 -17.96
C ALA A 62 12.37 2.04 -16.99
N LEU A 63 12.62 2.24 -15.70
CA LEU A 63 11.58 2.26 -14.64
C LEU A 63 10.50 3.27 -15.01
N VAL A 64 10.91 4.47 -15.37
CA VAL A 64 9.97 5.57 -15.69
C VAL A 64 9.16 5.14 -16.91
N TYR A 65 9.82 4.65 -17.96
CA TYR A 65 9.16 4.23 -19.22
C TYR A 65 8.19 3.09 -18.90
N ARG A 66 8.55 2.20 -17.98
CA ARG A 66 7.70 1.05 -17.58
C ARG A 66 6.37 1.58 -17.03
N ASP A 67 6.41 2.63 -16.20
CA ASP A 67 5.19 3.17 -15.57
C ASP A 67 4.34 3.93 -16.60
N GLN A 68 4.96 4.40 -17.69
CA GLN A 68 4.26 5.10 -18.81
C GLN A 68 3.78 4.07 -19.84
N ASN A 69 4.02 2.77 -19.60
CA ASN A 69 3.64 1.66 -20.52
C ASN A 69 4.38 1.78 -21.86
N LYS A 70 5.57 2.39 -21.86
CA LYS A 70 6.48 2.46 -23.03
C LYS A 70 7.43 1.27 -22.93
N TYR A 71 6.88 0.06 -23.09
CA TYR A 71 7.56 -1.22 -22.84
C TYR A 71 8.70 -1.39 -23.85
N LYS A 72 8.49 -1.02 -25.12
CA LYS A 72 9.51 -1.17 -26.20
C LYS A 72 10.75 -0.37 -25.82
N ASP A 73 10.55 0.90 -25.45
CA ASP A 73 11.64 1.86 -25.11
C ASP A 73 12.33 1.39 -23.84
N ALA A 74 11.58 0.96 -22.82
CA ALA A 74 12.13 0.42 -21.56
C ALA A 74 13.04 -0.77 -21.87
N ALA A 75 12.59 -1.67 -22.74
CA ALA A 75 13.32 -2.88 -23.14
C ALA A 75 14.65 -2.49 -23.80
N ASN A 76 14.65 -1.49 -24.69
CA ASN A 76 15.88 -1.01 -25.36
C ASN A 76 16.92 -0.62 -24.30
N LEU A 77 16.53 0.21 -23.33
CA LEU A 77 17.45 0.72 -22.28
C LEU A 77 17.98 -0.45 -21.44
N LEU A 78 17.12 -1.43 -21.11
CA LEU A 78 17.51 -2.58 -20.25
C LEU A 78 18.41 -3.54 -21.04
N ASN A 79 18.19 -3.72 -22.34
CA ASN A 79 19.11 -4.49 -23.23
C ASN A 79 20.50 -3.87 -23.16
N ASP A 80 20.59 -2.54 -23.24
CA ASP A 80 21.85 -1.78 -23.18
C ASP A 80 22.49 -1.99 -21.81
N ALA A 81 21.71 -1.83 -20.74
CA ALA A 81 22.14 -1.99 -19.33
C ALA A 81 22.62 -3.42 -19.07
N LEU A 82 21.91 -4.41 -19.61
CA LEU A 82 22.26 -5.86 -19.45
C LEU A 82 23.66 -6.10 -20.02
N ALA A 83 23.92 -5.66 -21.25
CA ALA A 83 25.23 -5.77 -21.94
C ALA A 83 26.33 -5.24 -21.03
N ILE A 84 26.12 -4.06 -20.45
CA ILE A 84 27.13 -3.35 -19.61
C ILE A 84 27.38 -4.18 -18.34
N ARG A 85 26.32 -4.72 -17.73
CA ARG A 85 26.41 -5.41 -16.42
C ARG A 85 27.07 -6.78 -16.62
N GLU A 86 26.73 -7.50 -17.69
CA GLU A 86 27.33 -8.80 -18.07
C GLU A 86 28.86 -8.61 -18.13
N LYS A 87 29.29 -7.56 -18.83
CA LYS A 87 30.71 -7.27 -19.16
C LYS A 87 31.47 -6.76 -17.93
N THR A 88 30.80 -6.09 -16.98
CA THR A 88 31.46 -5.48 -15.79
C THR A 88 31.37 -6.40 -14.58
N LEU A 89 30.21 -7.01 -14.30
CA LEU A 89 29.92 -7.74 -13.03
C LEU A 89 29.96 -9.26 -13.24
N GLY A 90 29.90 -9.74 -14.48
CA GLY A 90 29.93 -11.18 -14.80
C GLY A 90 28.53 -11.72 -15.09
N ARG A 91 28.45 -12.83 -15.82
CA ARG A 91 27.18 -13.37 -16.38
C ARG A 91 26.30 -14.04 -15.31
N ASP A 92 26.81 -14.25 -14.09
CA ASP A 92 26.08 -14.98 -13.01
C ASP A 92 25.83 -14.09 -11.80
N HIS A 93 25.92 -12.77 -11.97
CA HIS A 93 25.78 -11.78 -10.87
C HIS A 93 24.30 -11.51 -10.62
N PRO A 94 23.87 -11.41 -9.34
CA PRO A 94 22.48 -11.10 -8.99
C PRO A 94 21.83 -9.95 -9.77
N ALA A 95 22.55 -8.86 -10.00
CA ALA A 95 22.09 -7.67 -10.76
C ALA A 95 21.73 -8.07 -12.20
N VAL A 96 22.42 -9.08 -12.75
CA VAL A 96 22.15 -9.57 -14.13
C VAL A 96 20.82 -10.34 -14.12
N ALA A 97 20.56 -11.13 -13.07
CA ALA A 97 19.32 -11.92 -12.92
C ALA A 97 18.12 -10.98 -12.86
N ALA A 98 18.23 -9.90 -12.09
CA ALA A 98 17.19 -8.86 -11.95
C ALA A 98 16.90 -8.25 -13.32
N THR A 99 17.92 -7.86 -14.06
CA THR A 99 17.78 -7.21 -15.40
C THR A 99 17.10 -8.20 -16.35
N LEU A 100 17.53 -9.46 -16.34
CA LEU A 100 16.95 -10.53 -17.19
C LEU A 100 15.45 -10.67 -16.90
N ASN A 101 15.11 -10.75 -15.61
CA ASN A 101 13.69 -10.90 -15.16
C ASN A 101 12.89 -9.73 -15.71
N ASN A 102 13.39 -8.52 -15.52
CA ASN A 102 12.65 -7.28 -15.86
C ASN A 102 12.48 -7.18 -17.38
N LEU A 103 13.51 -7.55 -18.15
CA LEU A 103 13.43 -7.63 -19.63
C LEU A 103 12.33 -8.61 -20.02
N ALA A 104 12.28 -9.78 -19.38
CA ALA A 104 11.31 -10.86 -19.66
C ALA A 104 9.90 -10.32 -19.42
N VAL A 105 9.70 -9.59 -18.33
CA VAL A 105 8.38 -8.99 -18.00
C VAL A 105 8.05 -7.97 -19.08
N LEU A 106 8.98 -7.11 -19.46
CA LEU A 106 8.76 -6.07 -20.51
C LEU A 106 8.33 -6.74 -21.81
N TYR A 107 9.03 -7.79 -22.24
CA TYR A 107 8.67 -8.57 -23.46
C TYR A 107 7.29 -9.18 -23.24
N GLY A 108 7.07 -9.77 -22.07
CA GLY A 108 5.78 -10.35 -21.69
C GLY A 108 4.62 -9.35 -21.80
N LYS A 109 4.81 -8.12 -21.34
CA LYS A 109 3.74 -7.08 -21.35
C LYS A 109 3.38 -6.73 -22.80
N ARG A 110 4.34 -6.86 -23.71
CA ARG A 110 4.21 -6.57 -25.15
C ARG A 110 3.70 -7.81 -25.89
N GLY A 111 3.45 -8.92 -25.22
CA GLY A 111 2.97 -10.15 -25.88
C GLY A 111 4.06 -10.88 -26.65
N LYS A 112 5.33 -10.52 -26.52
CA LYS A 112 6.49 -11.24 -27.14
C LYS A 112 6.94 -12.35 -26.18
N TYR A 113 6.16 -13.42 -26.04
CA TYR A 113 6.38 -14.49 -25.01
C TYR A 113 7.50 -15.44 -25.46
N LYS A 114 7.65 -15.66 -26.76
CA LYS A 114 8.72 -16.53 -27.33
C LYS A 114 10.06 -15.93 -26.95
N GLU A 115 10.19 -14.61 -27.03
CA GLU A 115 11.43 -13.86 -26.73
C GLU A 115 11.65 -13.78 -25.21
N ALA A 116 10.57 -13.73 -24.43
CA ALA A 116 10.61 -13.56 -22.95
C ALA A 116 11.06 -14.83 -22.25
N GLU A 117 10.55 -15.99 -22.67
CA GLU A 117 10.76 -17.27 -21.93
C GLU A 117 12.25 -17.54 -21.72
N PRO A 118 13.15 -17.52 -22.74
CA PRO A 118 14.57 -17.82 -22.51
C PRO A 118 15.27 -16.90 -21.49
N LEU A 119 14.91 -15.61 -21.48
CA LEU A 119 15.45 -14.60 -20.52
C LEU A 119 15.03 -14.94 -19.10
N CYS A 120 13.76 -15.27 -18.89
CA CYS A 120 13.18 -15.67 -17.57
C CYS A 120 13.89 -16.95 -17.11
N LYS A 121 14.12 -17.91 -18.02
CA LYS A 121 14.78 -19.21 -17.73
C LYS A 121 16.23 -18.95 -17.31
N ARG A 122 16.93 -18.04 -17.98
CA ARG A 122 18.34 -17.71 -17.66
C ARG A 122 18.40 -17.12 -16.25
N ALA A 123 17.46 -16.23 -15.92
CA ALA A 123 17.36 -15.61 -14.57
C ALA A 123 17.19 -16.71 -13.52
N LEU A 124 16.30 -17.67 -13.81
CA LEU A 124 16.00 -18.81 -12.91
C LEU A 124 17.28 -19.61 -12.67
N GLU A 125 18.00 -19.96 -13.74
CA GLU A 125 19.28 -20.72 -13.68
C GLU A 125 20.24 -20.01 -12.73
N ILE A 126 20.38 -18.70 -12.88
CA ILE A 126 21.32 -17.88 -12.07
C ILE A 126 20.89 -17.93 -10.61
N ARG A 127 19.61 -17.72 -10.33
CA ARG A 127 19.09 -17.72 -8.93
C ARG A 127 19.28 -19.09 -8.30
N GLU A 128 19.01 -20.18 -9.02
CA GLU A 128 19.18 -21.58 -8.52
C GLU A 128 20.66 -21.78 -8.15
N LYS A 129 21.57 -21.37 -9.03
CA LYS A 129 23.05 -21.52 -8.86
C LYS A 129 23.52 -20.80 -7.59
N VAL A 130 23.01 -19.59 -7.32
CA VAL A 130 23.48 -18.72 -6.21
C VAL A 130 22.72 -19.08 -4.92
N LEU A 131 21.39 -19.20 -4.96
CA LEU A 131 20.54 -19.33 -3.74
C LEU A 131 20.19 -20.80 -3.43
N GLY A 132 20.26 -21.69 -4.43
CA GLY A 132 19.80 -23.09 -4.28
C GLY A 132 18.44 -23.27 -4.94
N LYS A 133 18.06 -24.53 -5.22
CA LYS A 133 16.85 -24.84 -6.02
C LYS A 133 15.57 -24.73 -5.20
N ASP A 134 15.67 -24.53 -3.87
CA ASP A 134 14.49 -24.52 -2.96
C ASP A 134 14.41 -23.18 -2.21
N HIS A 135 14.90 -22.10 -2.81
CA HIS A 135 14.91 -20.75 -2.20
C HIS A 135 13.66 -19.99 -2.63
N PRO A 136 13.02 -19.23 -1.73
CA PRO A 136 11.79 -18.50 -2.09
C PRO A 136 11.95 -17.59 -3.32
N ASP A 137 13.13 -17.00 -3.54
CA ASP A 137 13.40 -16.16 -4.73
C ASP A 137 13.31 -17.00 -6.02
N VAL A 138 13.54 -18.31 -5.93
CA VAL A 138 13.41 -19.22 -7.09
C VAL A 138 11.93 -19.46 -7.38
N ALA A 139 11.13 -19.58 -6.32
CA ALA A 139 9.65 -19.71 -6.39
C ALA A 139 9.05 -18.46 -7.03
N LYS A 140 9.55 -17.27 -6.68
CA LYS A 140 9.05 -16.01 -7.24
C LYS A 140 9.34 -15.98 -8.74
N GLN A 141 10.54 -16.39 -9.14
CA GLN A 141 10.93 -16.43 -10.58
C GLN A 141 10.06 -17.44 -11.31
N LEU A 142 9.72 -18.56 -10.68
CA LEU A 142 8.87 -19.62 -11.31
C LEU A 142 7.47 -19.07 -11.60
N ASN A 143 6.92 -18.21 -10.73
CA ASN A 143 5.62 -17.53 -10.99
C ASN A 143 5.69 -16.79 -12.33
N ASN A 144 6.72 -15.98 -12.54
CA ASN A 144 6.86 -15.22 -13.80
C ASN A 144 6.99 -16.18 -15.00
N LEU A 145 7.81 -17.22 -14.87
CA LEU A 145 7.98 -18.22 -15.94
C LEU A 145 6.63 -18.87 -16.25
N ALA A 146 5.89 -19.26 -15.21
CA ALA A 146 4.56 -19.89 -15.33
C ALA A 146 3.64 -18.99 -16.15
N LEU A 147 3.65 -17.69 -15.89
CA LEU A 147 2.78 -16.69 -16.56
C LEU A 147 3.16 -16.59 -18.03
N LEU A 148 4.45 -16.58 -18.36
CA LEU A 148 4.92 -16.50 -19.76
C LEU A 148 4.48 -17.75 -20.51
N CYS A 149 4.59 -18.92 -19.89
CA CYS A 149 4.19 -20.23 -20.48
C CYS A 149 2.67 -20.29 -20.61
N GLN A 150 1.93 -19.76 -19.64
CA GLN A 150 0.45 -19.72 -19.62
C GLN A 150 -0.06 -19.02 -20.89
N ASN A 151 0.55 -17.91 -21.27
CA ASN A 151 0.15 -17.12 -22.46
C ASN A 151 0.59 -17.81 -23.77
N GLN A 152 1.47 -18.81 -23.71
CA GLN A 152 1.85 -19.65 -24.88
C GLN A 152 0.95 -20.90 -24.94
N GLY A 153 0.07 -21.11 -23.96
CA GLY A 153 -0.85 -22.25 -23.93
C GLY A 153 -0.21 -23.55 -23.45
N LYS A 154 0.98 -23.48 -22.83
CA LYS A 154 1.75 -24.67 -22.36
C LYS A 154 1.33 -25.04 -20.95
N TYR A 155 0.08 -25.46 -20.77
CA TYR A 155 -0.56 -25.62 -19.44
C TYR A 155 0.14 -26.69 -18.60
N GLU A 156 0.70 -27.73 -19.21
CA GLU A 156 1.38 -28.81 -18.48
C GLU A 156 2.58 -28.21 -17.76
N GLU A 157 3.40 -27.43 -18.44
CA GLU A 157 4.56 -26.71 -17.86
C GLU A 157 4.07 -25.74 -16.77
N VAL A 158 3.01 -24.99 -17.05
CA VAL A 158 2.48 -23.93 -16.14
C VAL A 158 2.14 -24.56 -14.79
N GLU A 159 1.38 -25.67 -14.81
CA GLU A 159 0.92 -26.35 -13.57
C GLU A 159 2.14 -26.83 -12.78
N TYR A 160 3.17 -27.36 -13.46
CA TYR A 160 4.38 -27.89 -12.79
C TYR A 160 5.11 -26.75 -12.06
N TYR A 161 5.34 -25.64 -12.74
CA TYR A 161 6.11 -24.48 -12.18
C TYR A 161 5.38 -23.91 -10.97
N TYR A 162 4.06 -23.72 -11.06
CA TYR A 162 3.25 -23.21 -9.92
C TYR A 162 3.34 -24.19 -8.75
N GLN A 163 3.19 -25.49 -8.99
CA GLN A 163 3.20 -26.51 -7.92
C GLN A 163 4.58 -26.49 -7.27
N ARG A 164 5.65 -26.34 -8.07
CA ARG A 164 7.03 -26.28 -7.55
C ARG A 164 7.17 -25.07 -6.64
N ALA A 165 6.75 -23.91 -7.12
CA ALA A 165 6.80 -22.63 -6.39
C ALA A 165 5.99 -22.73 -5.10
N LEU A 166 4.79 -23.27 -5.19
CA LEU A 166 3.87 -23.45 -4.04
C LEU A 166 4.58 -24.29 -2.96
N GLY A 167 5.25 -25.37 -3.36
CA GLY A 167 5.98 -26.26 -2.44
C GLY A 167 7.10 -25.52 -1.72
N ILE A 168 7.87 -24.73 -2.47
CA ILE A 168 9.00 -23.95 -1.90
C ILE A 168 8.44 -23.01 -0.83
N TYR A 169 7.44 -22.21 -1.19
CA TYR A 169 6.84 -21.21 -0.27
C TYR A 169 6.32 -21.90 0.99
N GLN A 170 5.57 -22.99 0.85
CA GLN A 170 4.86 -23.64 1.98
C GLN A 170 5.89 -24.29 2.91
N THR A 171 6.98 -24.87 2.39
CA THR A 171 8.02 -25.52 3.23
C THR A 171 8.89 -24.43 3.86
N LYS A 172 9.36 -23.44 3.09
CA LYS A 172 10.37 -22.45 3.55
C LYS A 172 9.72 -21.34 4.38
N LEU A 173 8.62 -20.75 3.91
CA LEU A 173 7.85 -19.70 4.63
C LEU A 173 6.61 -20.36 5.24
N GLY A 174 5.83 -19.64 6.04
CA GLY A 174 4.58 -20.20 6.59
C GLY A 174 3.61 -20.64 5.49
N PRO A 175 2.65 -21.56 5.76
CA PRO A 175 1.42 -21.64 4.97
C PRO A 175 0.55 -20.37 5.03
N ASP A 176 0.79 -19.47 5.99
CA ASP A 176 0.11 -18.17 6.14
C ASP A 176 0.88 -17.03 5.46
N ASP A 177 1.90 -17.31 4.63
CA ASP A 177 2.67 -16.25 3.93
C ASP A 177 1.84 -15.69 2.77
N PRO A 178 1.92 -14.36 2.50
CA PRO A 178 1.19 -13.76 1.39
C PRO A 178 1.55 -14.39 0.02
N ASN A 179 2.79 -14.81 -0.16
CA ASN A 179 3.27 -15.44 -1.42
C ASN A 179 2.46 -16.72 -1.71
N VAL A 180 1.96 -17.39 -0.67
CA VAL A 180 1.22 -18.67 -0.83
C VAL A 180 -0.14 -18.36 -1.45
N ALA A 181 -0.88 -17.43 -0.89
CA ALA A 181 -2.23 -17.06 -1.37
C ALA A 181 -2.11 -16.54 -2.81
N LYS A 182 -1.11 -15.68 -3.08
CA LYS A 182 -0.91 -15.10 -4.44
C LYS A 182 -0.67 -16.23 -5.43
N THR A 183 0.18 -17.20 -5.09
CA THR A 183 0.59 -18.31 -6.00
C THR A 183 -0.63 -19.20 -6.25
N LYS A 184 -1.43 -19.45 -5.22
CA LYS A 184 -2.65 -20.28 -5.33
C LYS A 184 -3.63 -19.59 -6.29
N ASN A 185 -3.73 -18.27 -6.21
CA ASN A 185 -4.60 -17.49 -7.13
C ASN A 185 -4.09 -17.63 -8.56
N ASN A 186 -2.79 -17.50 -8.78
CA ASN A 186 -2.17 -17.54 -10.13
C ASN A 186 -2.49 -18.90 -10.75
N LEU A 187 -2.36 -19.97 -9.96
CA LEU A 187 -2.66 -21.35 -10.39
C LEU A 187 -4.15 -21.49 -10.68
N ALA A 188 -5.02 -20.94 -9.85
CA ALA A 188 -6.49 -20.98 -10.05
C ALA A 188 -6.83 -20.35 -11.39
N SER A 189 -6.18 -19.23 -11.74
CA SER A 189 -6.35 -18.53 -13.05
C SER A 189 -6.00 -19.49 -14.18
N CYS A 190 -4.89 -20.22 -14.06
CA CYS A 190 -4.43 -21.23 -15.04
C CYS A 190 -5.55 -22.28 -15.21
N TYR A 191 -6.12 -22.77 -14.12
CA TYR A 191 -7.23 -23.76 -14.13
C TYR A 191 -8.46 -23.17 -14.82
N LEU A 192 -8.77 -21.90 -14.59
CA LEU A 192 -9.95 -21.21 -15.19
C LEU A 192 -9.79 -21.18 -16.72
N LYS A 193 -8.59 -20.88 -17.22
CA LYS A 193 -8.29 -20.80 -18.67
C LYS A 193 -8.43 -22.17 -19.32
N GLN A 194 -8.24 -23.26 -18.56
CA GLN A 194 -8.32 -24.65 -19.08
C GLN A 194 -9.73 -25.21 -18.95
N GLY A 195 -10.62 -24.51 -18.27
CA GLY A 195 -11.97 -25.01 -17.98
C GLY A 195 -12.00 -25.99 -16.81
N LYS A 196 -10.94 -26.03 -16.00
CA LYS A 196 -10.85 -26.91 -14.80
C LYS A 196 -11.44 -26.16 -13.59
N PHE A 197 -12.74 -25.89 -13.65
CA PHE A 197 -13.46 -25.01 -12.68
C PHE A 197 -13.45 -25.63 -11.28
N LYS A 198 -13.56 -26.95 -11.13
CA LYS A 198 -13.64 -27.59 -9.79
C LYS A 198 -12.28 -27.44 -9.08
N GLN A 199 -11.19 -27.59 -9.80
CA GLN A 199 -9.83 -27.44 -9.21
C GLN A 199 -9.65 -25.99 -8.75
N ALA A 200 -10.08 -25.02 -9.56
CA ALA A 200 -10.02 -23.57 -9.22
C ALA A 200 -10.88 -23.28 -7.98
N GLU A 201 -12.09 -23.85 -7.91
CA GLU A 201 -13.01 -23.68 -6.76
C GLU A 201 -12.28 -24.12 -5.47
N THR A 202 -11.57 -25.25 -5.54
CA THR A 202 -10.89 -25.85 -4.35
C THR A 202 -9.83 -24.88 -3.84
N LEU A 203 -9.01 -24.32 -4.73
CA LEU A 203 -7.92 -23.39 -4.37
C LEU A 203 -8.53 -22.14 -3.74
N TYR A 204 -9.62 -21.61 -4.31
CA TYR A 204 -10.28 -20.39 -3.79
C TYR A 204 -10.74 -20.67 -2.36
N LYS A 205 -11.30 -21.84 -2.09
CA LYS A 205 -11.80 -22.22 -0.75
C LYS A 205 -10.62 -22.36 0.22
N GLU A 206 -9.52 -23.00 -0.21
CA GLU A 206 -8.30 -23.15 0.61
C GLU A 206 -7.86 -21.76 1.05
N ILE A 207 -7.79 -20.81 0.11
CA ILE A 207 -7.34 -19.40 0.35
C ILE A 207 -8.23 -18.74 1.40
N LEU A 208 -9.55 -18.81 1.23
CA LEU A 208 -10.51 -18.12 2.14
C LEU A 208 -10.54 -18.81 3.49
N THR A 209 -10.46 -20.15 3.55
CA THR A 209 -10.46 -20.90 4.83
C THR A 209 -9.23 -20.47 5.65
N ARG A 210 -8.07 -20.45 5.02
CA ARG A 210 -6.80 -20.12 5.69
C ARG A 210 -6.84 -18.66 6.17
N ALA A 211 -7.34 -17.75 5.35
CA ALA A 211 -7.44 -16.31 5.64
C ALA A 211 -8.35 -16.11 6.83
N HIS A 212 -9.44 -16.88 6.90
CA HIS A 212 -10.43 -16.83 7.99
C HIS A 212 -9.77 -17.31 9.28
N GLU A 213 -9.07 -18.45 9.25
CA GLU A 213 -8.43 -19.06 10.43
C GLU A 213 -7.41 -18.06 11.01
N ARG A 214 -6.65 -17.40 10.17
CA ARG A 214 -5.61 -16.43 10.58
C ARG A 214 -6.26 -15.29 11.38
N GLU A 215 -7.43 -14.80 10.98
CA GLU A 215 -7.98 -13.51 11.49
C GLU A 215 -9.02 -13.77 12.56
N PHE A 216 -9.76 -14.86 12.52
CA PHE A 216 -10.93 -15.15 13.39
C PHE A 216 -10.78 -16.55 14.02
N GLY A 217 -9.65 -17.21 13.85
CA GLY A 217 -9.34 -18.42 14.64
C GLY A 217 -10.03 -19.64 14.06
N SER A 218 -10.02 -20.71 14.85
CA SER A 218 -10.35 -22.09 14.38
C SER A 218 -11.77 -22.09 13.82
N VAL A 219 -12.04 -23.00 12.89
CA VAL A 219 -13.37 -23.18 12.26
C VAL A 219 -14.20 -24.10 13.16
N ASP A 220 -15.46 -23.72 13.44
CA ASP A 220 -16.49 -24.56 14.10
C ASP A 220 -17.86 -24.14 13.55
N ASP A 221 -18.92 -24.73 14.06
CA ASP A 221 -20.33 -24.44 13.68
C ASP A 221 -20.61 -22.94 13.81
N GLU A 222 -20.14 -22.27 14.87
CA GLU A 222 -20.48 -20.85 15.17
C GLU A 222 -19.52 -19.90 14.42
N ASN A 223 -18.36 -20.38 13.96
CA ASN A 223 -17.31 -19.53 13.34
C ASN A 223 -16.80 -20.17 12.03
N LYS A 224 -17.39 -19.80 10.88
CA LYS A 224 -17.12 -20.42 9.57
C LYS A 224 -16.58 -19.40 8.58
N PRO A 225 -15.88 -19.82 7.51
CA PRO A 225 -15.48 -18.94 6.43
C PRO A 225 -16.68 -18.52 5.58
N ILE A 226 -16.55 -17.41 4.83
CA ILE A 226 -17.67 -16.78 4.08
C ILE A 226 -18.27 -17.83 3.12
N TRP A 227 -17.45 -18.66 2.48
CA TRP A 227 -17.97 -19.63 1.48
C TRP A 227 -18.87 -20.68 2.15
N MET A 228 -18.64 -21.03 3.40
CA MET A 228 -19.51 -21.97 4.15
C MET A 228 -20.86 -21.28 4.43
N HIS A 229 -20.85 -20.02 4.86
CA HIS A 229 -22.08 -19.20 5.02
C HIS A 229 -22.83 -19.14 3.69
N ALA A 230 -22.09 -18.97 2.59
CA ALA A 230 -22.67 -18.84 1.24
C ALA A 230 -23.41 -20.10 0.85
N GLU A 231 -22.79 -21.27 1.04
CA GLU A 231 -23.38 -22.56 0.62
C GLU A 231 -24.56 -22.90 1.52
N GLU A 232 -24.52 -22.51 2.81
CA GLU A 232 -25.67 -22.65 3.75
C GLU A 232 -26.86 -21.88 3.20
N ARG A 233 -26.63 -20.60 2.90
CA ARG A 233 -27.63 -19.66 2.35
C ARG A 233 -28.31 -20.30 1.13
N GLU A 234 -27.53 -20.97 0.28
CA GLU A 234 -28.03 -21.59 -0.97
C GLU A 234 -28.94 -22.77 -0.65
N GLU A 235 -28.58 -23.62 0.30
CA GLU A 235 -29.36 -24.85 0.64
C GLU A 235 -30.65 -24.47 1.36
N CYS A 236 -30.71 -23.27 1.95
CA CYS A 236 -31.78 -22.82 2.86
C CYS A 236 -32.48 -21.60 2.26
N LYS A 237 -32.65 -21.60 0.93
CA LYS A 237 -33.41 -20.53 0.23
C LYS A 237 -34.80 -20.43 0.86
N GLY A 238 -35.52 -21.57 0.95
CA GLY A 238 -36.84 -21.67 1.61
C GLY A 238 -36.74 -21.39 3.11
N LYS A 239 -35.75 -21.98 3.78
CA LYS A 239 -35.52 -21.89 5.24
C LYS A 239 -35.17 -20.45 5.65
N GLN A 240 -34.33 -19.72 4.89
CA GLN A 240 -33.86 -18.34 5.22
C GLN A 240 -35.07 -17.44 5.51
N LYS A 241 -35.03 -16.74 6.64
CA LYS A 241 -36.15 -15.93 7.16
C LYS A 241 -35.77 -14.45 7.15
N ASP A 242 -36.42 -13.62 6.31
CA ASP A 242 -36.31 -12.14 6.25
C ASP A 242 -37.27 -11.60 5.17
N TYR A 249 -20.34 -6.49 17.27
CA TYR A 249 -19.82 -7.27 16.11
C TYR A 249 -19.01 -6.31 15.21
N GLY A 250 -17.95 -5.76 15.81
CA GLY A 250 -17.07 -4.73 15.24
C GLY A 250 -15.65 -5.24 15.00
N GLY A 251 -15.34 -5.58 13.74
CA GLY A 251 -13.99 -5.93 13.26
C GLY A 251 -13.54 -4.97 12.18
N TRP A 252 -13.90 -3.69 12.31
CA TRP A 252 -13.55 -2.60 11.38
C TRP A 252 -12.03 -2.53 11.23
N TYR A 253 -11.26 -2.73 12.33
CA TYR A 253 -9.77 -2.66 12.32
C TYR A 253 -9.19 -3.77 11.44
N LYS A 254 -9.88 -4.92 11.35
CA LYS A 254 -9.44 -6.14 10.62
C LYS A 254 -9.52 -5.93 9.10
N ALA A 255 -10.44 -5.07 8.65
CA ALA A 255 -10.76 -4.79 7.24
C ALA A 255 -9.47 -4.48 6.47
N CYS A 256 -8.66 -3.52 6.93
CA CYS A 256 -7.46 -3.01 6.21
C CYS A 256 -6.47 -4.16 5.93
N LYS A 257 -6.21 -4.98 6.95
CA LYS A 257 -5.25 -6.12 6.86
C LYS A 257 -5.86 -7.24 6.02
N VAL A 258 -7.16 -7.57 6.27
CA VAL A 258 -7.89 -8.72 5.63
C VAL A 258 -8.57 -8.25 4.33
N ASP A 259 -8.34 -7.01 3.89
CA ASP A 259 -8.92 -6.47 2.63
C ASP A 259 -7.84 -6.50 1.55
N SER A 260 -7.00 -7.54 1.60
CA SER A 260 -5.94 -7.92 0.63
C SER A 260 -6.54 -7.97 -0.77
N PRO A 261 -5.81 -7.47 -1.80
CA PRO A 261 -6.29 -7.52 -3.17
C PRO A 261 -6.52 -8.95 -3.67
N THR A 262 -5.67 -9.90 -3.23
CA THR A 262 -5.75 -11.33 -3.67
C THR A 262 -7.03 -11.94 -3.09
N VAL A 263 -7.38 -11.59 -1.85
CA VAL A 263 -8.64 -12.05 -1.21
C VAL A 263 -9.83 -11.51 -1.99
N THR A 264 -9.80 -10.24 -2.42
CA THR A 264 -10.93 -9.64 -3.16
C THR A 264 -11.11 -10.39 -4.47
N THR A 265 -10.00 -10.68 -5.18
CA THR A 265 -10.02 -11.46 -6.44
C THR A 265 -10.63 -12.83 -6.20
N THR A 266 -10.25 -13.51 -5.11
CA THR A 266 -10.76 -14.87 -4.80
C THR A 266 -12.25 -14.78 -4.53
N LEU A 267 -12.70 -13.78 -3.81
CA LEU A 267 -14.15 -13.62 -3.52
C LEU A 267 -14.92 -13.48 -4.84
N LYS A 268 -14.45 -12.60 -5.72
CA LYS A 268 -15.12 -12.30 -7.00
C LYS A 268 -15.17 -13.57 -7.86
N ASN A 269 -14.03 -14.26 -8.00
CA ASN A 269 -13.88 -15.42 -8.89
C ASN A 269 -14.69 -16.59 -8.34
N LEU A 270 -14.65 -16.85 -7.04
CA LEU A 270 -15.47 -17.95 -6.45
C LEU A 270 -16.94 -17.59 -6.63
N GLY A 271 -17.31 -16.33 -6.40
CA GLY A 271 -18.68 -15.83 -6.67
C GLY A 271 -19.11 -16.11 -8.10
N ALA A 272 -18.24 -15.87 -9.07
CA ALA A 272 -18.50 -16.14 -10.50
C ALA A 272 -18.72 -17.65 -10.71
N LEU A 273 -17.89 -18.48 -10.09
CA LEU A 273 -18.02 -19.96 -10.19
C LEU A 273 -19.37 -20.40 -9.60
N TYR A 274 -19.83 -19.81 -8.50
CA TYR A 274 -21.14 -20.15 -7.89
C TYR A 274 -22.25 -19.77 -8.85
N ARG A 275 -22.14 -18.61 -9.50
CA ARG A 275 -23.16 -18.08 -10.45
C ARG A 275 -23.25 -19.07 -11.63
N ARG A 276 -22.11 -19.52 -12.14
CA ARG A 276 -22.02 -20.49 -13.26
C ARG A 276 -22.73 -21.81 -12.91
N GLN A 277 -22.73 -22.22 -11.63
CA GLN A 277 -23.42 -23.45 -11.13
C GLN A 277 -24.90 -23.16 -10.83
N GLY A 278 -25.35 -21.92 -11.04
CA GLY A 278 -26.74 -21.54 -10.75
C GLY A 278 -27.01 -21.30 -9.27
N LYS A 279 -25.97 -21.20 -8.44
CA LYS A 279 -26.08 -20.92 -6.99
C LYS A 279 -25.98 -19.41 -6.79
N PHE A 280 -27.05 -18.69 -7.11
CA PHE A 280 -27.09 -17.20 -7.20
C PHE A 280 -27.02 -16.59 -5.80
N GLU A 281 -27.57 -17.26 -4.78
CA GLU A 281 -27.54 -16.77 -3.37
C GLU A 281 -26.12 -16.92 -2.82
N ALA A 282 -25.41 -17.99 -3.15
CA ALA A 282 -23.99 -18.16 -2.76
C ALA A 282 -23.15 -17.05 -3.39
N ALA A 283 -23.35 -16.77 -4.66
CA ALA A 283 -22.62 -15.74 -5.43
C ALA A 283 -22.87 -14.36 -4.78
N GLU A 284 -24.11 -14.09 -4.39
CA GLU A 284 -24.51 -12.79 -3.78
C GLU A 284 -23.70 -12.59 -2.50
N THR A 285 -23.53 -13.63 -1.69
CA THR A 285 -22.84 -13.57 -0.39
C THR A 285 -21.39 -13.17 -0.61
N LEU A 286 -20.72 -13.81 -1.59
CA LEU A 286 -19.28 -13.58 -1.83
C LEU A 286 -19.10 -12.22 -2.48
N GLU A 287 -20.01 -11.82 -3.36
CA GLU A 287 -19.89 -10.55 -4.11
C GLU A 287 -20.17 -9.38 -3.17
N GLU A 288 -21.09 -9.53 -2.21
CA GLU A 288 -21.37 -8.53 -1.14
C GLU A 288 -20.09 -8.29 -0.31
N ALA A 289 -19.37 -9.36 0.02
CA ALA A 289 -18.08 -9.30 0.74
C ALA A 289 -17.03 -8.56 -0.10
N ALA A 290 -16.98 -8.81 -1.40
CA ALA A 290 -16.04 -8.18 -2.34
C ALA A 290 -16.28 -6.67 -2.39
N MET A 291 -17.55 -6.24 -2.36
CA MET A 291 -17.92 -4.78 -2.39
C MET A 291 -17.34 -4.09 -1.16
N ARG A 292 -17.43 -4.74 0.00
CA ARG A 292 -17.03 -4.19 1.31
C ARG A 292 -15.49 -4.23 1.43
N SER A 293 -14.80 -5.06 0.67
CA SER A 293 -13.33 -5.20 0.67
C SER A 293 -12.69 -4.02 -0.09
N ARG A 294 -13.35 -3.49 -1.12
CA ARG A 294 -12.68 -2.57 -2.09
C ARG A 294 -12.47 -1.20 -1.45
N THR A 328 -19.76 -16.17 -18.63
CA THR A 328 -19.05 -16.22 -17.32
C THR A 328 -17.80 -15.32 -17.37
N VAL A 329 -17.78 -14.18 -16.66
CA VAL A 329 -16.63 -13.22 -16.65
C VAL A 329 -15.92 -13.33 -15.30
N PHE A 330 -14.60 -13.51 -15.37
CA PHE A 330 -13.66 -13.67 -14.26
C PHE A 330 -12.61 -12.56 -14.30
N THR A 331 -12.03 -12.25 -13.14
CA THR A 331 -10.87 -11.34 -12.99
C THR A 331 -9.60 -12.17 -13.16
N THR A 332 -8.94 -12.13 -14.32
CA THR A 332 -7.72 -12.92 -14.60
C THR A 332 -6.65 -11.99 -15.16
N GLU A 333 -6.08 -11.15 -14.30
CA GLU A 333 -5.07 -10.14 -14.71
C GLU A 333 -3.68 -10.72 -14.50
N ASP A 334 -2.83 -10.73 -15.53
CA ASP A 334 -1.42 -11.21 -15.44
C ASP A 334 -0.66 -10.28 -14.49
N ILE A 335 -0.18 -10.79 -13.36
CA ILE A 335 0.59 -9.97 -12.38
C ILE A 335 2.01 -10.51 -12.38
N TYR A 336 2.89 -9.84 -13.12
CA TYR A 336 4.33 -10.17 -13.17
C TYR A 336 5.00 -9.55 -11.95
N GLU A 337 5.94 -10.27 -11.35
CA GLU A 337 6.77 -9.74 -10.25
C GLU A 337 7.96 -9.03 -10.89
N TRP A 338 8.23 -7.79 -10.48
CA TRP A 338 9.38 -6.99 -10.94
C TRP A 338 10.50 -7.06 -9.91
N ASP A 339 11.75 -7.23 -10.32
CA ASP A 339 12.91 -7.22 -9.40
C ASP A 339 13.42 -5.80 -9.20
N ASP A 340 13.19 -5.21 -8.03
CA ASP A 340 13.50 -3.79 -7.74
C ASP A 340 14.99 -3.63 -7.41
N SER A 341 15.70 -4.72 -7.07
CA SER A 341 17.16 -4.71 -6.78
C SER A 341 17.94 -4.15 -7.97
N ALA A 342 17.52 -4.44 -9.20
CA ALA A 342 18.16 -4.02 -10.46
C ALA A 342 18.65 -2.57 -10.32
N GLU B 8 -45.81 -11.94 -5.56
CA GLU B 8 -44.51 -12.22 -6.26
C GLU B 8 -43.63 -10.97 -6.37
N ILE B 9 -44.02 -9.81 -5.83
CA ILE B 9 -43.11 -8.63 -5.78
C ILE B 9 -41.87 -8.95 -4.95
N PRO B 10 -41.93 -9.64 -3.79
CA PRO B 10 -40.75 -9.98 -3.02
C PRO B 10 -39.74 -10.86 -3.78
N ALA B 11 -40.21 -11.78 -4.65
CA ALA B 11 -39.30 -12.55 -5.55
C ALA B 11 -38.56 -11.59 -6.48
N ARG B 12 -39.25 -10.58 -6.99
CA ARG B 12 -38.68 -9.58 -7.91
C ARG B 12 -37.58 -8.84 -7.16
N LEU B 13 -37.84 -8.39 -5.95
CA LEU B 13 -36.86 -7.66 -5.10
C LEU B 13 -35.65 -8.55 -4.84
N ARG B 14 -35.86 -9.84 -4.56
CA ARG B 14 -34.78 -10.83 -4.32
C ARG B 14 -33.84 -10.80 -5.53
N THR B 15 -34.39 -10.92 -6.74
CA THR B 15 -33.62 -10.91 -8.00
C THR B 15 -32.97 -9.53 -8.22
N LEU B 16 -33.68 -8.44 -7.99
CA LEU B 16 -33.11 -7.08 -8.20
C LEU B 16 -31.92 -6.87 -7.26
N HIS B 17 -32.04 -7.24 -5.98
CA HIS B 17 -30.94 -7.08 -4.99
C HIS B 17 -29.74 -7.89 -5.50
N ASN B 18 -29.98 -9.11 -5.93
CA ASN B 18 -28.95 -10.05 -6.45
C ASN B 18 -28.22 -9.37 -7.61
N LEU B 19 -28.93 -8.79 -8.59
CA LEU B 19 -28.33 -8.12 -9.77
C LEU B 19 -27.55 -6.86 -9.34
N VAL B 20 -28.10 -6.05 -8.46
CA VAL B 20 -27.45 -4.79 -8.00
C VAL B 20 -26.08 -5.17 -7.44
N ILE B 21 -26.05 -6.13 -6.53
CA ILE B 21 -24.79 -6.65 -5.91
C ILE B 21 -23.86 -7.16 -7.01
N GLN B 22 -24.34 -8.00 -7.92
CA GLN B 22 -23.53 -8.57 -9.02
C GLN B 22 -22.81 -7.44 -9.76
N TYR B 23 -23.52 -6.41 -10.19
CA TYR B 23 -22.99 -5.39 -11.12
C TYR B 23 -22.21 -4.33 -10.34
N ALA B 24 -22.54 -4.09 -9.08
CA ALA B 24 -21.75 -3.16 -8.23
C ALA B 24 -20.41 -3.81 -7.90
N SER B 25 -20.33 -5.12 -7.64
CA SER B 25 -19.06 -5.83 -7.35
C SER B 25 -18.13 -5.70 -8.55
N GLN B 26 -18.65 -5.64 -9.76
CA GLN B 26 -17.88 -5.64 -11.03
C GLN B 26 -17.55 -4.20 -11.45
N GLY B 27 -18.03 -3.21 -10.70
CA GLY B 27 -17.80 -1.78 -10.99
C GLY B 27 -18.57 -1.31 -12.19
N ARG B 28 -19.59 -2.08 -12.62
CA ARG B 28 -20.47 -1.76 -13.76
C ARG B 28 -21.64 -0.91 -13.27
N TYR B 29 -21.36 0.35 -12.95
CA TYR B 29 -22.30 1.30 -12.31
C TYR B 29 -23.40 1.73 -13.31
N GLU B 30 -23.13 1.68 -14.61
CA GLU B 30 -24.11 2.02 -15.67
C GLU B 30 -25.30 1.07 -15.58
N VAL B 31 -25.12 -0.10 -14.96
CA VAL B 31 -26.19 -1.12 -14.75
C VAL B 31 -26.69 -1.05 -13.32
N ALA B 32 -25.78 -0.97 -12.35
CA ALA B 32 -26.12 -1.07 -10.92
C ALA B 32 -27.02 0.11 -10.50
N VAL B 33 -26.68 1.34 -10.90
CA VAL B 33 -27.45 2.55 -10.45
C VAL B 33 -28.91 2.43 -10.86
N PRO B 34 -29.27 2.22 -12.15
CA PRO B 34 -30.67 2.07 -12.54
C PRO B 34 -31.40 0.96 -11.77
N LEU B 35 -30.80 -0.21 -11.64
CA LEU B 35 -31.44 -1.37 -10.94
C LEU B 35 -31.65 -1.04 -9.46
N CYS B 36 -30.70 -0.33 -8.88
CA CYS B 36 -30.75 0.13 -7.48
C CYS B 36 -31.96 1.07 -7.27
N LYS B 37 -32.12 2.04 -8.17
CA LYS B 37 -33.26 3.00 -8.15
C LYS B 37 -34.56 2.24 -8.32
N GLN B 38 -34.58 1.24 -9.20
CA GLN B 38 -35.75 0.38 -9.45
C GLN B 38 -36.11 -0.38 -8.17
N ALA B 39 -35.14 -0.95 -7.49
CA ALA B 39 -35.31 -1.68 -6.22
C ALA B 39 -35.90 -0.74 -5.15
N LEU B 40 -35.41 0.51 -5.09
CA LEU B 40 -35.92 1.52 -4.13
C LEU B 40 -37.39 1.82 -4.41
N GLU B 41 -37.73 2.02 -5.69
CA GLU B 41 -39.12 2.30 -6.15
C GLU B 41 -40.04 1.17 -5.69
N ASP B 42 -39.63 -0.10 -5.89
CA ASP B 42 -40.45 -1.31 -5.63
C ASP B 42 -40.49 -1.59 -4.12
N LEU B 43 -39.43 -1.23 -3.39
CA LEU B 43 -39.36 -1.41 -1.92
C LEU B 43 -40.36 -0.45 -1.24
N GLU B 44 -40.40 0.81 -1.67
CA GLU B 44 -41.27 1.85 -1.09
C GLU B 44 -42.75 1.48 -1.28
N LYS B 45 -43.12 0.86 -2.41
CA LYS B 45 -44.48 0.37 -2.69
C LYS B 45 -44.85 -0.73 -1.68
N THR B 46 -43.95 -1.67 -1.37
CA THR B 46 -44.27 -2.82 -0.48
C THR B 46 -44.20 -2.39 1.00
N SER B 47 -43.04 -1.92 1.45
CA SER B 47 -42.67 -1.78 2.88
C SER B 47 -42.67 -0.32 3.32
N GLY B 48 -42.96 0.64 2.43
CA GLY B 48 -42.92 2.08 2.74
C GLY B 48 -41.48 2.58 2.78
N HIS B 49 -41.29 3.86 3.07
CA HIS B 49 -39.97 4.55 3.07
C HIS B 49 -39.16 4.26 4.36
N ASP B 50 -39.80 3.86 5.46
CA ASP B 50 -39.15 3.82 6.80
C ASP B 50 -38.91 2.38 7.24
N HIS B 51 -38.29 1.60 6.36
CA HIS B 51 -37.96 0.17 6.50
C HIS B 51 -36.45 0.04 6.40
N PRO B 52 -35.79 -0.77 7.26
CA PRO B 52 -34.33 -0.88 7.23
C PRO B 52 -33.75 -1.29 5.86
N ASP B 53 -34.46 -2.11 5.09
CA ASP B 53 -34.03 -2.55 3.72
C ASP B 53 -33.94 -1.34 2.80
N VAL B 54 -34.77 -0.32 2.95
CA VAL B 54 -34.69 0.91 2.11
C VAL B 54 -33.39 1.64 2.44
N ALA B 55 -33.03 1.74 3.71
CA ALA B 55 -31.77 2.37 4.17
C ALA B 55 -30.56 1.59 3.64
N THR B 56 -30.63 0.26 3.56
CA THR B 56 -29.53 -0.59 3.03
C THR B 56 -29.33 -0.26 1.55
N MET B 57 -30.41 -0.23 0.76
CA MET B 57 -30.33 0.05 -0.69
C MET B 57 -29.79 1.46 -0.89
N LEU B 58 -30.17 2.41 -0.02
CA LEU B 58 -29.68 3.80 -0.08
C LEU B 58 -28.16 3.82 0.17
N ASN B 59 -27.68 3.03 1.13
CA ASN B 59 -26.23 2.91 1.46
C ASN B 59 -25.48 2.37 0.23
N ILE B 60 -26.03 1.36 -0.44
CA ILE B 60 -25.40 0.72 -1.64
C ILE B 60 -25.28 1.77 -2.74
N LEU B 61 -26.33 2.55 -2.99
CA LEU B 61 -26.30 3.60 -4.04
C LEU B 61 -25.27 4.67 -3.64
N ALA B 62 -25.21 5.01 -2.35
CA ALA B 62 -24.27 6.02 -1.81
C ALA B 62 -22.82 5.57 -2.06
N LEU B 63 -22.54 4.29 -1.82
CA LEU B 63 -21.22 3.67 -2.09
C LEU B 63 -20.85 3.88 -3.55
N VAL B 64 -21.79 3.59 -4.43
CA VAL B 64 -21.57 3.70 -5.90
C VAL B 64 -21.29 5.16 -6.22
N TYR B 65 -22.09 6.09 -5.71
CA TYR B 65 -21.93 7.55 -5.96
C TYR B 65 -20.58 7.99 -5.43
N ARG B 66 -20.15 7.44 -4.30
CA ARG B 66 -18.84 7.79 -3.68
C ARG B 66 -17.70 7.44 -4.66
N ASP B 67 -17.77 6.29 -5.34
CA ASP B 67 -16.74 5.84 -6.31
C ASP B 67 -16.76 6.72 -7.55
N GLN B 68 -17.91 7.31 -7.87
CA GLN B 68 -18.10 8.23 -9.03
C GLN B 68 -17.77 9.67 -8.62
N ASN B 69 -17.37 9.89 -7.36
CA ASN B 69 -17.01 11.21 -6.77
C ASN B 69 -18.22 12.16 -6.81
N LYS B 70 -19.43 11.60 -6.71
CA LYS B 70 -20.69 12.36 -6.56
C LYS B 70 -20.98 12.45 -5.06
N TYR B 71 -20.13 13.19 -4.34
CA TYR B 71 -20.17 13.26 -2.85
C TYR B 71 -21.48 13.92 -2.39
N LYS B 72 -21.95 14.95 -3.08
CA LYS B 72 -23.20 15.67 -2.69
C LYS B 72 -24.38 14.70 -2.72
N ASP B 73 -24.52 13.94 -3.81
CA ASP B 73 -25.60 12.95 -4.02
C ASP B 73 -25.48 11.83 -3.00
N ALA B 74 -24.28 11.31 -2.77
CA ALA B 74 -24.00 10.26 -1.76
C ALA B 74 -24.49 10.75 -0.38
N ALA B 75 -24.16 11.99 -0.03
CA ALA B 75 -24.51 12.61 1.27
C ALA B 75 -26.03 12.65 1.44
N ASN B 76 -26.75 13.05 0.39
CA ASN B 76 -28.24 13.11 0.41
C ASN B 76 -28.80 11.74 0.78
N LEU B 77 -28.37 10.69 0.11
CA LEU B 77 -28.85 9.31 0.32
C LEU B 77 -28.55 8.87 1.76
N LEU B 78 -27.37 9.19 2.28
CA LEU B 78 -26.94 8.77 3.65
C LEU B 78 -27.71 9.55 4.72
N ASN B 79 -27.99 10.83 4.48
CA ASN B 79 -28.88 11.64 5.36
C ASN B 79 -30.24 10.96 5.49
N ASP B 80 -30.80 10.54 4.36
CA ASP B 80 -32.11 9.84 4.29
C ASP B 80 -32.01 8.53 5.08
N ALA B 81 -30.97 7.74 4.80
CA ALA B 81 -30.71 6.43 5.43
C ALA B 81 -30.53 6.57 6.94
N LEU B 82 -29.83 7.61 7.40
CA LEU B 82 -29.56 7.85 8.83
C LEU B 82 -30.90 8.03 9.57
N ALA B 83 -31.76 8.92 9.06
CA ALA B 83 -33.10 9.20 9.63
C ALA B 83 -33.87 7.87 9.80
N ILE B 84 -33.86 7.04 8.75
CA ILE B 84 -34.61 5.76 8.73
C ILE B 84 -34.04 4.81 9.78
N ARG B 85 -32.72 4.74 9.90
CA ARG B 85 -32.03 3.73 10.77
C ARG B 85 -32.23 4.13 12.23
N GLU B 86 -32.13 5.43 12.54
CA GLU B 86 -32.38 5.97 13.90
C GLU B 86 -33.75 5.47 14.38
N LYS B 87 -34.76 5.67 13.54
CA LYS B 87 -36.19 5.41 13.83
C LYS B 87 -36.48 3.89 13.90
N THR B 88 -35.78 3.06 13.15
CA THR B 88 -36.07 1.61 13.02
C THR B 88 -35.17 0.78 13.94
N LEU B 89 -33.87 1.09 14.04
CA LEU B 89 -32.86 0.24 14.74
C LEU B 89 -32.46 0.85 16.09
N GLY B 90 -32.76 2.14 16.32
CA GLY B 90 -32.30 2.90 17.51
C GLY B 90 -31.06 3.74 17.21
N ARG B 91 -30.90 4.91 17.83
CA ARG B 91 -29.55 5.59 17.91
C ARG B 91 -28.72 4.65 18.80
N ASP B 92 -27.40 4.60 18.63
CA ASP B 92 -26.55 3.63 19.40
C ASP B 92 -26.59 2.26 18.71
N HIS B 93 -27.24 2.07 17.55
CA HIS B 93 -27.05 0.81 16.75
C HIS B 93 -25.81 0.92 15.89
N PRO B 94 -24.96 -0.15 15.80
CA PRO B 94 -23.75 -0.10 14.98
C PRO B 94 -23.92 0.40 13.54
N ALA B 95 -25.02 0.04 12.88
CA ALA B 95 -25.37 0.50 11.51
C ALA B 95 -25.50 2.03 11.48
N VAL B 96 -25.95 2.63 12.58
CA VAL B 96 -26.09 4.12 12.70
C VAL B 96 -24.68 4.73 12.79
N ALA B 97 -23.77 4.10 13.52
CA ALA B 97 -22.38 4.57 13.70
C ALA B 97 -21.68 4.60 12.33
N ALA B 98 -21.85 3.54 11.54
CA ALA B 98 -21.25 3.42 10.19
C ALA B 98 -21.77 4.55 9.30
N THR B 99 -23.08 4.78 9.30
CA THR B 99 -23.71 5.84 8.47
C THR B 99 -23.17 7.21 8.90
N LEU B 100 -23.08 7.46 10.21
CA LEU B 100 -22.58 8.73 10.76
C LEU B 100 -21.14 8.95 10.28
N ASN B 101 -20.31 7.92 10.39
CA ASN B 101 -18.87 7.99 10.00
C ASN B 101 -18.80 8.39 8.53
N ASN B 102 -19.56 7.70 7.69
CA ASN B 102 -19.48 7.84 6.21
C ASN B 102 -20.00 9.23 5.82
N LEU B 103 -21.06 9.71 6.48
CA LEU B 103 -21.56 11.10 6.27
C LEU B 103 -20.45 12.09 6.61
N ALA B 104 -19.77 11.88 7.73
CA ALA B 104 -18.71 12.77 8.25
C ALA B 104 -17.58 12.83 7.21
N VAL B 105 -17.22 11.69 6.64
CA VAL B 105 -16.16 11.62 5.61
C VAL B 105 -16.63 12.38 4.38
N LEU B 106 -17.88 12.16 3.94
CA LEU B 106 -18.44 12.83 2.73
C LEU B 106 -18.37 14.35 2.94
N TYR B 107 -18.81 14.84 4.09
CA TYR B 107 -18.76 16.29 4.42
C TYR B 107 -17.30 16.72 4.46
N GLY B 108 -16.44 15.92 5.10
CA GLY B 108 -14.99 16.18 5.18
C GLY B 108 -14.34 16.33 3.81
N LYS B 109 -14.71 15.49 2.83
CA LYS B 109 -14.12 15.52 1.46
C LYS B 109 -14.49 16.82 0.78
N ARG B 110 -15.65 17.38 1.12
CA ARG B 110 -16.22 18.64 0.57
C ARG B 110 -15.70 19.84 1.38
N GLY B 111 -14.87 19.64 2.40
CA GLY B 111 -14.37 20.75 3.23
C GLY B 111 -15.39 21.28 4.20
N LYS B 112 -16.55 20.64 4.39
CA LYS B 112 -17.59 21.04 5.39
C LYS B 112 -17.28 20.41 6.75
N TYR B 113 -16.23 20.87 7.42
CA TYR B 113 -15.65 20.26 8.65
C TYR B 113 -16.50 20.59 9.88
N LYS B 114 -17.09 21.78 9.93
CA LYS B 114 -17.95 22.22 11.07
C LYS B 114 -19.12 21.25 11.18
N GLU B 115 -19.70 20.87 10.03
CA GLU B 115 -20.87 19.97 9.94
C GLU B 115 -20.46 18.52 10.17
N ALA B 116 -19.23 18.15 9.79
CA ALA B 116 -18.70 16.77 9.89
C ALA B 116 -18.39 16.40 11.35
N GLU B 117 -17.76 17.30 12.11
CA GLU B 117 -17.24 17.00 13.48
C GLU B 117 -18.32 16.39 14.37
N PRO B 118 -19.53 17.00 14.56
CA PRO B 118 -20.52 16.44 15.49
C PRO B 118 -20.97 15.02 15.12
N LEU B 119 -21.07 14.71 13.83
CA LEU B 119 -21.48 13.37 13.31
C LEU B 119 -20.41 12.35 13.69
N CYS B 120 -19.14 12.68 13.44
CA CYS B 120 -17.98 11.80 13.77
C CYS B 120 -17.94 11.55 15.29
N LYS B 121 -18.18 12.58 16.10
CA LYS B 121 -18.20 12.51 17.58
C LYS B 121 -19.34 11.58 18.05
N ARG B 122 -20.51 11.69 17.43
CA ARG B 122 -21.67 10.84 17.80
CA ARG B 122 -21.68 10.85 17.80
C ARG B 122 -21.35 9.38 17.48
N ALA B 123 -20.70 9.12 16.36
CA ALA B 123 -20.30 7.75 15.94
C ALA B 123 -19.34 7.19 16.99
N LEU B 124 -18.39 8.01 17.44
CA LEU B 124 -17.39 7.63 18.48
C LEU B 124 -18.13 7.24 19.77
N GLU B 125 -19.06 8.08 20.24
CA GLU B 125 -19.90 7.82 21.44
C GLU B 125 -20.52 6.42 21.32
N ILE B 126 -21.13 6.14 20.17
CA ILE B 126 -21.87 4.87 19.92
C ILE B 126 -20.88 3.71 20.00
N ARG B 127 -19.74 3.81 19.32
CA ARG B 127 -18.72 2.72 19.27
C ARG B 127 -18.16 2.47 20.67
N GLU B 128 -17.87 3.51 21.46
CA GLU B 128 -17.37 3.37 22.85
C GLU B 128 -18.41 2.61 23.67
N LYS B 129 -19.68 3.00 23.57
CA LYS B 129 -20.81 2.39 24.32
C LYS B 129 -20.93 0.89 24.01
N VAL B 130 -20.80 0.49 22.75
CA VAL B 130 -21.02 -0.90 22.27
C VAL B 130 -19.75 -1.73 22.43
N LEU B 131 -18.59 -1.23 22.01
CA LEU B 131 -17.32 -2.04 21.95
C LEU B 131 -16.44 -1.80 23.19
N GLY B 132 -16.60 -0.68 23.90
CA GLY B 132 -15.69 -0.28 24.98
C GLY B 132 -14.74 0.80 24.53
N LYS B 133 -14.14 1.55 25.44
CA LYS B 133 -13.37 2.78 25.10
C LYS B 133 -11.97 2.43 24.58
N ASP B 134 -11.57 1.16 24.62
CA ASP B 134 -10.19 0.71 24.32
C ASP B 134 -10.20 -0.31 23.17
N HIS B 135 -11.22 -0.24 22.30
CA HIS B 135 -11.40 -1.19 21.17
C HIS B 135 -10.75 -0.61 19.93
N PRO B 136 -10.07 -1.43 19.11
CA PRO B 136 -9.40 -0.91 17.91
C PRO B 136 -10.32 -0.11 16.97
N ASP B 137 -11.60 -0.47 16.88
CA ASP B 137 -12.60 0.27 16.07
C ASP B 137 -12.80 1.68 16.62
N VAL B 138 -12.53 1.91 17.90
CA VAL B 138 -12.65 3.26 18.51
C VAL B 138 -11.43 4.08 18.08
N ALA B 139 -10.26 3.44 18.03
CA ALA B 139 -8.99 4.04 17.54
C ALA B 139 -9.16 4.47 16.07
N LYS B 140 -9.79 3.63 15.25
CA LYS B 140 -10.03 3.93 13.82
C LYS B 140 -10.93 5.16 13.71
N GLN B 141 -11.99 5.25 14.51
CA GLN B 141 -12.91 6.40 14.49
C GLN B 141 -12.15 7.65 14.94
N LEU B 142 -11.24 7.53 15.91
CA LEU B 142 -10.48 8.68 16.44
C LEU B 142 -9.59 9.26 15.34
N ASN B 143 -9.01 8.43 14.46
CA ASN B 143 -8.24 8.90 13.28
C ASN B 143 -9.09 9.85 12.45
N ASN B 144 -10.31 9.46 12.10
CA ASN B 144 -11.19 10.30 11.26
C ASN B 144 -11.50 11.60 12.00
N LEU B 145 -11.84 11.53 13.28
CA LEU B 145 -12.15 12.73 14.10
C LEU B 145 -10.93 13.65 14.11
N ALA B 146 -9.74 13.09 14.32
CA ALA B 146 -8.48 13.84 14.35
C ALA B 146 -8.29 14.61 13.05
N LEU B 147 -8.57 13.98 11.91
CA LEU B 147 -8.42 14.57 10.57
C LEU B 147 -9.39 15.75 10.40
N LEU B 148 -10.63 15.60 10.85
CA LEU B 148 -11.65 16.67 10.74
C LEU B 148 -11.23 17.86 11.59
N CYS B 149 -10.72 17.60 12.79
CA CYS B 149 -10.23 18.65 13.72
C CYS B 149 -8.96 19.31 13.17
N GLN B 150 -8.08 18.53 12.57
CA GLN B 150 -6.80 19.03 11.97
C GLN B 150 -7.10 20.11 10.93
N ASN B 151 -8.12 19.92 10.09
CA ASN B 151 -8.49 20.89 9.03
C ASN B 151 -9.20 22.12 9.62
N GLN B 152 -9.64 22.06 10.87
CA GLN B 152 -10.21 23.22 11.60
C GLN B 152 -9.11 23.94 12.39
N GLY B 153 -7.88 23.40 12.43
CA GLY B 153 -6.77 23.99 13.19
C GLY B 153 -6.81 23.71 14.69
N LYS B 154 -7.58 22.73 15.13
CA LYS B 154 -7.74 22.34 16.57
C LYS B 154 -6.63 21.39 17.02
N TYR B 155 -5.37 21.80 16.92
CA TYR B 155 -4.18 20.91 16.99
C TYR B 155 -4.10 20.23 18.36
N GLU B 156 -4.51 20.90 19.43
CA GLU B 156 -4.41 20.33 20.80
C GLU B 156 -5.32 19.09 20.86
N GLU B 157 -6.57 19.21 20.40
CA GLU B 157 -7.52 18.06 20.30
C GLU B 157 -6.91 16.97 19.40
N VAL B 158 -6.39 17.37 18.23
CA VAL B 158 -5.88 16.43 17.19
C VAL B 158 -4.80 15.54 17.82
N GLU B 159 -3.83 16.13 18.50
CA GLU B 159 -2.68 15.40 19.10
C GLU B 159 -3.23 14.40 20.13
N TYR B 160 -4.22 14.79 20.93
CA TYR B 160 -4.79 13.92 21.99
C TYR B 160 -5.44 12.68 21.34
N TYR B 161 -6.28 12.89 20.32
CA TYR B 161 -7.04 11.80 19.66
C TYR B 161 -6.06 10.79 19.03
N TYR B 162 -5.04 11.28 18.32
CA TYR B 162 -4.03 10.42 17.68
C TYR B 162 -3.29 9.63 18.77
N GLN B 163 -2.86 10.28 19.84
CA GLN B 163 -2.08 9.62 20.92
C GLN B 163 -2.97 8.52 21.54
N ARG B 164 -4.26 8.81 21.75
CA ARG B 164 -5.20 7.84 22.32
C ARG B 164 -5.32 6.62 21.38
N ALA B 165 -5.55 6.87 20.10
CA ALA B 165 -5.67 5.84 19.04
C ALA B 165 -4.39 4.99 19.00
N LEU B 166 -3.25 5.67 19.00
CA LEU B 166 -1.93 5.02 18.92
C LEU B 166 -1.76 4.06 20.10
N GLY B 167 -2.17 4.48 21.30
CA GLY B 167 -2.13 3.64 22.52
C GLY B 167 -2.96 2.39 22.38
N ILE B 168 -4.19 2.55 21.88
CA ILE B 168 -5.13 1.41 21.70
C ILE B 168 -4.47 0.40 20.77
N TYR B 169 -4.05 0.85 19.58
CA TYR B 169 -3.45 -0.02 18.55
C TYR B 169 -2.24 -0.75 19.12
N GLN B 170 -1.32 -0.06 19.79
CA GLN B 170 -0.03 -0.62 20.25
C GLN B 170 -0.27 -1.64 21.36
N THR B 171 -1.23 -1.40 22.26
CA THR B 171 -1.54 -2.35 23.36
C THR B 171 -2.34 -3.54 22.80
N LYS B 172 -3.37 -3.30 21.99
CA LYS B 172 -4.33 -4.35 21.55
C LYS B 172 -3.71 -5.16 20.39
N LEU B 173 -3.20 -4.50 19.36
CA LEU B 173 -2.58 -5.14 18.17
C LEU B 173 -1.06 -5.03 18.31
N GLY B 174 -0.29 -5.65 17.43
CA GLY B 174 1.18 -5.56 17.53
C GLY B 174 1.67 -4.12 17.38
N PRO B 175 2.91 -3.79 17.82
CA PRO B 175 3.64 -2.64 17.31
C PRO B 175 3.93 -2.70 15.80
N ASP B 176 3.86 -3.88 15.21
CA ASP B 176 4.09 -4.15 13.76
C ASP B 176 2.77 -4.16 12.98
N ASP B 177 1.65 -3.72 13.57
CA ASP B 177 0.33 -3.70 12.86
C ASP B 177 0.31 -2.56 11.85
N PRO B 178 -0.29 -2.75 10.65
CA PRO B 178 -0.41 -1.67 9.66
C PRO B 178 -1.11 -0.42 10.20
N ASN B 179 -2.10 -0.58 11.08
CA ASN B 179 -2.86 0.54 11.70
C ASN B 179 -1.90 1.47 12.45
N VAL B 180 -0.80 0.94 12.97
CA VAL B 180 0.16 1.73 13.79
C VAL B 180 0.90 2.68 12.85
N ALA B 181 1.49 2.17 11.78
CA ALA B 181 2.25 2.98 10.82
C ALA B 181 1.32 4.04 10.21
N LYS B 182 0.10 3.67 9.82
CA LYS B 182 -0.87 4.62 9.20
C LYS B 182 -1.17 5.75 10.19
N THR B 183 -1.40 5.43 11.47
CA THR B 183 -1.77 6.43 12.49
C THR B 183 -0.58 7.36 12.71
N LYS B 184 0.63 6.81 12.75
CA LYS B 184 1.87 7.58 12.97
C LYS B 184 2.03 8.55 11.80
N ASN B 185 1.72 8.11 10.59
CA ASN B 185 1.77 8.97 9.37
C ASN B 185 0.79 10.13 9.50
N ASN B 186 -0.44 9.84 9.90
CA ASN B 186 -1.52 10.86 10.02
C ASN B 186 -1.09 11.92 11.02
N LEU B 187 -0.51 11.49 12.14
CA LEU B 187 -0.01 12.36 13.21
C LEU B 187 1.15 13.20 12.68
N ALA B 188 2.07 12.59 11.95
CA ALA B 188 3.23 13.30 11.36
C ALA B 188 2.72 14.42 10.46
N SER B 189 1.66 14.19 9.67
CA SER B 189 1.02 15.21 8.81
C SER B 189 0.53 16.38 9.66
N CYS B 190 -0.11 16.08 10.79
CA CYS B 190 -0.59 17.11 11.75
C CYS B 190 0.60 17.95 12.20
N TYR B 191 1.72 17.32 12.56
CA TYR B 191 2.96 18.00 13.00
C TYR B 191 3.49 18.87 11.87
N LEU B 192 3.46 18.39 10.62
CA LEU B 192 3.96 19.13 9.43
C LEU B 192 3.17 20.44 9.27
N LYS B 193 1.84 20.39 9.44
CA LYS B 193 0.95 21.57 9.31
C LYS B 193 1.24 22.59 10.42
N GLN B 194 1.76 22.16 11.57
CA GLN B 194 2.08 23.03 12.73
C GLN B 194 3.52 23.56 12.64
N GLY B 195 4.33 23.05 11.70
CA GLY B 195 5.75 23.38 11.60
C GLY B 195 6.60 22.63 12.62
N LYS B 196 6.08 21.57 13.22
CA LYS B 196 6.81 20.71 14.17
C LYS B 196 7.53 19.62 13.37
N PHE B 197 8.51 20.02 12.56
CA PHE B 197 9.21 19.13 11.59
C PHE B 197 9.99 18.03 12.33
N LYS B 198 10.61 18.33 13.48
CA LYS B 198 11.45 17.35 14.20
C LYS B 198 10.54 16.25 14.78
N GLN B 199 9.36 16.58 15.28
CA GLN B 199 8.43 15.56 15.82
C GLN B 199 7.97 14.64 14.67
N ALA B 200 7.67 15.21 13.50
CA ALA B 200 7.26 14.44 12.30
C ALA B 200 8.41 13.52 11.87
N GLU B 201 9.64 14.04 11.84
CA GLU B 201 10.87 13.28 11.46
C GLU B 201 10.98 12.06 12.38
N THR B 202 10.76 12.23 13.67
CA THR B 202 10.91 11.15 14.69
C THR B 202 9.92 10.03 14.36
N LEU B 203 8.66 10.35 14.09
CA LEU B 203 7.62 9.34 13.77
C LEU B 203 8.03 8.56 12.50
N TYR B 204 8.49 9.27 11.47
CA TYR B 204 8.90 8.66 10.18
C TYR B 204 10.04 7.66 10.47
N LYS B 205 11.00 8.05 11.31
CA LYS B 205 12.17 7.21 11.65
C LYS B 205 11.69 6.00 12.46
N GLU B 206 10.79 6.18 13.43
CA GLU B 206 10.22 5.07 14.23
C GLU B 206 9.62 4.05 13.26
N ILE B 207 8.84 4.49 12.28
CA ILE B 207 8.17 3.62 11.27
C ILE B 207 9.21 2.81 10.49
N LEU B 208 10.25 3.46 9.98
CA LEU B 208 11.29 2.82 9.12
C LEU B 208 12.17 1.90 9.98
N THR B 209 12.52 2.31 11.20
CA THR B 209 13.34 1.49 12.11
C THR B 209 12.61 0.18 12.41
N ARG B 210 11.31 0.27 12.76
CA ARG B 210 10.48 -0.90 13.13
C ARG B 210 10.36 -1.83 11.92
N ALA B 211 10.12 -1.28 10.72
CA ALA B 211 9.96 -2.05 9.47
C ALA B 211 11.24 -2.82 9.18
N HIS B 212 12.38 -2.17 9.43
CA HIS B 212 13.72 -2.76 9.23
C HIS B 212 13.94 -3.91 10.22
N GLU B 213 13.65 -3.69 11.49
CA GLU B 213 13.84 -4.69 12.58
C GLU B 213 13.01 -5.94 12.28
N ARG B 214 11.78 -5.76 11.79
CA ARG B 214 10.86 -6.87 11.44
C ARG B 214 11.51 -7.77 10.38
N GLU B 215 12.23 -7.22 9.40
CA GLU B 215 12.80 -8.00 8.26
C GLU B 215 14.24 -8.48 8.55
N PHE B 216 15.05 -7.72 9.29
CA PHE B 216 16.50 -8.00 9.44
C PHE B 216 16.93 -8.12 10.90
N GLY B 217 16.00 -8.08 11.85
CA GLY B 217 16.31 -8.17 13.29
C GLY B 217 16.95 -6.89 13.81
N SER B 218 17.71 -7.02 14.89
CA SER B 218 18.20 -5.87 15.70
C SER B 218 19.03 -4.94 14.82
N VAL B 219 19.06 -3.66 15.19
CA VAL B 219 19.93 -2.62 14.57
C VAL B 219 21.31 -2.70 15.21
N ASP B 220 22.36 -2.70 14.40
CA ASP B 220 23.78 -2.62 14.83
C ASP B 220 24.56 -1.88 13.74
N ASP B 221 25.88 -1.73 13.92
CA ASP B 221 26.76 -1.03 12.93
C ASP B 221 26.62 -1.68 11.54
N GLU B 222 26.54 -3.02 11.46
CA GLU B 222 26.53 -3.76 10.17
C GLU B 222 25.11 -3.83 9.58
N ASN B 223 24.06 -3.61 10.38
CA ASN B 223 22.65 -3.75 9.95
C ASN B 223 21.83 -2.52 10.38
N LYS B 224 21.70 -1.52 9.51
CA LYS B 224 21.03 -0.22 9.82
C LYS B 224 19.84 0.03 8.91
N PRO B 225 18.85 0.85 9.35
CA PRO B 225 17.74 1.26 8.51
C PRO B 225 18.19 2.29 7.46
N ILE B 226 17.39 2.46 6.41
CA ILE B 226 17.70 3.32 5.23
C ILE B 226 18.09 4.72 5.70
N TRP B 227 17.38 5.29 6.68
CA TRP B 227 17.60 6.68 7.11
C TRP B 227 18.98 6.84 7.75
N MET B 228 19.51 5.80 8.40
CA MET B 228 20.89 5.84 8.97
C MET B 228 21.90 5.86 7.82
N HIS B 229 21.71 5.03 6.80
CA HIS B 229 22.54 5.04 5.56
C HIS B 229 22.47 6.43 4.92
N ALA B 230 21.28 7.03 4.89
CA ALA B 230 21.04 8.34 4.25
C ALA B 230 21.87 9.42 4.96
N GLU B 231 21.82 9.48 6.29
CA GLU B 231 22.51 10.53 7.06
C GLU B 231 24.03 10.32 6.97
N GLU B 232 24.49 9.08 6.89
CA GLU B 232 25.92 8.73 6.67
C GLU B 232 26.37 9.32 5.33
N ARG B 233 25.62 9.00 4.27
CA ARG B 233 25.86 9.46 2.88
C ARG B 233 26.02 10.98 2.87
N GLU B 234 25.22 11.70 3.67
CA GLU B 234 25.23 13.19 3.72
C GLU B 234 26.55 13.67 4.33
N GLU B 235 27.02 13.04 5.41
CA GLU B 235 28.25 13.47 6.14
C GLU B 235 29.49 13.17 5.29
N CYS B 236 29.43 12.26 4.32
CA CYS B 236 30.55 11.92 3.39
C CYS B 236 30.17 12.21 1.94
N LYS B 237 29.76 13.44 1.60
CA LYS B 237 29.67 13.87 0.18
C LYS B 237 31.09 14.26 -0.26
N GLY B 250 19.32 -12.07 -1.51
CA GLY B 250 18.16 -12.89 -1.89
C GLY B 250 16.92 -12.60 -1.05
N GLY B 251 16.41 -11.37 -1.12
CA GLY B 251 15.25 -10.92 -0.32
C GLY B 251 14.09 -10.50 -1.20
N TRP B 252 14.05 -11.01 -2.43
CA TRP B 252 13.00 -10.68 -3.42
C TRP B 252 11.63 -11.08 -2.85
N TYR B 253 11.54 -12.22 -2.14
CA TYR B 253 10.28 -12.75 -1.57
C TYR B 253 9.75 -11.79 -0.49
N LYS B 254 10.65 -11.07 0.19
CA LYS B 254 10.33 -10.13 1.31
C LYS B 254 9.64 -8.85 0.81
N ALA B 255 9.73 -8.51 -0.48
CA ALA B 255 9.02 -7.39 -1.14
C ALA B 255 7.55 -7.28 -0.69
N CYS B 256 6.78 -8.37 -0.72
CA CYS B 256 5.34 -8.44 -0.32
C CYS B 256 5.09 -7.76 1.03
N LYS B 257 5.89 -8.08 2.05
CA LYS B 257 5.81 -7.49 3.42
C LYS B 257 6.09 -5.99 3.40
N SER B 260 4.34 -1.83 1.42
CA SER B 260 3.23 -1.00 1.95
C SER B 260 3.26 0.36 1.27
N PRO B 261 2.08 0.86 0.79
CA PRO B 261 1.97 2.24 0.33
C PRO B 261 2.31 3.26 1.43
N THR B 262 1.99 2.94 2.69
CA THR B 262 2.24 3.81 3.87
C THR B 262 3.76 4.01 4.04
N VAL B 263 4.52 2.95 3.82
CA VAL B 263 6.01 3.02 3.89
C VAL B 263 6.54 3.92 2.78
N THR B 264 6.00 3.85 1.58
CA THR B 264 6.51 4.70 0.47
C THR B 264 6.17 6.17 0.83
N THR B 265 5.01 6.46 1.38
CA THR B 265 4.68 7.85 1.83
C THR B 265 5.66 8.31 2.91
N THR B 266 6.03 7.45 3.85
CA THR B 266 7.01 7.75 4.94
C THR B 266 8.35 8.09 4.29
N LEU B 267 8.78 7.30 3.31
CA LEU B 267 10.07 7.52 2.62
C LEU B 267 10.06 8.88 1.94
N LYS B 268 9.00 9.18 1.21
CA LYS B 268 8.87 10.45 0.44
C LYS B 268 8.89 11.64 1.40
N ASN B 269 8.13 11.57 2.49
CA ASN B 269 7.96 12.68 3.45
C ASN B 269 9.27 12.90 4.22
N LEU B 270 9.92 11.83 4.66
CA LEU B 270 11.23 11.97 5.35
C LEU B 270 12.23 12.57 4.35
N GLY B 271 12.23 12.08 3.11
CA GLY B 271 13.05 12.62 2.02
C GLY B 271 12.83 14.12 1.87
N ALA B 272 11.59 14.58 1.88
CA ALA B 272 11.21 16.00 1.79
C ALA B 272 11.78 16.77 2.98
N LEU B 273 11.70 16.21 4.19
CA LEU B 273 12.22 16.85 5.41
C LEU B 273 13.73 17.01 5.27
N TYR B 274 14.45 16.03 4.72
CA TYR B 274 15.91 16.12 4.54
C TYR B 274 16.22 17.25 3.54
N ARG B 275 15.43 17.32 2.48
CA ARG B 275 15.61 18.31 1.38
C ARG B 275 15.44 19.71 1.96
N ARG B 276 14.43 19.92 2.82
CA ARG B 276 14.14 21.24 3.43
C ARG B 276 15.33 21.68 4.30
N GLN B 277 16.08 20.76 4.89
CA GLN B 277 17.29 21.08 5.70
C GLN B 277 18.52 21.22 4.79
N GLY B 278 18.38 21.05 3.48
CA GLY B 278 19.49 21.15 2.52
C GLY B 278 20.34 19.90 2.46
N LYS B 279 19.89 18.78 3.07
CA LYS B 279 20.58 17.47 3.03
C LYS B 279 20.10 16.70 1.79
N PHE B 280 20.57 17.10 0.61
CA PHE B 280 20.08 16.63 -0.71
C PHE B 280 20.49 15.18 -0.97
N GLU B 281 21.64 14.75 -0.45
CA GLU B 281 22.13 13.36 -0.62
C GLU B 281 21.31 12.42 0.26
N ALA B 282 20.93 12.84 1.46
CA ALA B 282 20.03 12.05 2.34
C ALA B 282 18.68 11.88 1.65
N ALA B 283 18.14 12.95 1.10
CA ALA B 283 16.83 12.97 0.41
C ALA B 283 16.89 12.00 -0.79
N GLU B 284 17.98 12.01 -1.54
CA GLU B 284 18.15 11.17 -2.75
C GLU B 284 18.06 9.70 -2.34
N THR B 285 18.66 9.32 -1.22
CA THR B 285 18.69 7.93 -0.71
C THR B 285 17.27 7.45 -0.44
N LEU B 286 16.48 8.27 0.25
CA LEU B 286 15.10 7.88 0.65
C LEU B 286 14.19 7.90 -0.57
N GLU B 287 14.38 8.85 -1.46
CA GLU B 287 13.52 9.00 -2.66
C GLU B 287 13.81 7.86 -3.65
N GLU B 288 15.07 7.41 -3.75
CA GLU B 288 15.50 6.22 -4.55
C GLU B 288 14.75 4.99 -4.04
N ALA B 289 14.66 4.83 -2.72
CA ALA B 289 13.94 3.71 -2.04
C ALA B 289 12.46 3.77 -2.38
N ALA B 290 11.88 4.97 -2.39
CA ALA B 290 10.44 5.19 -2.69
C ALA B 290 10.15 4.74 -4.13
N MET B 291 11.04 5.04 -5.07
CA MET B 291 10.86 4.68 -6.51
C MET B 291 10.79 3.16 -6.64
N ARG B 292 11.64 2.45 -5.90
CA ARG B 292 11.79 0.98 -6.01
C ARG B 292 10.64 0.29 -5.27
N SER B 293 9.91 0.96 -4.39
CA SER B 293 8.88 0.33 -3.53
C SER B 293 7.48 0.51 -4.11
N ARG B 294 7.29 0.49 -5.44
CA ARG B 294 5.90 0.61 -6.01
C ARG B 294 5.54 -0.62 -6.85
N VAL B 329 7.15 20.22 -1.26
CA VAL B 329 5.82 19.57 -1.50
C VAL B 329 5.85 18.19 -0.83
N PHE B 330 5.47 18.17 0.45
CA PHE B 330 5.16 16.94 1.24
C PHE B 330 3.92 16.27 0.65
N THR B 331 3.88 14.94 0.66
CA THR B 331 2.76 14.09 0.18
C THR B 331 1.68 13.98 1.28
N THR B 332 0.99 15.09 1.57
CA THR B 332 -0.06 15.17 2.63
C THR B 332 -1.48 15.14 2.02
N GLU B 333 -2.03 13.96 1.79
CA GLU B 333 -3.43 13.76 1.37
C GLU B 333 -4.24 13.29 2.58
N ASP B 334 -5.35 13.97 2.92
CA ASP B 334 -6.26 13.51 4.00
C ASP B 334 -6.88 12.16 3.61
N ILE B 335 -6.56 11.10 4.35
CA ILE B 335 -7.04 9.73 4.04
C ILE B 335 -8.00 9.33 5.17
N TYR B 336 -9.28 9.45 4.89
CA TYR B 336 -10.39 9.10 5.80
C TYR B 336 -10.64 7.60 5.66
N GLU B 337 -10.92 6.94 6.77
CA GLU B 337 -11.34 5.52 6.78
C GLU B 337 -12.87 5.49 6.54
N TRP B 338 -13.31 4.64 5.64
CA TRP B 338 -14.74 4.39 5.34
C TRP B 338 -15.23 3.14 6.09
N ASP B 339 -16.40 3.20 6.72
CA ASP B 339 -17.01 2.01 7.40
C ASP B 339 -17.83 1.20 6.39
N ASP B 340 -17.38 0.00 6.08
CA ASP B 340 -17.91 -0.88 5.02
C ASP B 340 -19.12 -1.65 5.59
N SER B 341 -19.30 -1.72 6.91
CA SER B 341 -20.32 -2.53 7.62
C SER B 341 -21.71 -1.85 7.59
N ALA B 342 -21.85 -0.69 6.94
CA ALA B 342 -23.15 -0.07 6.60
C ALA B 342 -23.91 -0.96 5.60
N ILE B 343 -23.22 -1.82 4.82
CA ILE B 343 -23.79 -2.90 3.97
C ILE B 343 -24.61 -2.25 2.85
N ILE C 9 -28.54 -1.51 47.23
CA ILE C 9 -28.09 -1.57 48.64
C ILE C 9 -26.88 -2.49 48.72
N PRO C 10 -25.84 -2.11 49.50
CA PRO C 10 -24.64 -2.95 49.65
C PRO C 10 -24.94 -4.32 50.26
N ALA C 11 -25.89 -4.44 51.18
CA ALA C 11 -26.25 -5.73 51.85
C ALA C 11 -26.65 -6.78 50.81
N ARG C 12 -27.44 -6.39 49.83
CA ARG C 12 -27.91 -7.34 48.78
C ARG C 12 -26.68 -7.79 48.00
N LEU C 13 -25.83 -6.87 47.59
CA LEU C 13 -24.60 -7.19 46.81
C LEU C 13 -23.68 -8.08 47.64
N ARG C 14 -23.54 -7.81 48.95
CA ARG C 14 -22.70 -8.62 49.86
C ARG C 14 -23.20 -10.07 49.80
N THR C 15 -24.50 -10.28 49.93
CA THR C 15 -25.14 -11.63 49.89
C THR C 15 -24.97 -12.23 48.49
N LEU C 16 -25.18 -11.48 47.42
CA LEU C 16 -25.04 -12.02 46.04
C LEU C 16 -23.60 -12.48 45.81
N HIS C 17 -22.62 -11.67 46.19
CA HIS C 17 -21.18 -11.99 46.01
C HIS C 17 -20.90 -13.28 46.78
N ASN C 18 -21.38 -13.37 48.02
CA ASN C 18 -21.21 -14.53 48.91
C ASN C 18 -21.75 -15.78 48.21
N LEU C 19 -22.97 -15.74 47.68
CA LEU C 19 -23.62 -16.90 47.00
C LEU C 19 -22.87 -17.26 45.71
N VAL C 20 -22.47 -16.29 44.91
CA VAL C 20 -21.75 -16.55 43.64
C VAL C 20 -20.52 -17.39 43.96
N ILE C 21 -19.73 -16.92 44.91
CA ILE C 21 -18.49 -17.63 45.36
C ILE C 21 -18.86 -19.03 45.86
N GLN C 22 -19.86 -19.14 46.73
CA GLN C 22 -20.31 -20.45 47.29
C GLN C 22 -20.54 -21.46 46.14
N TYR C 23 -21.32 -21.08 45.14
CA TYR C 23 -21.81 -22.03 44.11
C TYR C 23 -20.72 -22.23 43.04
N ALA C 24 -19.88 -21.24 42.78
CA ALA C 24 -18.75 -21.40 41.85
C ALA C 24 -17.69 -22.33 42.46
N SER C 25 -17.41 -22.27 43.77
CA SER C 25 -16.46 -23.18 44.49
C SER C 25 -16.88 -24.63 44.24
N GLN C 26 -18.19 -24.88 44.24
CA GLN C 26 -18.80 -26.23 44.21
C GLN C 26 -18.98 -26.70 42.76
N GLY C 27 -18.65 -25.86 41.78
CA GLY C 27 -18.77 -26.20 40.36
C GLY C 27 -20.21 -26.19 39.90
N ARG C 28 -21.13 -25.59 40.70
CA ARG C 28 -22.57 -25.50 40.39
C ARG C 28 -22.83 -24.22 39.58
N TYR C 29 -22.40 -24.24 38.33
CA TYR C 29 -22.38 -23.07 37.43
C TYR C 29 -23.82 -22.72 36.99
N GLU C 30 -24.74 -23.69 36.99
CA GLU C 30 -26.16 -23.47 36.61
C GLU C 30 -26.79 -22.46 37.59
N VAL C 31 -26.20 -22.29 38.78
CA VAL C 31 -26.65 -21.32 39.82
C VAL C 31 -25.75 -20.09 39.81
N ALA C 32 -24.44 -20.29 39.75
CA ALA C 32 -23.44 -19.20 39.88
C ALA C 32 -23.60 -18.20 38.72
N VAL C 33 -23.74 -18.65 37.48
CA VAL C 33 -23.79 -17.74 36.30
C VAL C 33 -24.96 -16.76 36.45
N PRO C 34 -26.22 -17.20 36.63
CA PRO C 34 -27.34 -16.26 36.80
C PRO C 34 -27.14 -15.27 37.94
N LEU C 35 -26.69 -15.72 39.11
CA LEU C 35 -26.46 -14.85 40.29
C LEU C 35 -25.37 -13.82 39.98
N CYS C 36 -24.35 -14.25 39.27
CA CYS C 36 -23.23 -13.41 38.84
C CYS C 36 -23.72 -12.29 37.92
N LYS C 37 -24.53 -12.63 36.93
CA LYS C 37 -25.15 -11.67 35.98
C LYS C 37 -26.03 -10.70 36.76
N GLN C 38 -26.78 -11.20 37.74
CA GLN C 38 -27.67 -10.40 38.60
C GLN C 38 -26.81 -9.41 39.39
N ALA C 39 -25.72 -9.86 39.99
CA ALA C 39 -24.77 -9.01 40.76
C ALA C 39 -24.20 -7.92 39.85
N LEU C 40 -23.86 -8.24 38.61
CA LEU C 40 -23.32 -7.24 37.65
C LEU C 40 -24.38 -6.18 37.33
N GLU C 41 -25.62 -6.62 37.08
CA GLU C 41 -26.79 -5.73 36.79
C GLU C 41 -26.94 -4.75 37.96
N ASP C 42 -26.91 -5.23 39.21
CA ASP C 42 -27.19 -4.45 40.44
C ASP C 42 -25.97 -3.60 40.79
N LEU C 43 -24.77 -4.05 40.44
CA LEU C 43 -23.50 -3.31 40.71
C LEU C 43 -23.45 -2.08 39.81
N GLU C 44 -23.79 -2.23 38.53
CA GLU C 44 -23.76 -1.14 37.52
C GLU C 44 -24.73 -0.03 37.92
N LYS C 45 -25.90 -0.37 38.47
CA LYS C 45 -26.91 0.60 39.00
C LYS C 45 -26.30 1.39 40.16
N THR C 46 -25.59 0.76 41.09
CA THR C 46 -25.05 1.44 42.30
C THR C 46 -23.77 2.22 41.99
N SER C 47 -22.74 1.50 41.52
CA SER C 47 -21.32 1.98 41.45
C SER C 47 -20.90 2.30 40.01
N GLY C 48 -21.77 2.09 39.01
CA GLY C 48 -21.43 2.30 37.59
C GLY C 48 -20.59 1.18 37.04
N HIS C 49 -20.24 1.21 35.76
CA HIS C 49 -19.49 0.16 35.03
C HIS C 49 -17.97 0.29 35.27
N ASP C 50 -17.43 1.41 35.75
CA ASP C 50 -15.96 1.65 35.76
C ASP C 50 -15.38 1.56 37.19
N HIS C 51 -15.83 0.59 37.97
CA HIS C 51 -15.55 0.45 39.42
C HIS C 51 -14.83 -0.88 39.66
N PRO C 52 -13.76 -0.95 40.48
CA PRO C 52 -12.98 -2.18 40.59
C PRO C 52 -13.79 -3.42 41.01
N ASP C 53 -14.86 -3.26 41.79
CA ASP C 53 -15.79 -4.36 42.20
C ASP C 53 -16.43 -4.98 40.96
N VAL C 54 -16.75 -4.19 39.95
CA VAL C 54 -17.37 -4.69 38.69
C VAL C 54 -16.33 -5.57 37.97
N ALA C 55 -15.07 -5.15 37.92
CA ALA C 55 -13.95 -5.91 37.31
C ALA C 55 -13.76 -7.25 38.03
N THR C 56 -13.91 -7.27 39.36
CA THR C 56 -13.77 -8.51 40.17
C THR C 56 -14.88 -9.48 39.77
N MET C 57 -16.13 -9.02 39.73
CA MET C 57 -17.29 -9.90 39.40
C MET C 57 -17.14 -10.40 37.96
N LEU C 58 -16.59 -9.56 37.07
CA LEU C 58 -16.35 -9.92 35.65
C LEU C 58 -15.32 -11.06 35.60
N ASN C 59 -14.27 -10.96 36.40
CA ASN C 59 -13.20 -12.00 36.47
C ASN C 59 -13.81 -13.32 36.94
N ILE C 60 -14.66 -13.27 37.95
CA ILE C 60 -15.30 -14.49 38.52
C ILE C 60 -16.17 -15.16 37.46
N LEU C 61 -16.97 -14.39 36.72
CA LEU C 61 -17.85 -14.96 35.66
C LEU C 61 -16.96 -15.52 34.56
N ALA C 62 -15.86 -14.85 34.23
CA ALA C 62 -14.92 -15.29 33.17
C ALA C 62 -14.31 -16.64 33.56
N LEU C 63 -13.91 -16.79 34.82
CA LEU C 63 -13.41 -18.07 35.39
C LEU C 63 -14.43 -19.17 35.13
N VAL C 64 -15.68 -18.90 35.47
CA VAL C 64 -16.78 -19.91 35.34
C VAL C 64 -16.93 -20.24 33.86
N TYR C 65 -16.99 -19.25 32.98
CA TYR C 65 -17.14 -19.46 31.53
C TYR C 65 -15.95 -20.24 31.00
N ARG C 66 -14.75 -19.99 31.53
CA ARG C 66 -13.52 -20.70 31.11
C ARG C 66 -13.69 -22.20 31.37
N ASP C 67 -14.26 -22.58 32.52
CA ASP C 67 -14.44 -24.01 32.90
C ASP C 67 -15.53 -24.64 32.04
N GLN C 68 -16.47 -23.84 31.50
CA GLN C 68 -17.56 -24.30 30.61
C GLN C 68 -17.07 -24.30 29.15
N ASN C 69 -15.82 -23.89 28.91
CA ASN C 69 -15.23 -23.79 27.54
C ASN C 69 -15.97 -22.74 26.70
N LYS C 70 -16.56 -21.73 27.35
CA LYS C 70 -17.20 -20.57 26.69
C LYS C 70 -16.15 -19.46 26.58
N TYR C 71 -15.13 -19.71 25.76
CA TYR C 71 -13.92 -18.89 25.66
C TYR C 71 -14.27 -17.51 25.12
N LYS C 72 -15.16 -17.44 24.12
CA LYS C 72 -15.56 -16.16 23.46
C LYS C 72 -16.15 -15.23 24.52
N ASP C 73 -17.10 -15.75 25.30
CA ASP C 73 -17.84 -15.00 26.34
C ASP C 73 -16.88 -14.60 27.46
N ALA C 74 -16.01 -15.51 27.90
CA ALA C 74 -14.99 -15.24 28.93
C ALA C 74 -14.12 -14.08 28.48
N ALA C 75 -13.68 -14.10 27.21
CA ALA C 75 -12.81 -13.06 26.62
C ALA C 75 -13.51 -11.70 26.67
N ASN C 76 -14.78 -11.63 26.33
CA ASN C 76 -15.58 -10.37 26.37
C ASN C 76 -15.50 -9.76 27.77
N LEU C 77 -15.77 -10.57 28.80
CA LEU C 77 -15.80 -10.09 30.21
C LEU C 77 -14.40 -9.60 30.60
N LEU C 78 -13.35 -10.30 30.19
CA LEU C 78 -11.95 -9.95 30.57
C LEU C 78 -11.47 -8.70 29.83
N ASN C 79 -11.90 -8.51 28.57
CA ASN C 79 -11.67 -7.24 27.81
C ASN C 79 -12.25 -6.06 28.61
N ASP C 80 -13.47 -6.22 29.12
CA ASP C 80 -14.17 -5.20 29.94
C ASP C 80 -13.38 -4.95 31.24
N ALA C 81 -12.98 -6.03 31.92
CA ALA C 81 -12.23 -6.00 33.19
C ALA C 81 -10.87 -5.34 33.00
N LEU C 82 -10.19 -5.64 31.87
CA LEU C 82 -8.87 -5.08 31.53
C LEU C 82 -8.97 -3.56 31.46
N ALA C 83 -9.93 -3.04 30.68
CA ALA C 83 -10.21 -1.59 30.51
C ALA C 83 -10.33 -0.94 31.90
N ILE C 84 -11.09 -1.54 32.80
CA ILE C 84 -11.39 -0.98 34.15
C ILE C 84 -10.10 -0.94 34.96
N ARG C 85 -9.29 -2.00 34.90
CA ARG C 85 -8.06 -2.14 35.73
C ARG C 85 -6.96 -1.20 35.23
N GLU C 86 -6.81 -1.09 33.90
CA GLU C 86 -5.86 -0.14 33.25
C GLU C 86 -6.14 1.27 33.80
N LYS C 87 -7.41 1.65 33.78
CA LYS C 87 -7.89 3.03 34.12
C LYS C 87 -7.81 3.29 35.63
N THR C 88 -7.93 2.27 36.48
CA THR C 88 -7.96 2.42 37.96
C THR C 88 -6.57 2.18 38.57
N LEU C 89 -5.84 1.15 38.13
CA LEU C 89 -4.58 0.69 38.78
C LEU C 89 -3.35 1.12 37.98
N GLY C 90 -3.51 1.52 36.72
CA GLY C 90 -2.40 1.94 35.84
C GLY C 90 -1.98 0.83 34.90
N ARG C 91 -1.34 1.19 33.78
CA ARG C 91 -1.09 0.29 32.62
C ARG C 91 0.01 -0.75 32.93
N ASP C 92 0.78 -0.58 34.00
CA ASP C 92 1.97 -1.43 34.30
C ASP C 92 1.78 -2.16 35.65
N HIS C 93 0.55 -2.32 36.11
CA HIS C 93 0.23 -2.95 37.42
C HIS C 93 0.19 -4.46 37.27
N PRO C 94 0.73 -5.23 38.24
CA PRO C 94 0.71 -6.70 38.20
C PRO C 94 -0.65 -7.34 37.85
N ALA C 95 -1.74 -6.81 38.40
CA ALA C 95 -3.13 -7.28 38.14
C ALA C 95 -3.47 -7.12 36.64
N VAL C 96 -2.89 -6.14 35.97
CA VAL C 96 -3.09 -5.92 34.52
C VAL C 96 -2.36 -7.01 33.74
N ALA C 97 -1.16 -7.40 34.17
CA ALA C 97 -0.36 -8.48 33.52
C ALA C 97 -1.13 -9.80 33.58
N ALA C 98 -1.73 -10.11 34.74
CA ALA C 98 -2.54 -11.33 34.94
C ALA C 98 -3.73 -11.35 33.97
N THR C 99 -4.45 -10.23 33.88
CA THR C 99 -5.63 -10.10 33.00
C THR C 99 -5.20 -10.27 31.53
N LEU C 100 -4.09 -9.62 31.14
CA LEU C 100 -3.54 -9.71 29.76
C LEU C 100 -3.21 -11.17 29.44
N ASN C 101 -2.53 -11.85 30.36
CA ASN C 101 -2.13 -13.27 30.18
C ASN C 101 -3.38 -14.10 29.92
N ASN C 102 -4.39 -13.93 30.76
CA ASN C 102 -5.61 -14.78 30.73
C ASN C 102 -6.38 -14.51 29.44
N LEU C 103 -6.46 -13.24 29.02
CA LEU C 103 -7.07 -12.88 27.71
C LEU C 103 -6.34 -13.60 26.57
N ALA C 104 -5.01 -13.58 26.60
CA ALA C 104 -4.14 -14.18 25.57
C ALA C 104 -4.44 -15.68 25.49
N VAL C 105 -4.58 -16.33 26.65
CA VAL C 105 -4.87 -17.78 26.71
C VAL C 105 -6.25 -18.01 26.10
N LEU C 106 -7.24 -17.19 26.49
CA LEU C 106 -8.63 -17.35 25.99
C LEU C 106 -8.64 -17.24 24.47
N TYR C 107 -7.96 -16.23 23.91
CA TYR C 107 -7.86 -16.06 22.45
C TYR C 107 -7.12 -17.27 21.87
N GLY C 108 -6.04 -17.68 22.51
CA GLY C 108 -5.27 -18.87 22.11
C GLY C 108 -6.10 -20.13 22.03
N LYS C 109 -6.99 -20.36 22.99
CA LYS C 109 -7.84 -21.58 23.05
C LYS C 109 -8.79 -21.60 21.84
N ARG C 110 -9.17 -20.41 21.36
CA ARG C 110 -10.09 -20.21 20.21
C ARG C 110 -9.30 -20.21 18.90
N GLY C 111 -7.98 -20.36 18.92
CA GLY C 111 -7.19 -20.29 17.68
C GLY C 111 -6.99 -18.89 17.16
N LYS C 112 -7.36 -17.84 17.90
CA LYS C 112 -7.15 -16.43 17.53
C LYS C 112 -5.76 -15.98 17.98
N TYR C 113 -4.70 -16.50 17.35
CA TYR C 113 -3.28 -16.33 17.79
C TYR C 113 -2.77 -14.94 17.43
N LYS C 114 -3.21 -14.38 16.30
CA LYS C 114 -2.86 -13.02 15.84
C LYS C 114 -3.23 -12.02 16.94
N GLU C 115 -4.42 -12.18 17.50
CA GLU C 115 -5.01 -11.27 18.52
C GLU C 115 -4.35 -11.52 19.88
N ALA C 116 -3.96 -12.78 20.16
CA ALA C 116 -3.39 -13.23 21.45
C ALA C 116 -1.95 -12.70 21.63
N GLU C 117 -1.12 -12.76 20.58
CA GLU C 117 0.33 -12.48 20.68
C GLU C 117 0.59 -11.10 21.30
N PRO C 118 0.02 -9.98 20.81
CA PRO C 118 0.34 -8.66 21.36
C PRO C 118 0.01 -8.52 22.86
N LEU C 119 -1.07 -9.15 23.32
CA LEU C 119 -1.52 -9.12 24.74
C LEU C 119 -0.50 -9.86 25.60
N CYS C 120 -0.08 -11.05 25.17
CA CYS C 120 0.94 -11.87 25.86
C CYS C 120 2.26 -11.09 25.94
N LYS C 121 2.64 -10.42 24.87
CA LYS C 121 3.90 -9.61 24.78
C LYS C 121 3.83 -8.44 25.76
N ARG C 122 2.68 -7.78 25.85
CA ARG C 122 2.49 -6.63 26.78
C ARG C 122 2.63 -7.13 28.22
N ALA C 123 2.07 -8.29 28.54
CA ALA C 123 2.16 -8.92 29.88
C ALA C 123 3.62 -9.18 30.20
N LEU C 124 4.38 -9.71 29.23
CA LEU C 124 5.83 -10.02 29.37
C LEU C 124 6.58 -8.72 29.69
N GLU C 125 6.35 -7.65 28.92
CA GLU C 125 6.95 -6.33 29.15
C GLU C 125 6.73 -5.90 30.61
N ILE C 126 5.50 -6.04 31.09
CA ILE C 126 5.09 -5.59 32.46
C ILE C 126 5.87 -6.42 33.48
N ARG C 127 5.90 -7.73 33.32
CA ARG C 127 6.57 -8.63 34.29
C ARG C 127 8.07 -8.33 34.31
N GLU C 128 8.71 -8.12 33.15
CA GLU C 128 10.16 -7.79 33.06
C GLU C 128 10.41 -6.50 33.83
N LYS C 129 9.59 -5.47 33.61
CA LYS C 129 9.70 -4.13 34.24
C LYS C 129 9.63 -4.24 35.78
N VAL C 130 8.73 -5.06 36.31
CA VAL C 130 8.46 -5.17 37.77
C VAL C 130 9.45 -6.17 38.41
N LEU C 131 9.63 -7.36 37.83
CA LEU C 131 10.38 -8.48 38.47
C LEU C 131 11.83 -8.57 37.97
N GLY C 132 12.13 -8.04 36.79
CA GLY C 132 13.45 -8.18 36.14
C GLY C 132 13.38 -9.19 35.02
N LYS C 133 14.35 -9.19 34.10
CA LYS C 133 14.32 -10.02 32.87
C LYS C 133 14.67 -11.48 33.14
N ASP C 134 15.10 -11.82 34.36
CA ASP C 134 15.63 -13.18 34.69
C ASP C 134 14.82 -13.76 35.86
N HIS C 135 13.57 -13.37 36.02
CA HIS C 135 12.67 -13.84 37.11
C HIS C 135 11.87 -15.04 36.61
N PRO C 136 11.67 -16.09 37.44
CA PRO C 136 10.92 -17.27 36.99
C PRO C 136 9.52 -16.95 36.42
N ASP C 137 8.85 -15.92 36.93
CA ASP C 137 7.53 -15.47 36.41
C ASP C 137 7.65 -14.95 34.98
N VAL C 138 8.83 -14.51 34.57
CA VAL C 138 9.08 -14.07 33.17
C VAL C 138 9.20 -15.30 32.28
N ALA C 139 9.87 -16.35 32.79
CA ALA C 139 10.01 -17.67 32.14
C ALA C 139 8.62 -18.28 31.92
N LYS C 140 7.74 -18.19 32.91
CA LYS C 140 6.36 -18.75 32.82
C LYS C 140 5.61 -18.03 31.71
N GLN C 141 5.71 -16.71 31.65
CA GLN C 141 5.02 -15.91 30.60
C GLN C 141 5.61 -16.27 29.24
N LEU C 142 6.91 -16.53 29.14
CA LEU C 142 7.59 -16.89 27.86
C LEU C 142 7.03 -18.22 27.35
N ASN C 143 6.72 -19.19 28.23
CA ASN C 143 6.04 -20.45 27.83
C ASN C 143 4.76 -20.14 27.05
N ASN C 144 3.90 -19.30 27.60
CA ASN C 144 2.62 -18.96 26.94
C ASN C 144 2.89 -18.29 25.60
N LEU C 145 3.81 -17.33 25.56
CA LEU C 145 4.19 -16.63 24.31
C LEU C 145 4.68 -17.65 23.28
N ALA C 146 5.56 -18.56 23.70
CA ALA C 146 6.15 -19.61 22.84
C ALA C 146 5.04 -20.44 22.21
N LEU C 147 4.01 -20.79 22.99
CA LEU C 147 2.88 -21.64 22.52
C LEU C 147 2.07 -20.89 21.48
N LEU C 148 1.82 -19.60 21.70
CA LEU C 148 1.03 -18.77 20.75
C LEU C 148 1.81 -18.65 19.43
N CYS C 149 3.13 -18.47 19.50
CA CYS C 149 4.03 -18.33 18.32
C CYS C 149 4.14 -19.68 17.61
N GLN C 150 4.19 -20.78 18.36
CA GLN C 150 4.29 -22.16 17.81
C GLN C 150 3.12 -22.40 16.86
N ASN C 151 1.90 -21.99 17.24
CA ASN C 151 0.68 -22.23 16.42
C ASN C 151 0.64 -21.27 15.22
N GLN C 152 1.46 -20.22 15.20
CA GLN C 152 1.61 -19.31 14.05
C GLN C 152 2.74 -19.81 13.12
N GLY C 153 3.48 -20.85 13.52
CA GLY C 153 4.57 -21.38 12.71
C GLY C 153 5.86 -20.58 12.79
N LYS C 154 6.00 -19.71 13.81
CA LYS C 154 7.21 -18.87 14.03
C LYS C 154 8.25 -19.64 14.84
N TYR C 155 8.75 -20.76 14.31
CA TYR C 155 9.49 -21.78 15.10
C TYR C 155 10.82 -21.19 15.59
N GLU C 156 11.43 -20.28 14.84
CA GLU C 156 12.73 -19.67 15.25
C GLU C 156 12.51 -18.90 16.55
N GLU C 157 11.48 -18.05 16.62
CA GLU C 157 11.10 -17.32 17.85
C GLU C 157 10.76 -18.33 18.98
N VAL C 158 9.99 -19.37 18.67
CA VAL C 158 9.50 -20.36 19.67
C VAL C 158 10.70 -20.98 20.38
N GLU C 159 11.67 -21.46 19.61
CA GLU C 159 12.88 -22.15 20.16
C GLU C 159 13.63 -21.17 21.06
N TYR C 160 13.74 -19.90 20.69
CA TYR C 160 14.46 -18.86 21.46
C TYR C 160 13.77 -18.67 22.82
N TYR C 161 12.44 -18.47 22.83
CA TYR C 161 11.67 -18.16 24.06
C TYR C 161 11.79 -19.34 25.03
N TYR C 162 11.63 -20.58 24.54
CA TYR C 162 11.74 -21.79 25.39
C TYR C 162 13.15 -21.86 25.97
N GLN C 163 14.19 -21.68 25.15
CA GLN C 163 15.60 -21.78 25.61
C GLN C 163 15.82 -20.70 26.68
N ARG C 164 15.30 -19.50 26.48
CA ARG C 164 15.45 -18.37 27.43
C ARG C 164 14.81 -18.78 28.76
N ALA C 165 13.56 -19.25 28.71
CA ALA C 165 12.76 -19.67 29.88
C ALA C 165 13.48 -20.80 30.59
N LEU C 166 13.95 -21.78 29.84
CA LEU C 166 14.66 -22.96 30.39
C LEU C 166 15.90 -22.50 31.17
N GLY C 167 16.65 -21.53 30.63
CA GLY C 167 17.83 -20.93 31.28
C GLY C 167 17.48 -20.27 32.59
N ILE C 168 16.42 -19.47 32.59
CA ILE C 168 15.94 -18.75 33.81
C ILE C 168 15.66 -19.78 34.89
N TYR C 169 14.80 -20.77 34.58
CA TYR C 169 14.38 -21.80 35.54
C TYR C 169 15.60 -22.52 36.12
N GLN C 170 16.52 -22.98 35.26
CA GLN C 170 17.67 -23.83 35.67
C GLN C 170 18.64 -23.03 36.53
N THR C 171 18.87 -21.74 36.23
CA THR C 171 19.79 -20.88 37.01
C THR C 171 19.10 -20.46 38.31
N LYS C 172 17.85 -20.00 38.27
CA LYS C 172 17.17 -19.40 39.46
C LYS C 172 16.61 -20.49 40.38
N LEU C 173 15.91 -21.48 39.85
CA LEU C 173 15.35 -22.62 40.62
C LEU C 173 16.25 -23.83 40.40
N GLY C 174 16.02 -24.96 41.06
CA GLY C 174 16.82 -26.17 40.82
C GLY C 174 16.76 -26.64 39.35
N PRO C 175 17.74 -27.42 38.85
CA PRO C 175 17.54 -28.25 37.67
C PRO C 175 16.45 -29.32 37.86
N ASP C 176 16.09 -29.64 39.10
CA ASP C 176 15.05 -30.63 39.47
C ASP C 176 13.69 -29.96 39.70
N ASP C 177 13.50 -28.70 39.31
CA ASP C 177 12.22 -27.97 39.51
C ASP C 177 11.17 -28.48 38.51
N PRO C 178 9.89 -28.61 38.92
CA PRO C 178 8.83 -29.07 38.02
C PRO C 178 8.70 -28.23 36.74
N ASN C 179 8.95 -26.92 36.86
CA ASN C 179 8.85 -25.96 35.72
C ASN C 179 9.80 -26.39 34.59
N VAL C 180 10.92 -27.05 34.93
CA VAL C 180 11.94 -27.44 33.94
C VAL C 180 11.38 -28.57 33.07
N ALA C 181 10.86 -29.63 33.70
CA ALA C 181 10.29 -30.77 32.95
C ALA C 181 9.12 -30.29 32.07
N LYS C 182 8.23 -29.44 32.62
CA LYS C 182 7.06 -28.90 31.87
C LYS C 182 7.55 -28.17 30.62
N THR C 183 8.56 -27.31 30.78
CA THR C 183 9.06 -26.45 29.68
C THR C 183 9.71 -27.33 28.61
N LYS C 184 10.44 -28.35 29.03
CA LYS C 184 11.12 -29.29 28.10
C LYS C 184 10.06 -30.02 27.29
N ASN C 185 8.93 -30.37 27.93
CA ASN C 185 7.80 -31.03 27.23
C ASN C 185 7.22 -30.11 26.16
N ASN C 186 7.00 -28.84 26.53
CA ASN C 186 6.39 -27.85 25.62
C ASN C 186 7.29 -27.70 24.39
N LEU C 187 8.61 -27.64 24.60
CA LEU C 187 9.61 -27.51 23.53
C LEU C 187 9.59 -28.78 22.66
N ALA C 188 9.50 -29.96 23.26
CA ALA C 188 9.45 -31.23 22.52
C ALA C 188 8.23 -31.21 21.57
N SER C 189 7.08 -30.70 22.03
CA SER C 189 5.86 -30.53 21.20
C SER C 189 6.18 -29.66 19.97
N CYS C 190 6.90 -28.57 20.18
CA CYS C 190 7.33 -27.64 19.10
C CYS C 190 8.15 -28.43 18.08
N TYR C 191 9.10 -29.25 18.55
CA TYR C 191 9.97 -30.08 17.66
C TYR C 191 9.11 -31.08 16.88
N LEU C 192 8.11 -31.67 17.53
CA LEU C 192 7.21 -32.68 16.90
C LEU C 192 6.46 -32.03 15.73
N LYS C 193 5.96 -30.80 15.90
CA LYS C 193 5.22 -30.06 14.85
C LYS C 193 6.13 -29.72 13.67
N GLN C 194 7.43 -29.61 13.87
CA GLN C 194 8.43 -29.27 12.81
C GLN C 194 8.94 -30.54 12.14
N GLY C 195 8.65 -31.72 12.68
CA GLY C 195 9.21 -32.99 12.19
C GLY C 195 10.63 -33.23 12.69
N LYS C 196 11.07 -32.49 13.71
CA LYS C 196 12.40 -32.67 14.34
C LYS C 196 12.29 -33.74 15.42
N PHE C 197 12.00 -34.98 15.03
CA PHE C 197 11.70 -36.11 15.94
C PHE C 197 12.91 -36.46 16.80
N LYS C 198 14.14 -36.38 16.28
CA LYS C 198 15.34 -36.79 17.07
C LYS C 198 15.54 -35.79 18.21
N GLN C 199 15.34 -34.49 17.97
CA GLN C 199 15.50 -33.46 19.04
C GLN C 199 14.43 -33.69 20.11
N ALA C 200 13.20 -33.99 19.73
CA ALA C 200 12.09 -34.27 20.66
C ALA C 200 12.42 -35.52 21.50
N GLU C 201 12.92 -36.58 20.84
CA GLU C 201 13.32 -37.85 21.52
C GLU C 201 14.35 -37.52 22.62
N THR C 202 15.32 -36.67 22.31
CA THR C 202 16.43 -36.34 23.22
C THR C 202 15.87 -35.64 24.47
N LEU C 203 14.97 -34.69 24.31
CA LEU C 203 14.35 -33.96 25.46
C LEU C 203 13.57 -34.94 26.33
N TYR C 204 12.82 -35.86 25.73
CA TYR C 204 12.01 -36.85 26.49
C TYR C 204 12.97 -37.69 27.34
N LYS C 205 14.10 -38.09 26.76
CA LYS C 205 15.12 -38.92 27.46
C LYS C 205 15.78 -38.10 28.59
N GLU C 206 16.13 -36.83 28.34
CA GLU C 206 16.70 -35.92 29.37
C GLU C 206 15.72 -35.88 30.56
N ILE C 207 14.42 -35.73 30.31
CA ILE C 207 13.36 -35.64 31.35
C ILE C 207 13.35 -36.92 32.19
N LEU C 208 13.33 -38.08 31.54
CA LEU C 208 13.22 -39.40 32.23
C LEU C 208 14.54 -39.70 32.96
N THR C 209 15.69 -39.39 32.37
CA THR C 209 17.03 -39.59 32.99
C THR C 209 17.09 -38.78 34.28
N ARG C 210 16.71 -37.50 34.24
CA ARG C 210 16.79 -36.59 35.40
C ARG C 210 15.84 -37.08 36.49
N ALA C 211 14.64 -37.50 36.14
CA ALA C 211 13.61 -38.02 37.09
C ALA C 211 14.14 -39.26 37.80
N HIS C 212 14.83 -40.10 37.04
CA HIS C 212 15.46 -41.35 37.53
C HIS C 212 16.61 -41.02 38.50
N GLU C 213 17.49 -40.09 38.13
CA GLU C 213 18.65 -39.64 38.94
C GLU C 213 18.16 -39.12 40.29
N ARG C 214 17.07 -38.35 40.29
CA ARG C 214 16.47 -37.77 41.52
C ARG C 214 16.09 -38.88 42.50
N GLU C 215 15.57 -40.02 42.02
CA GLU C 215 15.06 -41.11 42.92
C GLU C 215 16.15 -42.15 43.22
N PHE C 216 17.07 -42.44 42.29
CA PHE C 216 18.02 -43.59 42.41
C PHE C 216 19.48 -43.17 42.26
N GLY C 217 19.78 -41.87 42.19
CA GLY C 217 21.16 -41.36 42.01
C GLY C 217 21.70 -41.62 40.62
N SER C 218 23.02 -41.76 40.48
CA SER C 218 23.73 -41.86 39.19
C SER C 218 23.15 -43.00 38.33
N VAL C 219 23.28 -42.85 37.02
CA VAL C 219 23.01 -43.91 36.01
C VAL C 219 24.26 -44.81 35.91
N ASP C 220 24.06 -46.13 35.97
CA ASP C 220 25.12 -47.16 35.78
C ASP C 220 24.45 -48.41 35.21
N ASP C 221 25.21 -49.48 34.99
CA ASP C 221 24.71 -50.78 34.45
C ASP C 221 23.52 -51.29 35.29
N GLU C 222 23.59 -51.19 36.62
CA GLU C 222 22.59 -51.79 37.54
C GLU C 222 21.40 -50.83 37.74
N ASN C 223 21.55 -49.54 37.44
CA ASN C 223 20.49 -48.52 37.66
C ASN C 223 20.33 -47.66 36.41
N LYS C 224 19.41 -48.04 35.53
CA LYS C 224 19.16 -47.34 34.25
C LYS C 224 17.77 -46.72 34.26
N PRO C 225 17.55 -45.65 33.46
CA PRO C 225 16.21 -45.10 33.25
C PRO C 225 15.36 -46.04 32.37
N ILE C 226 14.04 -45.89 32.43
CA ILE C 226 13.08 -46.81 31.76
C ILE C 226 13.40 -46.89 30.26
N TRP C 227 13.75 -45.77 29.62
CA TRP C 227 14.02 -45.76 28.16
C TRP C 227 15.24 -46.64 27.81
N MET C 228 16.23 -46.75 28.69
CA MET C 228 17.39 -47.65 28.48
C MET C 228 16.93 -49.12 28.54
N HIS C 229 16.07 -49.45 29.49
CA HIS C 229 15.42 -50.79 29.59
C HIS C 229 14.63 -51.04 28.30
N ALA C 230 13.93 -50.03 27.78
CA ALA C 230 13.07 -50.16 26.59
C ALA C 230 13.92 -50.52 25.37
N GLU C 231 15.04 -49.81 25.16
CA GLU C 231 15.89 -50.01 23.96
C GLU C 231 16.61 -51.36 24.07
N GLU C 232 16.95 -51.80 25.28
CA GLU C 232 17.50 -53.16 25.54
C GLU C 232 16.50 -54.22 25.07
N ARG C 233 15.28 -54.10 25.57
CA ARG C 233 14.14 -55.00 25.28
C ARG C 233 13.98 -55.11 23.76
N GLU C 234 14.17 -54.01 23.01
CA GLU C 234 13.99 -53.97 21.53
C GLU C 234 15.09 -54.80 20.87
N GLU C 235 16.34 -54.70 21.32
CA GLU C 235 17.47 -55.42 20.67
C GLU C 235 17.42 -56.91 20.97
N CYS C 236 16.70 -57.33 22.00
CA CYS C 236 16.48 -58.77 22.37
C CYS C 236 14.98 -59.10 22.30
N TYR C 249 10.46 -53.82 47.81
CA TYR C 249 9.55 -53.46 46.69
C TYR C 249 8.46 -52.48 47.15
N GLY C 250 8.68 -51.84 48.30
CA GLY C 250 7.71 -50.97 49.02
C GLY C 250 7.92 -49.51 48.69
N GLY C 251 7.52 -49.14 47.47
CA GLY C 251 7.56 -47.73 46.99
C GLY C 251 6.17 -47.16 46.75
N TRP C 252 5.16 -47.74 47.38
CA TRP C 252 3.73 -47.34 47.16
C TRP C 252 3.53 -45.86 47.53
N TYR C 253 4.17 -45.44 48.63
CA TYR C 253 4.07 -44.04 49.17
C TYR C 253 4.68 -43.05 48.17
N LYS C 254 5.65 -43.51 47.38
CA LYS C 254 6.40 -42.66 46.39
C LYS C 254 5.53 -42.33 45.17
N ALA C 255 4.59 -43.21 44.78
CA ALA C 255 3.86 -43.04 43.48
C ALA C 255 3.06 -41.73 43.57
N CYS C 256 2.28 -41.59 44.64
CA CYS C 256 1.47 -40.35 44.94
C CYS C 256 2.42 -39.16 45.10
N LYS C 257 3.50 -39.37 45.86
CA LYS C 257 4.52 -38.35 46.26
C LYS C 257 5.19 -37.72 45.03
N VAL C 258 5.61 -38.52 44.03
CA VAL C 258 6.17 -38.01 42.72
C VAL C 258 5.03 -37.39 41.90
N ASP C 259 5.02 -36.04 41.80
CA ASP C 259 3.89 -35.26 41.21
C ASP C 259 4.24 -34.96 39.74
N SER C 260 3.81 -35.85 38.84
CA SER C 260 4.29 -35.89 37.42
C SER C 260 3.23 -36.44 36.46
N PRO C 261 2.14 -35.66 36.23
CA PRO C 261 1.35 -35.79 34.99
C PRO C 261 2.21 -35.55 33.73
N THR C 262 3.19 -34.65 33.84
CA THR C 262 4.13 -34.27 32.76
C THR C 262 4.97 -35.50 32.39
N VAL C 263 5.39 -36.29 33.38
CA VAL C 263 6.14 -37.55 33.14
C VAL C 263 5.28 -38.54 32.36
N THR C 264 3.99 -38.66 32.65
CA THR C 264 3.13 -39.62 31.90
C THR C 264 3.02 -39.13 30.45
N THR C 265 2.89 -37.82 30.22
CA THR C 265 2.91 -37.24 28.85
C THR C 265 4.21 -37.64 28.11
N THR C 266 5.36 -37.51 28.79
CA THR C 266 6.69 -37.81 28.20
C THR C 266 6.74 -39.31 27.86
N LEU C 267 6.27 -40.16 28.74
CA LEU C 267 6.26 -41.62 28.50
C LEU C 267 5.44 -41.93 27.24
N LYS C 268 4.23 -41.36 27.12
CA LYS C 268 3.32 -41.61 25.99
C LYS C 268 3.97 -41.15 24.69
N ASN C 269 4.52 -39.94 24.69
CA ASN C 269 5.07 -39.30 23.47
C ASN C 269 6.35 -40.02 23.03
N LEU C 270 7.23 -40.39 23.97
CA LEU C 270 8.45 -41.15 23.62
C LEU C 270 8.01 -42.52 23.08
N GLY C 271 7.03 -43.15 23.72
CA GLY C 271 6.44 -44.41 23.24
C GLY C 271 5.98 -44.29 21.80
N ALA C 272 5.27 -43.19 21.47
CA ALA C 272 4.78 -42.91 20.11
C ALA C 272 5.97 -42.78 19.14
N LEU C 273 7.02 -42.08 19.54
CA LEU C 273 8.24 -41.91 18.71
C LEU C 273 8.87 -43.26 18.43
N TYR C 274 8.93 -44.16 19.41
CA TYR C 274 9.52 -45.50 19.22
C TYR C 274 8.67 -46.29 18.22
N ARG C 275 7.35 -46.16 18.34
CA ARG C 275 6.38 -46.89 17.48
C ARG C 275 6.58 -46.43 16.03
N ARG C 276 6.73 -45.12 15.82
CA ARG C 276 6.95 -44.50 14.48
C ARG C 276 8.22 -45.08 13.83
N GLN C 277 9.25 -45.40 14.62
CA GLN C 277 10.53 -45.97 14.13
C GLN C 277 10.41 -47.49 13.98
N GLY C 278 9.26 -48.08 14.30
CA GLY C 278 9.04 -49.53 14.20
C GLY C 278 9.63 -50.29 15.38
N LYS C 279 10.02 -49.60 16.45
CA LYS C 279 10.54 -50.22 17.70
C LYS C 279 9.35 -50.47 18.64
N PHE C 280 8.56 -51.52 18.34
CA PHE C 280 7.26 -51.81 19.00
C PHE C 280 7.47 -52.29 20.45
N GLU C 281 8.56 -52.99 20.73
CA GLU C 281 8.87 -53.52 22.08
C GLU C 281 9.31 -52.35 22.97
N ALA C 282 10.04 -51.38 22.44
CA ALA C 282 10.43 -50.17 23.20
C ALA C 282 9.17 -49.39 23.57
N ALA C 283 8.27 -49.21 22.60
CA ALA C 283 7.00 -48.47 22.77
C ALA C 283 6.16 -49.14 23.86
N GLU C 284 6.11 -50.47 23.84
CA GLU C 284 5.28 -51.26 24.79
C GLU C 284 5.76 -50.97 26.22
N THR C 285 7.07 -50.88 26.42
CA THR C 285 7.68 -50.68 27.75
C THR C 285 7.24 -49.32 28.31
N LEU C 286 7.30 -48.29 27.48
CA LEU C 286 7.00 -46.91 27.93
C LEU C 286 5.50 -46.75 28.11
N GLU C 287 4.70 -47.37 27.25
CA GLU C 287 3.22 -47.24 27.28
C GLU C 287 2.69 -47.99 28.49
N GLU C 288 3.27 -49.15 28.86
CA GLU C 288 2.93 -49.94 30.07
C GLU C 288 3.14 -49.05 31.32
N ALA C 289 4.25 -48.31 31.36
CA ALA C 289 4.58 -47.38 32.46
C ALA C 289 3.56 -46.26 32.54
N ALA C 290 3.15 -45.72 31.38
CA ALA C 290 2.14 -44.64 31.29
C ALA C 290 0.80 -45.12 31.86
N MET C 291 0.40 -46.36 31.60
CA MET C 291 -0.88 -46.94 32.10
C MET C 291 -0.87 -46.95 33.62
N ARG C 292 0.26 -47.31 34.21
CA ARG C 292 0.42 -47.50 35.68
C ARG C 292 0.53 -46.12 36.36
N SER C 293 0.87 -45.06 35.64
CA SER C 293 0.81 -43.67 36.19
C SER C 293 -0.48 -43.02 35.68
N VAL C 329 0.65 -40.87 16.87
CA VAL C 329 -0.55 -40.42 17.64
C VAL C 329 -0.07 -39.74 18.95
N PHE C 330 0.61 -38.62 18.79
CA PHE C 330 1.25 -37.84 19.89
C PHE C 330 0.16 -37.15 20.71
N THR C 331 0.37 -37.02 22.02
CA THR C 331 -0.42 -36.16 22.94
C THR C 331 0.07 -34.71 22.86
N THR C 332 -0.09 -34.05 21.71
CA THR C 332 0.38 -32.63 21.52
C THR C 332 -0.78 -31.65 21.79
N GLU C 333 -1.21 -31.55 23.06
CA GLU C 333 -2.26 -30.61 23.48
C GLU C 333 -1.61 -29.39 24.16
N ASP C 334 -1.89 -28.20 23.66
CA ASP C 334 -1.30 -26.92 24.14
C ASP C 334 -1.79 -26.70 25.58
N ILE C 335 -0.87 -26.68 26.54
CA ILE C 335 -1.21 -26.40 27.97
C ILE C 335 -0.68 -25.00 28.31
N TYR C 336 -1.60 -24.05 28.31
CA TYR C 336 -1.35 -22.64 28.65
C TYR C 336 -1.41 -22.51 30.16
N GLU C 337 -0.54 -21.69 30.72
CA GLU C 337 -0.53 -21.39 32.17
C GLU C 337 -1.53 -20.25 32.41
N TRP C 338 -2.40 -20.40 33.39
CA TRP C 338 -3.38 -19.38 33.81
C TRP C 338 -2.86 -18.59 35.03
N ASP C 339 -2.96 -17.28 35.03
CA ASP C 339 -2.55 -16.43 36.19
C ASP C 339 -3.73 -16.29 37.16
N ASP C 340 -3.62 -16.88 38.35
CA ASP C 340 -4.69 -16.93 39.36
C ASP C 340 -4.70 -15.64 40.19
N SER C 341 -3.67 -14.79 40.16
CA SER C 341 -3.63 -13.47 40.85
C SER C 341 -4.96 -12.71 40.69
N ALA C 342 -5.40 -12.59 39.42
CA ALA C 342 -6.59 -11.82 38.96
C ALA C 342 -7.70 -11.85 40.03
N ILE D 9 1.05 -69.95 19.14
CA ILE D 9 2.25 -69.27 18.57
C ILE D 9 2.56 -68.03 19.41
N PRO D 10 3.79 -67.91 19.98
CA PRO D 10 4.18 -66.73 20.74
C PRO D 10 4.09 -65.43 19.95
N ALA D 11 4.38 -65.44 18.63
CA ALA D 11 4.42 -64.19 17.81
C ALA D 11 3.04 -63.51 17.82
N ARG D 12 1.97 -64.29 17.71
CA ARG D 12 0.59 -63.73 17.70
C ARG D 12 0.35 -63.08 19.06
N LEU D 13 0.68 -63.79 20.15
CA LEU D 13 0.50 -63.28 21.53
C LEU D 13 1.31 -62.00 21.73
N ARG D 14 2.56 -61.99 21.25
CA ARG D 14 3.44 -60.80 21.37
C ARG D 14 2.73 -59.60 20.73
N THR D 15 2.21 -59.77 19.53
CA THR D 15 1.49 -58.71 18.77
C THR D 15 0.21 -58.32 19.50
N LEU D 16 -0.56 -59.28 20.01
CA LEU D 16 -1.82 -58.94 20.74
C LEU D 16 -1.50 -58.14 22.00
N HIS D 17 -0.51 -58.56 22.77
CA HIS D 17 -0.11 -57.87 24.02
C HIS D 17 0.30 -56.44 23.66
N ASN D 18 1.10 -56.29 22.61
CA ASN D 18 1.60 -54.99 22.09
C ASN D 18 0.40 -54.08 21.77
N LEU D 19 -0.60 -54.57 21.03
CA LEU D 19 -1.80 -53.79 20.64
C LEU D 19 -2.64 -53.44 21.87
N VAL D 20 -2.85 -54.37 22.79
CA VAL D 20 -3.68 -54.11 24.00
C VAL D 20 -3.08 -52.92 24.74
N ILE D 21 -1.78 -52.98 24.99
CA ILE D 21 -1.03 -51.88 25.67
C ILE D 21 -1.17 -50.60 24.86
N GLN D 22 -0.94 -50.62 23.56
CA GLN D 22 -1.04 -49.42 22.68
C GLN D 22 -2.39 -48.74 22.91
N TYR D 23 -3.49 -49.48 22.82
CA TYR D 23 -4.86 -48.89 22.78
C TYR D 23 -5.33 -48.57 24.21
N ALA D 24 -4.86 -49.32 25.22
CA ALA D 24 -5.17 -49.00 26.63
C ALA D 24 -4.45 -47.71 27.05
N SER D 25 -3.21 -47.47 26.62
CA SER D 25 -2.43 -46.23 26.90
C SER D 25 -3.24 -45.02 26.44
N GLN D 26 -3.92 -45.16 25.30
CA GLN D 26 -4.60 -44.06 24.59
C GLN D 26 -6.04 -43.89 25.10
N GLY D 27 -6.47 -44.77 26.02
CA GLY D 27 -7.83 -44.73 26.58
C GLY D 27 -8.87 -45.18 25.56
N ARG D 28 -8.45 -45.85 24.48
CA ARG D 28 -9.32 -46.37 23.42
C ARG D 28 -9.78 -47.78 23.80
N TYR D 29 -10.67 -47.86 24.78
CA TYR D 29 -11.12 -49.11 25.43
C TYR D 29 -12.01 -49.91 24.47
N GLU D 30 -12.69 -49.25 23.52
CA GLU D 30 -13.56 -49.90 22.51
C GLU D 30 -12.72 -50.87 21.67
N VAL D 31 -11.40 -50.68 21.62
CA VAL D 31 -10.44 -51.55 20.88
C VAL D 31 -9.71 -52.47 21.86
N ALA D 32 -9.25 -51.92 22.98
CA ALA D 32 -8.41 -52.66 23.97
C ALA D 32 -9.19 -53.82 24.55
N VAL D 33 -10.45 -53.65 24.96
CA VAL D 33 -11.22 -54.72 25.64
C VAL D 33 -11.34 -55.94 24.74
N PRO D 34 -11.84 -55.86 23.49
CA PRO D 34 -11.92 -57.02 22.61
C PRO D 34 -10.57 -57.72 22.41
N LEU D 35 -9.51 -56.97 22.13
CA LEU D 35 -8.16 -57.55 21.90
C LEU D 35 -7.66 -58.24 23.17
N CYS D 36 -7.95 -57.65 24.32
CA CYS D 36 -7.57 -58.19 25.64
C CYS D 36 -8.24 -59.55 25.85
N LYS D 37 -9.54 -59.64 25.57
CA LYS D 37 -10.31 -60.89 25.68
C LYS D 37 -9.73 -61.93 24.73
N GLN D 38 -9.38 -61.51 23.51
CA GLN D 38 -8.78 -62.37 22.46
C GLN D 38 -7.44 -62.90 22.98
N ALA D 39 -6.60 -62.05 23.56
CA ALA D 39 -5.29 -62.43 24.14
C ALA D 39 -5.49 -63.46 25.26
N LEU D 40 -6.50 -63.28 26.11
CA LEU D 40 -6.81 -64.23 27.22
C LEU D 40 -7.21 -65.59 26.63
N GLU D 41 -8.07 -65.59 25.61
CA GLU D 41 -8.54 -66.81 24.92
C GLU D 41 -7.32 -67.58 24.38
N ASP D 42 -6.40 -66.88 23.72
CA ASP D 42 -5.21 -67.48 23.03
C ASP D 42 -4.14 -67.84 24.07
N LEU D 43 -4.09 -67.15 25.19
CA LEU D 43 -3.12 -67.45 26.29
C LEU D 43 -3.53 -68.76 26.98
N GLU D 44 -4.83 -68.95 27.25
CA GLU D 44 -5.35 -70.17 27.91
C GLU D 44 -5.08 -71.41 27.05
N LYS D 45 -5.15 -71.29 25.71
CA LYS D 45 -4.81 -72.37 24.74
C LYS D 45 -3.33 -72.73 24.88
N THR D 46 -2.42 -71.75 25.00
CA THR D 46 -0.95 -72.02 25.02
C THR D 46 -0.51 -72.48 26.42
N SER D 47 -0.73 -71.64 27.44
CA SER D 47 -0.08 -71.74 28.78
C SER D 47 -1.08 -72.22 29.83
N GLY D 48 -2.35 -72.45 29.47
CA GLY D 48 -3.40 -72.87 30.43
C GLY D 48 -3.86 -71.69 31.27
N HIS D 49 -4.80 -71.93 32.20
CA HIS D 49 -5.50 -70.87 32.97
C HIS D 49 -4.67 -70.40 34.18
N ASP D 50 -3.74 -71.20 34.69
CA ASP D 50 -3.08 -70.92 36.00
C ASP D 50 -1.61 -70.53 35.77
N HIS D 51 -1.37 -69.59 34.87
CA HIS D 51 -0.04 -69.07 34.49
C HIS D 51 0.03 -67.59 34.83
N PRO D 52 1.16 -67.08 35.39
CA PRO D 52 1.22 -65.67 35.80
C PRO D 52 0.91 -64.66 34.68
N ASP D 53 1.21 -64.98 33.41
CA ASP D 53 0.90 -64.13 32.24
C ASP D 53 -0.62 -63.93 32.13
N VAL D 54 -1.42 -64.95 32.45
CA VAL D 54 -2.90 -64.87 32.39
C VAL D 54 -3.39 -63.89 33.46
N ALA D 55 -2.81 -63.95 34.66
CA ALA D 55 -3.12 -63.04 35.78
C ALA D 55 -2.80 -61.59 35.39
N THR D 56 -1.68 -61.36 34.67
CA THR D 56 -1.27 -60.00 34.23
C THR D 56 -2.33 -59.46 33.25
N MET D 57 -2.73 -60.24 32.24
CA MET D 57 -3.71 -59.80 31.23
C MET D 57 -5.06 -59.53 31.92
N LEU D 58 -5.40 -60.33 32.93
CA LEU D 58 -6.64 -60.14 33.72
C LEU D 58 -6.58 -58.80 34.47
N ASN D 59 -5.43 -58.48 35.04
CA ASN D 59 -5.19 -57.20 35.76
C ASN D 59 -5.39 -56.02 34.78
N ILE D 60 -4.84 -56.13 33.57
CA ILE D 60 -4.95 -55.06 32.54
C ILE D 60 -6.42 -54.85 32.18
N LEU D 61 -7.19 -55.92 31.97
CA LEU D 61 -8.62 -55.79 31.62
C LEU D 61 -9.36 -55.18 32.82
N ALA D 62 -9.01 -55.56 34.04
CA ALA D 62 -9.63 -55.06 35.29
C ALA D 62 -9.39 -53.56 35.41
N LEU D 63 -8.17 -53.11 35.12
CA LEU D 63 -7.79 -51.68 35.08
C LEU D 63 -8.73 -50.94 34.14
N VAL D 64 -8.92 -51.48 32.94
CA VAL D 64 -9.76 -50.83 31.89
C VAL D 64 -11.19 -50.78 32.43
N TYR D 65 -11.71 -51.86 32.98
CA TYR D 65 -13.09 -51.93 33.52
C TYR D 65 -13.22 -50.92 34.67
N ARG D 66 -12.18 -50.76 35.47
CA ARG D 66 -12.16 -49.79 36.60
C ARG D 66 -12.38 -48.37 36.06
N ASP D 67 -11.74 -48.01 34.96
CA ASP D 67 -11.84 -46.65 34.34
C ASP D 67 -13.24 -46.46 33.73
N GLN D 68 -13.91 -47.55 33.35
CA GLN D 68 -15.29 -47.53 32.78
C GLN D 68 -16.32 -47.60 33.92
N ASN D 69 -15.87 -47.69 35.18
CA ASN D 69 -16.72 -47.80 36.39
C ASN D 69 -17.54 -49.10 36.35
N LYS D 70 -17.02 -50.14 35.69
CA LYS D 70 -17.60 -51.50 35.67
C LYS D 70 -16.95 -52.30 36.79
N TYR D 71 -17.26 -51.91 38.02
CA TYR D 71 -16.61 -52.41 39.26
C TYR D 71 -16.92 -53.90 39.43
N LYS D 72 -18.15 -54.34 39.14
CA LYS D 72 -18.57 -55.76 39.29
C LYS D 72 -17.65 -56.65 38.44
N ASP D 73 -17.51 -56.29 37.15
CA ASP D 73 -16.73 -57.06 36.16
C ASP D 73 -15.25 -57.01 36.52
N ALA D 74 -14.74 -55.85 36.92
CA ALA D 74 -13.33 -55.67 37.35
C ALA D 74 -13.06 -56.63 38.52
N ALA D 75 -13.97 -56.68 39.48
CA ALA D 75 -13.85 -57.52 40.70
C ALA D 75 -13.74 -59.00 40.29
N ASN D 76 -14.58 -59.45 39.36
CA ASN D 76 -14.57 -60.86 38.87
C ASN D 76 -13.18 -61.20 38.35
N LEU D 77 -12.62 -60.37 37.48
CA LEU D 77 -11.30 -60.61 36.85
C LEU D 77 -10.22 -60.65 37.93
N LEU D 78 -10.28 -59.77 38.93
CA LEU D 78 -9.26 -59.69 40.01
C LEU D 78 -9.38 -60.88 40.96
N ASN D 79 -10.60 -61.34 41.24
CA ASN D 79 -10.85 -62.60 41.99
C ASN D 79 -10.13 -63.76 41.30
N ASP D 80 -10.28 -63.86 39.98
CA ASP D 80 -9.65 -64.91 39.14
C ASP D 80 -8.12 -64.76 39.23
N ALA D 81 -7.62 -63.54 39.03
CA ALA D 81 -6.17 -63.20 39.07
C ALA D 81 -5.57 -63.50 40.44
N LEU D 82 -6.31 -63.20 41.52
CA LEU D 82 -5.85 -63.44 42.93
C LEU D 82 -5.59 -64.94 43.10
N ALA D 83 -6.56 -65.78 42.74
CA ALA D 83 -6.47 -67.27 42.81
C ALA D 83 -5.18 -67.72 42.13
N ILE D 84 -4.92 -67.22 40.93
CA ILE D 84 -3.77 -67.63 40.09
C ILE D 84 -2.47 -67.22 40.78
N ARG D 85 -2.43 -66.01 41.33
CA ARG D 85 -1.18 -65.43 41.91
C ARG D 85 -0.86 -66.13 43.24
N GLU D 86 -1.88 -66.40 44.06
CA GLU D 86 -1.74 -67.17 45.33
C GLU D 86 -1.03 -68.49 45.02
N LYS D 87 -1.53 -69.20 44.01
CA LYS D 87 -1.11 -70.57 43.63
C LYS D 87 0.27 -70.56 42.97
N THR D 88 0.65 -69.49 42.27
CA THR D 88 1.93 -69.41 41.50
C THR D 88 3.03 -68.72 42.32
N LEU D 89 2.73 -67.60 43.00
CA LEU D 89 3.75 -66.73 43.65
C LEU D 89 3.77 -66.92 45.17
N GLY D 90 2.74 -67.53 45.76
CA GLY D 90 2.63 -67.76 47.21
C GLY D 90 1.73 -66.73 47.88
N ARG D 91 1.17 -67.06 49.04
CA ARG D 91 0.08 -66.29 49.71
C ARG D 91 0.60 -64.98 50.34
N ASP D 92 1.92 -64.79 50.45
CA ASP D 92 2.53 -63.63 51.15
C ASP D 92 3.39 -62.81 50.17
N HIS D 93 3.12 -62.89 48.87
CA HIS D 93 3.89 -62.19 47.83
C HIS D 93 3.33 -60.78 47.66
N PRO D 94 4.20 -59.76 47.49
CA PRO D 94 3.75 -58.37 47.29
C PRO D 94 2.64 -58.17 46.23
N ALA D 95 2.73 -58.88 45.11
CA ALA D 95 1.71 -58.85 44.03
C ALA D 95 0.34 -59.32 44.55
N VAL D 96 0.32 -60.21 45.55
CA VAL D 96 -0.95 -60.70 46.16
C VAL D 96 -1.56 -59.57 47.01
N ALA D 97 -0.71 -58.82 47.73
CA ALA D 97 -1.16 -57.69 48.58
C ALA D 97 -1.81 -56.62 47.69
N ALA D 98 -1.19 -56.29 46.55
CA ALA D 98 -1.70 -55.30 45.57
C ALA D 98 -3.08 -55.75 45.08
N THR D 99 -3.23 -57.02 44.69
CA THR D 99 -4.51 -57.55 44.16
C THR D 99 -5.57 -57.47 45.24
N LEU D 100 -5.23 -57.86 46.47
CA LEU D 100 -6.17 -57.83 47.64
C LEU D 100 -6.63 -56.39 47.84
N ASN D 101 -5.70 -55.44 47.86
CA ASN D 101 -6.01 -54.00 48.06
C ASN D 101 -7.02 -53.55 47.01
N ASN D 102 -6.73 -53.86 45.75
CA ASN D 102 -7.52 -53.36 44.60
C ASN D 102 -8.91 -54.00 44.64
N LEU D 103 -9.00 -55.29 45.00
CA LEU D 103 -10.31 -55.97 45.20
C LEU D 103 -11.10 -55.25 46.28
N ALA D 104 -10.46 -54.91 47.39
CA ALA D 104 -11.09 -54.25 48.56
C ALA D 104 -11.65 -52.90 48.10
N VAL D 105 -10.89 -52.16 47.30
CA VAL D 105 -11.33 -50.85 46.77
C VAL D 105 -12.54 -51.09 45.86
N LEU D 106 -12.47 -52.07 44.97
CA LEU D 106 -13.56 -52.38 44.01
C LEU D 106 -14.84 -52.69 44.81
N TYR D 107 -14.76 -53.54 45.83
CA TYR D 107 -15.90 -53.87 46.70
C TYR D 107 -16.35 -52.58 47.39
N GLY D 108 -15.40 -51.81 47.93
CA GLY D 108 -15.68 -50.50 48.56
C GLY D 108 -16.48 -49.55 47.66
N LYS D 109 -16.11 -49.45 46.37
CA LYS D 109 -16.75 -48.53 45.39
C LYS D 109 -18.22 -48.95 45.21
N ARG D 110 -18.53 -50.24 45.36
CA ARG D 110 -19.91 -50.79 45.39
C ARG D 110 -20.47 -50.64 46.81
N GLY D 111 -21.64 -51.19 47.13
CA GLY D 111 -22.17 -51.13 48.51
C GLY D 111 -21.39 -51.98 49.51
N LYS D 112 -20.65 -52.98 49.05
CA LYS D 112 -20.09 -54.07 49.90
C LYS D 112 -18.97 -53.47 50.74
N TYR D 113 -19.08 -53.28 52.06
CA TYR D 113 -17.91 -52.97 52.94
C TYR D 113 -17.57 -54.18 53.82
N LYS D 114 -18.58 -54.99 54.16
CA LYS D 114 -18.34 -56.20 55.00
C LYS D 114 -17.44 -57.15 54.22
N GLU D 115 -17.61 -57.24 52.90
CA GLU D 115 -16.81 -58.13 52.03
C GLU D 115 -15.42 -57.53 51.78
N ALA D 116 -15.30 -56.21 51.77
CA ALA D 116 -14.04 -55.47 51.50
C ALA D 116 -13.06 -55.57 52.69
N GLU D 117 -13.56 -55.41 53.92
CA GLU D 117 -12.73 -55.28 55.14
C GLU D 117 -11.74 -56.45 55.26
N PRO D 118 -12.14 -57.74 55.21
CA PRO D 118 -11.20 -58.85 55.40
C PRO D 118 -10.06 -58.87 54.37
N LEU D 119 -10.35 -58.51 53.11
CA LEU D 119 -9.36 -58.46 52.01
C LEU D 119 -8.32 -57.38 52.30
N CYS D 120 -8.76 -56.19 52.70
CA CYS D 120 -7.90 -55.05 53.06
C CYS D 120 -7.00 -55.44 54.25
N LYS D 121 -7.58 -56.13 55.25
CA LYS D 121 -6.86 -56.59 56.47
C LYS D 121 -5.78 -57.61 56.10
N ARG D 122 -6.09 -58.54 55.18
CA ARG D 122 -5.12 -59.56 54.74
C ARG D 122 -3.96 -58.87 54.02
N ALA D 123 -4.23 -57.87 53.20
CA ALA D 123 -3.20 -57.09 52.47
C ALA D 123 -2.28 -56.43 53.49
N LEU D 124 -2.87 -55.85 54.53
CA LEU D 124 -2.13 -55.16 55.63
C LEU D 124 -1.19 -56.17 56.30
N GLU D 125 -1.70 -57.35 56.68
CA GLU D 125 -0.90 -58.45 57.29
C GLU D 125 0.33 -58.74 56.42
N ILE D 126 0.12 -58.88 55.11
CA ILE D 126 1.20 -59.23 54.13
C ILE D 126 2.23 -58.11 54.12
N ARG D 127 1.79 -56.86 54.02
CA ARG D 127 2.71 -55.69 53.93
C ARG D 127 3.52 -55.57 55.23
N GLU D 128 2.88 -55.76 56.40
CA GLU D 128 3.58 -55.71 57.73
C GLU D 128 4.67 -56.79 57.74
N LYS D 129 4.34 -58.01 57.32
CA LYS D 129 5.25 -59.19 57.31
C LYS D 129 6.48 -58.89 56.42
N VAL D 130 6.30 -58.28 55.27
CA VAL D 130 7.38 -58.05 54.25
C VAL D 130 8.14 -56.76 54.57
N LEU D 131 7.46 -55.65 54.85
CA LEU D 131 8.10 -54.30 54.99
C LEU D 131 8.36 -53.94 56.46
N GLY D 132 7.64 -54.53 57.41
CA GLY D 132 7.68 -54.12 58.83
C GLY D 132 6.46 -53.31 59.19
N LYS D 133 6.13 -53.20 60.48
CA LYS D 133 4.83 -52.63 60.95
C LYS D 133 4.87 -51.09 60.92
N ASP D 134 6.02 -50.47 60.66
CA ASP D 134 6.20 -48.99 60.71
C ASP D 134 6.69 -48.48 59.35
N HIS D 135 6.33 -49.16 58.26
CA HIS D 135 6.72 -48.78 56.88
C HIS D 135 5.64 -47.91 56.27
N PRO D 136 6.00 -46.84 55.52
CA PRO D 136 4.99 -45.95 54.93
C PRO D 136 3.93 -46.67 54.09
N ASP D 137 4.28 -47.76 53.41
CA ASP D 137 3.33 -48.56 52.61
C ASP D 137 2.27 -49.21 53.52
N VAL D 138 2.58 -49.42 54.79
CA VAL D 138 1.61 -49.98 55.78
C VAL D 138 0.62 -48.87 56.17
N ALA D 139 1.12 -47.64 56.31
CA ALA D 139 0.32 -46.42 56.57
C ALA D 139 -0.67 -46.20 55.43
N LYS D 140 -0.23 -46.38 54.18
CA LYS D 140 -1.09 -46.18 52.99
C LYS D 140 -2.23 -47.21 53.03
N GLN D 141 -1.91 -48.46 53.35
CA GLN D 141 -2.93 -49.53 53.44
C GLN D 141 -3.91 -49.21 54.57
N LEU D 142 -3.43 -48.65 55.68
CA LEU D 142 -4.29 -48.30 56.85
C LEU D 142 -5.31 -47.24 56.44
N ASN D 143 -4.95 -46.28 55.58
CA ASN D 143 -5.91 -45.28 55.04
C ASN D 143 -7.09 -45.99 54.39
N ASN D 144 -6.83 -46.95 53.51
CA ASN D 144 -7.91 -47.68 52.81
C ASN D 144 -8.77 -48.43 53.83
N LEU D 145 -8.13 -49.12 54.77
CA LEU D 145 -8.86 -49.88 55.83
C LEU D 145 -9.75 -48.91 56.63
N ALA D 146 -9.20 -47.77 57.01
CA ALA D 146 -9.91 -46.73 57.80
C ALA D 146 -11.17 -46.30 57.05
N LEU D 147 -11.06 -46.10 55.73
CA LEU D 147 -12.19 -45.64 54.87
C LEU D 147 -13.28 -46.72 54.83
N LEU D 148 -12.90 -47.99 54.72
CA LEU D 148 -13.88 -49.11 54.67
C LEU D 148 -14.62 -49.19 56.01
N CYS D 149 -13.90 -49.02 57.11
CA CYS D 149 -14.46 -49.06 58.49
C CYS D 149 -15.35 -47.83 58.73
N GLN D 150 -14.93 -46.67 58.22
CA GLN D 150 -15.67 -45.39 58.34
C GLN D 150 -17.09 -45.56 57.78
N ASN D 151 -17.22 -46.23 56.63
CA ASN D 151 -18.53 -46.43 55.96
C ASN D 151 -19.37 -47.47 56.70
N GLN D 152 -18.77 -48.26 57.60
CA GLN D 152 -19.51 -49.22 58.47
C GLN D 152 -19.88 -48.54 59.80
N GLY D 153 -19.42 -47.30 60.05
CA GLY D 153 -19.72 -46.55 61.29
C GLY D 153 -18.86 -46.98 62.47
N LYS D 154 -17.74 -47.70 62.23
CA LYS D 154 -16.82 -48.20 63.28
C LYS D 154 -15.79 -47.11 63.65
N TYR D 155 -16.25 -45.97 64.16
CA TYR D 155 -15.44 -44.74 64.26
C TYR D 155 -14.25 -44.94 65.21
N GLU D 156 -14.39 -45.76 66.26
CA GLU D 156 -13.30 -45.98 67.23
C GLU D 156 -12.11 -46.62 66.50
N GLU D 157 -12.37 -47.66 65.72
CA GLU D 157 -11.34 -48.32 64.86
C GLU D 157 -10.77 -47.32 63.86
N VAL D 158 -11.63 -46.54 63.21
CA VAL D 158 -11.23 -45.59 62.13
C VAL D 158 -10.19 -44.62 62.68
N GLU D 159 -10.48 -44.01 63.85
CA GLU D 159 -9.59 -42.99 64.46
C GLU D 159 -8.25 -43.64 64.77
N TYR D 160 -8.23 -44.88 65.26
CA TYR D 160 -6.98 -45.60 65.63
C TYR D 160 -6.12 -45.81 64.37
N TYR D 161 -6.71 -46.31 63.28
CA TYR D 161 -5.96 -46.63 62.03
C TYR D 161 -5.35 -45.36 61.44
N TYR D 162 -6.13 -44.27 61.38
CA TYR D 162 -5.64 -42.97 60.88
C TYR D 162 -4.48 -42.48 61.74
N GLN D 163 -4.64 -42.52 63.07
CA GLN D 163 -3.60 -42.01 64.01
C GLN D 163 -2.35 -42.86 63.82
N ARG D 164 -2.49 -44.17 63.65
CA ARG D 164 -1.33 -45.07 63.44
C ARG D 164 -0.61 -44.67 62.15
N ALA D 165 -1.36 -44.52 61.06
CA ALA D 165 -0.85 -44.14 59.73
C ALA D 165 -0.15 -42.79 59.83
N LEU D 166 -0.80 -41.83 60.47
CA LEU D 166 -0.29 -40.45 60.62
C LEU D 166 1.07 -40.50 61.34
N GLY D 167 1.19 -41.32 62.39
CA GLY D 167 2.45 -41.50 63.16
C GLY D 167 3.56 -42.05 62.29
N ILE D 168 3.24 -43.06 61.47
CA ILE D 168 4.23 -43.71 60.57
C ILE D 168 4.76 -42.62 59.62
N TYR D 169 3.87 -41.93 58.92
CA TYR D 169 4.24 -40.90 57.93
C TYR D 169 5.12 -39.82 58.58
N GLN D 170 4.71 -39.30 59.75
CA GLN D 170 5.39 -38.15 60.42
C GLN D 170 6.78 -38.57 60.90
N THR D 171 6.93 -39.79 61.42
CA THR D 171 8.25 -40.30 61.92
C THR D 171 9.13 -40.67 60.72
N LYS D 172 8.61 -41.41 59.73
CA LYS D 172 9.44 -41.97 58.63
C LYS D 172 9.71 -40.90 57.56
N LEU D 173 8.67 -40.19 57.09
CA LEU D 173 8.78 -39.29 55.92
C LEU D 173 8.97 -37.84 56.32
N GLY D 174 8.33 -37.40 57.39
CA GLY D 174 8.49 -36.00 57.85
C GLY D 174 7.15 -35.39 58.23
N PRO D 175 7.12 -34.21 58.90
CA PRO D 175 5.90 -33.42 58.97
C PRO D 175 5.42 -32.93 57.59
N ASP D 176 6.32 -32.85 56.61
CA ASP D 176 6.07 -32.01 55.38
C ASP D 176 5.69 -32.89 54.19
N ASP D 177 5.43 -34.17 54.40
CA ASP D 177 5.15 -35.10 53.26
C ASP D 177 3.72 -34.91 52.78
N PRO D 178 3.44 -35.01 51.46
CA PRO D 178 2.07 -34.95 50.94
C PRO D 178 1.12 -35.96 51.62
N ASN D 179 1.62 -37.16 51.95
CA ASN D 179 0.83 -38.24 52.58
C ASN D 179 0.28 -37.76 53.93
N VAL D 180 0.94 -36.82 54.59
CA VAL D 180 0.51 -36.32 55.93
C VAL D 180 -0.76 -35.48 55.74
N ALA D 181 -0.75 -34.51 54.83
CA ALA D 181 -1.91 -33.63 54.57
C ALA D 181 -3.09 -34.50 54.10
N LYS D 182 -2.86 -35.44 53.19
CA LYS D 182 -3.93 -36.34 52.67
C LYS D 182 -4.58 -37.11 53.84
N THR D 183 -3.75 -37.66 54.73
CA THR D 183 -4.24 -38.51 55.85
C THR D 183 -5.01 -37.64 56.83
N LYS D 184 -4.54 -36.41 57.08
CA LYS D 184 -5.20 -35.46 58.00
C LYS D 184 -6.59 -35.12 57.42
N ASN D 185 -6.68 -34.97 56.11
CA ASN D 185 -7.97 -34.71 55.42
C ASN D 185 -8.93 -35.88 55.65
N ASN D 186 -8.44 -37.10 55.45
CA ASN D 186 -9.26 -38.32 55.54
C ASN D 186 -9.83 -38.42 56.97
N LEU D 187 -9.00 -38.13 57.97
CA LEU D 187 -9.37 -38.14 59.40
C LEU D 187 -10.41 -37.05 59.65
N ALA D 188 -10.22 -35.86 59.10
CA ALA D 188 -11.16 -34.73 59.25
C ALA D 188 -12.55 -35.16 58.74
N SER D 189 -12.61 -35.87 57.62
CA SER D 189 -13.86 -36.41 57.03
C SER D 189 -14.54 -37.33 58.04
N CYS D 190 -13.77 -38.20 58.70
CA CYS D 190 -14.27 -39.10 59.77
C CYS D 190 -14.92 -38.27 60.88
N TYR D 191 -14.24 -37.21 61.32
CA TYR D 191 -14.74 -36.29 62.38
C TYR D 191 -16.03 -35.60 61.92
N LEU D 192 -16.11 -35.21 60.64
CA LEU D 192 -17.31 -34.53 60.08
C LEU D 192 -18.52 -35.46 60.16
N LYS D 193 -18.35 -36.75 59.85
CA LYS D 193 -19.44 -37.76 59.88
C LYS D 193 -19.91 -38.00 61.31
N GLN D 194 -19.06 -37.77 62.31
CA GLN D 194 -19.37 -37.97 63.75
C GLN D 194 -19.97 -36.70 64.37
N GLY D 195 -19.94 -35.58 63.65
CA GLY D 195 -20.37 -34.27 64.18
C GLY D 195 -19.30 -33.62 65.05
N LYS D 196 -18.06 -34.10 64.99
CA LYS D 196 -16.93 -33.55 65.77
C LYS D 196 -16.30 -32.41 64.95
N PHE D 197 -17.05 -31.34 64.74
CA PHE D 197 -16.69 -30.24 63.81
C PHE D 197 -15.45 -29.50 64.30
N LYS D 198 -15.27 -29.32 65.61
CA LYS D 198 -14.11 -28.55 66.14
C LYS D 198 -12.83 -29.32 65.89
N GLN D 199 -12.83 -30.65 66.05
CA GLN D 199 -11.62 -31.48 65.78
C GLN D 199 -11.27 -31.40 64.30
N ALA D 200 -12.27 -31.45 63.42
CA ALA D 200 -12.09 -31.34 61.95
C ALA D 200 -11.51 -29.96 61.61
N GLU D 201 -12.04 -28.90 62.22
CA GLU D 201 -11.57 -27.50 62.01
C GLU D 201 -10.08 -27.42 62.34
N THR D 202 -9.66 -28.05 63.44
CA THR D 202 -8.26 -27.99 63.93
C THR D 202 -7.33 -28.63 62.88
N LEU D 203 -7.69 -29.80 62.35
CA LEU D 203 -6.90 -30.52 61.33
C LEU D 203 -6.76 -29.64 60.08
N TYR D 204 -7.87 -29.01 59.63
CA TYR D 204 -7.87 -28.17 58.41
C TYR D 204 -6.89 -27.02 58.62
N LYS D 205 -6.90 -26.42 59.81
CA LYS D 205 -6.02 -25.27 60.12
C LYS D 205 -4.56 -25.73 60.19
N GLU D 206 -4.29 -26.89 60.80
CA GLU D 206 -2.92 -27.47 60.85
C GLU D 206 -2.39 -27.59 59.42
N ILE D 207 -3.20 -28.13 58.51
CA ILE D 207 -2.82 -28.36 57.09
C ILE D 207 -2.45 -27.02 56.42
N LEU D 208 -3.30 -26.00 56.57
CA LEU D 208 -3.13 -24.70 55.89
C LEU D 208 -1.95 -23.94 56.54
N THR D 209 -1.81 -24.00 57.87
CA THR D 209 -0.71 -23.31 58.59
C THR D 209 0.62 -23.88 58.10
N ARG D 210 0.74 -25.21 58.04
CA ARG D 210 2.00 -25.90 57.63
C ARG D 210 2.32 -25.53 56.18
N ALA D 211 1.33 -25.54 55.29
CA ALA D 211 1.48 -25.23 53.85
C ALA D 211 1.99 -23.79 53.71
N HIS D 212 1.47 -22.90 54.53
CA HIS D 212 1.83 -21.47 54.54
C HIS D 212 3.28 -21.30 55.00
N GLU D 213 3.66 -21.96 56.10
CA GLU D 213 5.03 -21.88 56.70
C GLU D 213 6.05 -22.36 55.66
N ARG D 214 5.74 -23.43 54.93
CA ARG D 214 6.63 -24.00 53.89
C ARG D 214 6.95 -22.96 52.82
N GLU D 215 5.99 -22.11 52.42
CA GLU D 215 6.18 -21.13 51.31
C GLU D 215 6.67 -19.77 51.83
N PHE D 216 6.26 -19.33 53.03
CA PHE D 216 6.51 -17.93 53.50
C PHE D 216 7.23 -17.89 54.85
N GLY D 217 7.66 -19.02 55.39
CA GLY D 217 8.33 -19.08 56.70
C GLY D 217 7.38 -18.84 57.87
N SER D 218 7.90 -18.27 58.96
CA SER D 218 7.19 -18.14 60.25
C SER D 218 5.88 -17.37 60.05
N VAL D 219 4.90 -17.66 60.90
CA VAL D 219 3.63 -16.88 61.03
C VAL D 219 3.91 -15.70 61.97
N ASP D 220 3.50 -14.49 61.57
CA ASP D 220 3.56 -13.26 62.40
C ASP D 220 2.40 -12.36 61.98
N ASP D 221 2.31 -11.17 62.57
CA ASP D 221 1.25 -10.17 62.28
C ASP D 221 1.20 -9.87 60.77
N GLU D 222 2.35 -9.72 60.11
CA GLU D 222 2.42 -9.29 58.69
C GLU D 222 2.26 -10.50 57.74
N ASN D 223 2.47 -11.73 58.21
CA ASN D 223 2.50 -12.95 57.35
C ASN D 223 1.65 -14.05 57.98
N LYS D 224 0.38 -14.16 57.59
CA LYS D 224 -0.60 -15.11 58.19
C LYS D 224 -1.15 -16.05 57.14
N PRO D 225 -1.68 -17.23 57.54
CA PRO D 225 -2.38 -18.13 56.62
C PRO D 225 -3.76 -17.60 56.25
N ILE D 226 -4.35 -18.08 55.15
CA ILE D 226 -5.68 -17.61 54.66
C ILE D 226 -6.72 -17.69 55.78
N TRP D 227 -6.72 -18.74 56.60
CA TRP D 227 -7.78 -18.89 57.64
C TRP D 227 -7.70 -17.77 58.69
N MET D 228 -6.50 -17.26 58.97
CA MET D 228 -6.34 -16.11 59.90
C MET D 228 -6.93 -14.85 59.27
N HIS D 229 -6.65 -14.61 57.99
CA HIS D 229 -7.24 -13.51 57.19
C HIS D 229 -8.77 -13.66 57.19
N ALA D 230 -9.27 -14.88 57.06
CA ALA D 230 -10.71 -15.18 56.99
C ALA D 230 -11.40 -14.77 58.28
N GLU D 231 -10.85 -15.15 59.42
CA GLU D 231 -11.48 -14.89 60.74
C GLU D 231 -11.40 -13.39 61.05
N GLU D 232 -10.34 -12.71 60.60
CA GLU D 232 -10.20 -11.23 60.72
C GLU D 232 -11.36 -10.56 59.96
N ARG D 233 -11.51 -10.95 58.70
CA ARG D 233 -12.55 -10.46 57.77
C ARG D 233 -13.93 -10.61 58.44
N GLU D 234 -14.16 -11.69 59.17
CA GLU D 234 -15.47 -11.99 59.84
C GLU D 234 -15.70 -10.99 60.98
N GLU D 235 -14.68 -10.68 61.78
CA GLU D 235 -14.82 -9.77 62.94
C GLU D 235 -15.06 -8.33 62.48
N CYS D 236 -14.74 -7.98 61.23
CA CYS D 236 -15.05 -6.66 60.61
C CYS D 236 -16.05 -6.87 59.46
N TYR D 249 2.85 -9.63 43.02
CA TYR D 249 3.25 -10.68 43.97
C TYR D 249 4.54 -11.38 43.50
N GLY D 250 4.59 -11.79 42.24
CA GLY D 250 5.72 -12.49 41.61
C GLY D 250 5.96 -13.89 42.15
N GLY D 251 4.91 -14.66 42.50
CA GLY D 251 5.01 -16.05 42.97
C GLY D 251 4.31 -17.00 42.02
N TRP D 252 4.17 -16.62 40.76
CA TRP D 252 3.40 -17.39 39.74
C TRP D 252 4.04 -18.77 39.56
N TYR D 253 5.38 -18.84 39.60
CA TYR D 253 6.16 -20.10 39.44
C TYR D 253 5.87 -21.06 40.60
N LYS D 254 5.56 -20.52 41.79
CA LYS D 254 5.32 -21.29 43.05
C LYS D 254 3.99 -22.05 42.99
N ALA D 255 3.04 -21.59 42.17
CA ALA D 255 1.69 -22.18 42.00
C ALA D 255 1.77 -23.71 41.81
N CYS D 256 2.64 -24.19 40.89
CA CYS D 256 2.80 -25.63 40.55
C CYS D 256 3.00 -26.50 41.79
N LYS D 257 3.92 -26.10 42.68
CA LYS D 257 4.27 -26.86 43.93
C LYS D 257 3.06 -26.85 44.88
N VAL D 258 2.42 -25.68 45.05
CA VAL D 258 1.30 -25.40 46.01
C VAL D 258 -0.04 -25.71 45.32
N ASP D 259 -0.01 -26.24 44.09
CA ASP D 259 -1.21 -26.61 43.30
C ASP D 259 -2.02 -27.72 44.00
N SER D 260 -1.37 -28.57 44.83
CA SER D 260 -1.88 -29.82 45.47
C SER D 260 -3.39 -29.80 45.69
N PRO D 261 -4.12 -30.80 45.14
CA PRO D 261 -5.59 -30.89 45.19
C PRO D 261 -6.17 -31.09 46.60
N THR D 262 -5.36 -31.67 47.48
CA THR D 262 -5.67 -31.90 48.92
C THR D 262 -5.87 -30.54 49.61
N VAL D 263 -5.05 -29.56 49.26
CA VAL D 263 -5.20 -28.18 49.81
C VAL D 263 -6.55 -27.59 49.36
N THR D 264 -6.97 -27.78 48.12
CA THR D 264 -8.25 -27.21 47.65
C THR D 264 -9.38 -27.91 48.43
N THR D 265 -9.30 -29.22 48.65
CA THR D 265 -10.30 -29.95 49.50
C THR D 265 -10.38 -29.34 50.89
N THR D 266 -9.23 -29.06 51.51
CA THR D 266 -9.10 -28.47 52.87
C THR D 266 -9.80 -27.09 52.86
N LEU D 267 -9.53 -26.29 51.84
CA LEU D 267 -10.09 -24.93 51.76
C LEU D 267 -11.62 -25.02 51.67
N LYS D 268 -12.13 -25.91 50.81
CA LYS D 268 -13.59 -26.06 50.58
C LYS D 268 -14.26 -26.51 51.87
N ASN D 269 -13.69 -27.51 52.55
CA ASN D 269 -14.31 -28.13 53.74
C ASN D 269 -14.25 -27.16 54.90
N LEU D 270 -13.14 -26.44 55.10
CA LEU D 270 -13.06 -25.43 56.18
C LEU D 270 -14.06 -24.32 55.87
N GLY D 271 -14.15 -23.90 54.60
CA GLY D 271 -15.16 -22.93 54.14
C GLY D 271 -16.57 -23.37 54.52
N ALA D 272 -16.89 -24.64 54.28
CA ALA D 272 -18.20 -25.22 54.63
C ALA D 272 -18.42 -25.16 56.15
N LEU D 273 -17.39 -25.48 56.94
CA LEU D 273 -17.46 -25.43 58.41
C LEU D 273 -17.75 -24.01 58.86
N TYR D 274 -17.13 -23.01 58.26
CA TYR D 274 -17.35 -21.60 58.64
C TYR D 274 -18.81 -21.23 58.33
N ARG D 275 -19.32 -21.69 57.19
CA ARG D 275 -20.71 -21.41 56.75
C ARG D 275 -21.68 -22.00 57.78
N ARG D 276 -21.44 -23.24 58.21
CA ARG D 276 -22.30 -23.95 59.19
C ARG D 276 -22.35 -23.17 60.52
N GLN D 277 -21.28 -22.48 60.90
CA GLN D 277 -21.18 -21.65 62.13
C GLN D 277 -21.77 -20.26 61.88
N GLY D 278 -22.23 -19.96 60.66
CA GLY D 278 -22.82 -18.66 60.30
C GLY D 278 -21.76 -17.60 60.02
N LYS D 279 -20.50 -17.97 59.89
CA LYS D 279 -19.37 -17.06 59.54
C LYS D 279 -19.21 -17.01 58.02
N PHE D 280 -20.12 -16.29 57.35
CA PHE D 280 -20.27 -16.27 55.88
C PHE D 280 -19.10 -15.54 55.20
N GLU D 281 -18.52 -14.53 55.85
CA GLU D 281 -17.37 -13.77 55.30
C GLU D 281 -16.12 -14.64 55.38
N ALA D 282 -15.94 -15.42 56.43
CA ALA D 282 -14.80 -16.35 56.56
C ALA D 282 -14.90 -17.40 55.44
N ALA D 283 -16.09 -17.95 55.24
CA ALA D 283 -16.36 -18.99 54.21
C ALA D 283 -16.04 -18.46 52.83
N GLU D 284 -16.41 -17.21 52.57
CA GLU D 284 -16.21 -16.56 51.25
C GLU D 284 -14.71 -16.52 50.95
N THR D 285 -13.90 -16.19 51.95
CA THR D 285 -12.43 -16.03 51.80
C THR D 285 -11.82 -17.37 51.39
N LEU D 286 -12.22 -18.45 52.04
CA LEU D 286 -11.61 -19.78 51.80
C LEU D 286 -12.12 -20.33 50.48
N GLU D 287 -13.39 -20.09 50.16
CA GLU D 287 -13.99 -20.62 48.91
C GLU D 287 -13.43 -19.88 47.69
N GLU D 288 -13.16 -18.57 47.82
CA GLU D 288 -12.48 -17.74 46.79
C GLU D 288 -11.11 -18.33 46.49
N ALA D 289 -10.36 -18.72 47.53
CA ALA D 289 -9.02 -19.33 47.43
C ALA D 289 -9.13 -20.68 46.71
N ALA D 290 -10.14 -21.47 47.01
CA ALA D 290 -10.37 -22.79 46.39
C ALA D 290 -10.57 -22.63 44.88
N MET D 291 -11.32 -21.60 44.46
CA MET D 291 -11.64 -21.34 43.03
C MET D 291 -10.34 -21.10 42.28
N ARG D 292 -9.45 -20.33 42.88
CA ARG D 292 -8.20 -19.84 42.23
C ARG D 292 -7.16 -20.96 42.25
N SER D 293 -7.31 -22.00 43.06
CA SER D 293 -6.27 -23.04 43.22
C SER D 293 -6.56 -24.27 42.36
N ARG D 294 -7.17 -24.13 41.18
CA ARG D 294 -7.51 -25.30 40.31
C ARG D 294 -6.87 -25.14 38.92
N VAL D 329 -22.92 -28.28 52.76
CA VAL D 329 -22.41 -29.43 51.95
C VAL D 329 -20.90 -29.53 52.18
N PHE D 330 -20.43 -30.74 52.50
CA PHE D 330 -18.99 -31.08 52.69
C PHE D 330 -18.53 -32.01 51.57
N THR D 331 -17.32 -31.82 51.03
CA THR D 331 -16.71 -32.65 49.98
C THR D 331 -16.09 -33.91 50.62
N THR D 332 -16.93 -34.83 51.06
CA THR D 332 -16.50 -36.09 51.73
C THR D 332 -16.48 -37.18 50.68
N GLU D 333 -15.75 -36.94 49.58
CA GLU D 333 -15.60 -37.92 48.46
C GLU D 333 -14.49 -38.91 48.83
N ASP D 334 -14.82 -40.20 49.00
CA ASP D 334 -13.84 -41.21 49.46
C ASP D 334 -12.80 -41.40 48.35
N ILE D 335 -11.53 -41.10 48.63
CA ILE D 335 -10.40 -41.43 47.72
C ILE D 335 -9.66 -42.62 48.32
N TYR D 336 -9.90 -43.79 47.75
CA TYR D 336 -9.17 -45.04 48.01
C TYR D 336 -7.87 -44.98 47.20
N GLU D 337 -6.78 -45.44 47.78
CA GLU D 337 -5.48 -45.54 47.09
C GLU D 337 -5.44 -46.87 46.33
N TRP D 338 -5.06 -46.83 45.06
CA TRP D 338 -4.97 -48.01 44.19
C TRP D 338 -3.50 -48.46 44.10
N ASP D 339 -3.22 -49.75 44.22
CA ASP D 339 -1.85 -50.28 44.08
C ASP D 339 -1.55 -50.60 42.61
N ASP D 340 -0.68 -49.84 41.96
CA ASP D 340 -0.34 -49.99 40.52
C ASP D 340 0.75 -51.05 40.36
N SER D 341 0.50 -52.31 40.71
CA SER D 341 1.49 -53.43 40.64
C SER D 341 0.80 -54.80 40.78
N PRO E 10 -21.55 33.06 -67.26
CA PRO E 10 -22.74 33.34 -66.45
C PRO E 10 -22.41 34.09 -65.14
N ALA E 11 -23.38 34.89 -64.69
CA ALA E 11 -23.37 35.63 -63.42
C ALA E 11 -23.18 34.67 -62.24
N ARG E 12 -23.75 33.47 -62.27
CA ARG E 12 -23.62 32.47 -61.18
C ARG E 12 -22.14 32.19 -60.95
N LEU E 13 -21.37 31.92 -61.99
CA LEU E 13 -19.92 31.63 -61.90
C LEU E 13 -19.19 32.82 -61.26
N ARG E 14 -19.52 34.05 -61.71
CA ARG E 14 -18.91 35.29 -61.18
C ARG E 14 -19.12 35.33 -59.67
N THR E 15 -20.35 35.09 -59.22
CA THR E 15 -20.73 35.11 -57.79
C THR E 15 -20.03 33.97 -57.06
N LEU E 16 -19.98 32.76 -57.62
CA LEU E 16 -19.32 31.61 -56.94
C LEU E 16 -17.84 31.91 -56.75
N HIS E 17 -17.16 32.41 -57.80
CA HIS E 17 -15.72 32.72 -57.74
C HIS E 17 -15.51 33.78 -56.64
N ASN E 18 -16.35 34.80 -56.62
CA ASN E 18 -16.30 35.91 -55.65
C ASN E 18 -16.39 35.35 -54.23
N LEU E 19 -17.35 34.47 -53.95
CA LEU E 19 -17.55 33.86 -52.61
C LEU E 19 -16.37 32.95 -52.24
N VAL E 20 -15.89 32.13 -53.18
CA VAL E 20 -14.76 31.20 -52.89
C VAL E 20 -13.58 32.03 -52.37
N ILE E 21 -13.22 33.07 -53.12
CA ILE E 21 -12.11 34.01 -52.76
C ILE E 21 -12.41 34.62 -51.38
N GLN E 22 -13.61 35.16 -51.18
CA GLN E 22 -14.00 35.79 -49.89
C GLN E 22 -13.70 34.85 -48.72
N TYR E 23 -14.16 33.60 -48.79
CA TYR E 23 -14.15 32.67 -47.64
C TYR E 23 -12.76 32.02 -47.52
N ALA E 24 -12.04 31.83 -48.61
CA ALA E 24 -10.66 31.32 -48.57
C ALA E 24 -9.73 32.37 -47.95
N SER E 25 -9.91 33.67 -48.24
CA SER E 25 -9.12 34.79 -47.62
C SER E 25 -9.21 34.70 -46.10
N GLN E 26 -10.40 34.36 -45.60
CA GLN E 26 -10.76 34.41 -44.16
C GLN E 26 -10.40 33.09 -43.48
N GLY E 27 -9.91 32.11 -44.24
CA GLY E 27 -9.51 30.81 -43.69
C GLY E 27 -10.71 29.95 -43.35
N ARG E 28 -11.90 30.31 -43.85
CA ARG E 28 -13.17 29.57 -43.62
C ARG E 28 -13.33 28.51 -44.71
N TYR E 29 -12.54 27.45 -44.60
CA TYR E 29 -12.40 26.37 -45.62
C TYR E 29 -13.67 25.50 -45.63
N GLU E 30 -14.39 25.42 -44.51
CA GLU E 30 -15.64 24.62 -44.40
C GLU E 30 -16.69 25.18 -45.39
N VAL E 31 -16.53 26.43 -45.82
CA VAL E 31 -17.42 27.11 -46.81
C VAL E 31 -16.75 27.11 -48.17
N ALA E 32 -15.47 27.45 -48.24
CA ALA E 32 -14.73 27.65 -49.50
C ALA E 32 -14.67 26.34 -50.29
N VAL E 33 -14.35 25.21 -49.65
CA VAL E 33 -14.16 23.91 -50.38
C VAL E 33 -15.43 23.54 -51.11
N PRO E 34 -16.62 23.44 -50.46
CA PRO E 34 -17.85 23.10 -51.18
C PRO E 34 -18.15 24.04 -52.35
N LEU E 35 -18.05 25.35 -52.14
CA LEU E 35 -18.35 26.36 -53.20
C LEU E 35 -17.37 26.20 -54.36
N CYS E 36 -16.11 25.91 -54.04
CA CYS E 36 -15.03 25.69 -55.01
C CYS E 36 -15.37 24.48 -55.89
N LYS E 37 -15.78 23.37 -55.27
CA LYS E 37 -16.19 22.15 -55.99
C LYS E 37 -17.40 22.44 -56.88
N GLN E 38 -18.34 23.22 -56.37
CA GLN E 38 -19.56 23.64 -57.11
C GLN E 38 -19.12 24.44 -58.34
N ALA E 39 -18.22 25.41 -58.18
CA ALA E 39 -17.69 26.24 -59.28
C ALA E 39 -17.01 25.35 -60.33
N LEU E 40 -16.25 24.35 -59.91
CA LEU E 40 -15.56 23.41 -60.83
C LEU E 40 -16.59 22.60 -61.62
N GLU E 41 -17.62 22.10 -60.95
CA GLU E 41 -18.73 21.32 -61.57
C GLU E 41 -19.37 22.17 -62.68
N ASP E 42 -19.67 23.45 -62.39
CA ASP E 42 -20.40 24.37 -63.30
C ASP E 42 -19.44 24.86 -64.40
N LEU E 43 -18.14 24.96 -64.10
CA LEU E 43 -17.12 25.43 -65.07
C LEU E 43 -16.91 24.34 -66.14
N GLU E 44 -16.83 23.08 -65.74
CA GLU E 44 -16.58 21.93 -66.68
C GLU E 44 -17.76 21.83 -67.67
N LYS E 45 -18.99 22.10 -67.22
CA LYS E 45 -20.19 22.17 -68.12
C LYS E 45 -20.04 23.30 -69.16
N THR E 46 -19.57 24.48 -68.76
CA THR E 46 -19.49 25.67 -69.66
C THR E 46 -18.25 25.57 -70.58
N SER E 47 -17.06 25.49 -70.00
CA SER E 47 -15.75 25.71 -70.69
C SER E 47 -15.00 24.38 -70.88
N GLY E 48 -15.54 23.24 -70.41
CA GLY E 48 -14.86 21.94 -70.50
C GLY E 48 -13.73 21.84 -69.48
N HIS E 49 -12.93 20.77 -69.53
CA HIS E 49 -11.86 20.50 -68.55
C HIS E 49 -10.56 21.25 -68.89
N ASP E 50 -10.35 21.69 -70.13
CA ASP E 50 -9.01 22.13 -70.63
C ASP E 50 -8.99 23.64 -70.87
N HIS E 51 -9.47 24.42 -69.90
CA HIS E 51 -9.62 25.89 -69.98
C HIS E 51 -8.76 26.54 -68.90
N PRO E 52 -8.04 27.66 -69.14
CA PRO E 52 -7.18 28.24 -68.10
C PRO E 52 -7.92 28.58 -66.78
N ASP E 53 -9.20 28.97 -66.87
CA ASP E 53 -10.06 29.28 -65.69
C ASP E 53 -10.20 28.05 -64.81
N VAL E 54 -10.27 26.85 -65.40
CA VAL E 54 -10.43 25.58 -64.64
C VAL E 54 -9.15 25.34 -63.84
N ALA E 55 -7.99 25.58 -64.46
CA ALA E 55 -6.67 25.44 -63.82
C ALA E 55 -6.55 26.41 -62.64
N THR E 56 -7.06 27.63 -62.77
CA THR E 56 -7.04 28.65 -61.69
C THR E 56 -7.86 28.15 -60.49
N MET E 57 -9.09 27.68 -60.72
CA MET E 57 -9.99 27.19 -59.64
C MET E 57 -9.34 25.97 -58.99
N LEU E 58 -8.65 25.14 -59.76
CA LEU E 58 -7.94 23.94 -59.24
C LEU E 58 -6.82 24.39 -58.32
N ASN E 59 -6.09 25.44 -58.70
CA ASN E 59 -4.99 26.06 -57.92
C ASN E 59 -5.54 26.53 -56.56
N ILE E 60 -6.68 27.21 -56.58
CA ILE E 60 -7.32 27.78 -55.36
C ILE E 60 -7.68 26.64 -54.42
N LEU E 61 -8.28 25.58 -54.92
CA LEU E 61 -8.66 24.41 -54.08
C LEU E 61 -7.38 23.77 -53.52
N ALA E 62 -6.34 23.67 -54.33
CA ALA E 62 -5.04 23.06 -53.95
C ALA E 62 -4.42 23.86 -52.79
N LEU E 63 -4.45 25.19 -52.88
CA LEU E 63 -4.01 26.13 -51.82
C LEU E 63 -4.73 25.79 -50.52
N VAL E 64 -6.05 25.65 -50.59
CA VAL E 64 -6.89 25.38 -49.40
C VAL E 64 -6.47 24.03 -48.83
N TYR E 65 -6.35 23.00 -49.66
CA TYR E 65 -5.97 21.64 -49.22
C TYR E 65 -4.57 21.68 -48.59
N ARG E 66 -3.68 22.49 -49.15
CA ARG E 66 -2.30 22.64 -48.63
C ARG E 66 -2.35 23.13 -47.17
N ASP E 67 -3.23 24.09 -46.86
CA ASP E 67 -3.33 24.67 -45.49
C ASP E 67 -3.97 23.66 -44.54
N GLN E 68 -4.76 22.71 -45.06
CA GLN E 68 -5.40 21.62 -44.26
C GLN E 68 -4.44 20.43 -44.15
N ASN E 69 -3.25 20.51 -44.76
CA ASN E 69 -2.21 19.44 -44.78
C ASN E 69 -2.75 18.20 -45.51
N LYS E 70 -3.65 18.40 -46.47
CA LYS E 70 -4.17 17.34 -47.38
C LYS E 70 -3.29 17.37 -48.64
N TYR E 71 -2.02 17.00 -48.47
CA TYR E 71 -0.96 17.13 -49.50
C TYR E 71 -1.29 16.23 -50.69
N LYS E 72 -1.78 15.01 -50.45
CA LYS E 72 -2.11 14.04 -51.53
C LYS E 72 -3.16 14.65 -52.46
N ASP E 73 -4.25 15.18 -51.88
CA ASP E 73 -5.39 15.76 -52.62
C ASP E 73 -4.92 17.03 -53.35
N ALA E 74 -4.14 17.88 -52.69
CA ALA E 74 -3.56 19.11 -53.29
C ALA E 74 -2.74 18.72 -54.54
N ALA E 75 -1.93 17.68 -54.42
CA ALA E 75 -1.04 17.19 -55.50
C ALA E 75 -1.89 16.77 -56.70
N ASN E 76 -2.99 16.03 -56.46
CA ASN E 76 -3.90 15.57 -57.54
C ASN E 76 -4.38 16.78 -58.34
N LEU E 77 -4.88 17.81 -57.67
CA LEU E 77 -5.45 19.01 -58.33
C LEU E 77 -4.36 19.72 -59.13
N LEU E 78 -3.14 19.82 -58.59
CA LEU E 78 -2.02 20.53 -59.25
C LEU E 78 -1.51 19.72 -60.46
N ASN E 79 -1.50 18.39 -60.37
CA ASN E 79 -1.20 17.49 -61.52
C ASN E 79 -2.16 17.79 -62.67
N ASP E 80 -3.46 17.90 -62.36
CA ASP E 80 -4.54 18.23 -63.33
C ASP E 80 -4.27 19.61 -63.93
N ALA E 81 -4.02 20.61 -63.07
CA ALA E 81 -3.76 22.01 -63.44
C ALA E 81 -2.50 22.12 -64.33
N LEU E 82 -1.45 21.38 -63.99
CA LEU E 82 -0.17 21.36 -64.73
C LEU E 82 -0.43 20.92 -66.18
N ALA E 83 -1.13 19.80 -66.37
CA ALA E 83 -1.51 19.23 -67.69
C ALA E 83 -2.19 20.32 -68.53
N ILE E 84 -3.15 21.03 -67.93
CA ILE E 84 -3.97 22.05 -68.63
C ILE E 84 -3.08 23.20 -69.05
N ARG E 85 -2.16 23.64 -68.17
CA ARG E 85 -1.33 24.85 -68.40
C ARG E 85 -0.26 24.54 -69.46
N GLU E 86 0.35 23.35 -69.40
CA GLU E 86 1.34 22.86 -70.40
C GLU E 86 0.70 22.98 -71.80
N LYS E 87 -0.52 22.47 -71.93
CA LYS E 87 -1.27 22.33 -73.21
C LYS E 87 -1.77 23.69 -73.70
N THR E 88 -2.06 24.64 -72.81
CA THR E 88 -2.67 25.95 -73.18
C THR E 88 -1.58 27.04 -73.31
N LEU E 89 -0.62 27.10 -72.38
CA LEU E 89 0.35 28.24 -72.27
C LEU E 89 1.74 27.84 -72.79
N GLY E 90 2.00 26.54 -72.98
CA GLY E 90 3.28 26.03 -73.50
C GLY E 90 4.19 25.53 -72.39
N ARG E 91 5.15 24.69 -72.75
CA ARG E 91 6.02 23.83 -71.92
C ARG E 91 6.92 24.65 -70.98
N ASP E 92 7.25 25.90 -71.35
CA ASP E 92 8.32 26.71 -70.69
C ASP E 92 7.73 28.02 -70.16
N HIS E 93 6.43 28.04 -69.85
CA HIS E 93 5.72 29.28 -69.38
C HIS E 93 5.93 29.44 -67.87
N PRO E 94 6.18 30.67 -67.37
CA PRO E 94 6.36 30.93 -65.93
C PRO E 94 5.31 30.27 -65.01
N ALA E 95 4.04 30.28 -65.39
CA ALA E 95 2.92 29.64 -64.64
C ALA E 95 3.18 28.12 -64.51
N VAL E 96 3.85 27.50 -65.48
CA VAL E 96 4.19 26.05 -65.45
C VAL E 96 5.28 25.83 -64.40
N ALA E 97 6.27 26.74 -64.32
CA ALA E 97 7.39 26.66 -63.36
C ALA E 97 6.83 26.71 -61.93
N ALA E 98 5.90 27.64 -61.68
CA ALA E 98 5.24 27.81 -60.37
C ALA E 98 4.54 26.51 -59.97
N THR E 99 3.76 25.93 -60.89
CA THR E 99 2.99 24.69 -60.62
C THR E 99 3.96 23.55 -60.32
N LEU E 100 5.03 23.43 -61.11
CA LEU E 100 6.08 22.38 -60.94
C LEU E 100 6.69 22.51 -59.55
N ASN E 101 7.07 23.74 -59.16
CA ASN E 101 7.71 24.00 -57.85
C ASN E 101 6.77 23.51 -56.76
N ASN E 102 5.51 23.91 -56.83
CA ASN E 102 4.51 23.65 -55.77
C ASN E 102 4.23 22.14 -55.70
N LEU E 103 4.16 21.46 -56.83
CA LEU E 103 4.04 19.97 -56.89
C LEU E 103 5.22 19.33 -56.16
N ALA E 104 6.44 19.82 -56.45
CA ALA E 104 7.70 19.30 -55.87
C ALA E 104 7.65 19.44 -54.35
N VAL E 105 7.17 20.58 -53.86
CA VAL E 105 7.04 20.84 -52.41
C VAL E 105 6.01 19.86 -51.84
N LEU E 106 4.87 19.69 -52.50
CA LEU E 106 3.79 18.77 -52.02
C LEU E 106 4.35 17.36 -51.92
N TYR E 107 5.07 16.87 -52.92
CA TYR E 107 5.72 15.55 -52.90
C TYR E 107 6.75 15.54 -51.74
N GLY E 108 7.55 16.59 -51.65
CA GLY E 108 8.53 16.77 -50.56
C GLY E 108 7.92 16.68 -49.17
N LYS E 109 6.74 17.27 -48.94
CA LYS E 109 6.04 17.30 -47.63
C LYS E 109 5.66 15.87 -47.24
N ARG E 110 5.40 15.01 -48.23
CA ARG E 110 5.23 13.53 -48.05
C ARG E 110 6.62 12.87 -48.02
N GLY E 111 6.75 11.54 -48.15
CA GLY E 111 8.10 10.93 -48.20
C GLY E 111 8.81 11.12 -49.54
N LYS E 112 8.14 11.66 -50.57
CA LYS E 112 8.34 11.30 -52.00
C LYS E 112 9.39 12.22 -52.64
N TYR E 113 10.65 12.14 -52.21
CA TYR E 113 11.77 13.02 -52.67
C TYR E 113 12.26 12.59 -54.06
N LYS E 114 12.22 11.29 -54.35
CA LYS E 114 12.63 10.74 -55.66
C LYS E 114 11.76 11.36 -56.75
N GLU E 115 10.45 11.46 -56.47
CA GLU E 115 9.43 11.98 -57.41
C GLU E 115 9.52 13.51 -57.49
N ALA E 116 9.90 14.16 -56.39
CA ALA E 116 9.96 15.64 -56.26
C ALA E 116 11.14 16.22 -57.06
N GLU E 117 12.32 15.59 -56.97
CA GLU E 117 13.58 16.14 -57.53
C GLU E 117 13.42 16.52 -59.02
N PRO E 118 12.96 15.62 -59.93
CA PRO E 118 12.87 15.97 -61.35
C PRO E 118 11.96 17.18 -61.65
N LEU E 119 10.86 17.32 -60.90
CA LEU E 119 9.89 18.44 -61.04
C LEU E 119 10.57 19.76 -60.65
N CYS E 120 11.28 19.77 -59.51
CA CYS E 120 12.03 20.95 -59.01
C CYS E 120 13.11 21.35 -60.03
N LYS E 121 13.80 20.35 -60.61
CA LYS E 121 14.87 20.56 -61.62
C LYS E 121 14.28 21.18 -62.90
N ARG E 122 13.10 20.70 -63.33
CA ARG E 122 12.43 21.23 -64.54
C ARG E 122 12.06 22.70 -64.31
N ALA E 123 11.55 23.03 -63.12
CA ALA E 123 11.20 24.41 -62.73
C ALA E 123 12.44 25.30 -62.83
N LEU E 124 13.57 24.80 -62.31
CA LEU E 124 14.87 25.50 -62.31
C LEU E 124 15.28 25.79 -63.75
N GLU E 125 15.25 24.79 -64.63
CA GLU E 125 15.59 24.90 -66.08
C GLU E 125 14.78 26.07 -66.68
N ILE E 126 13.47 26.11 -66.40
CA ILE E 126 12.54 27.11 -66.98
C ILE E 126 12.97 28.49 -66.48
N ARG E 127 13.19 28.64 -65.17
CA ARG E 127 13.54 29.95 -64.56
C ARG E 127 14.89 30.45 -65.12
N GLU E 128 15.89 29.56 -65.27
CA GLU E 128 17.22 29.91 -65.84
C GLU E 128 17.03 30.43 -67.26
N LYS E 129 16.23 29.73 -68.07
CA LYS E 129 15.97 30.06 -69.49
C LYS E 129 15.33 31.46 -69.60
N VAL E 130 14.39 31.82 -68.74
CA VAL E 130 13.64 33.10 -68.87
C VAL E 130 14.38 34.23 -68.13
N LEU E 131 14.88 34.01 -66.90
CA LEU E 131 15.47 35.08 -66.05
C LEU E 131 17.00 35.15 -66.18
N GLY E 132 17.67 34.08 -66.64
CA GLY E 132 19.15 33.98 -66.58
C GLY E 132 19.59 33.10 -65.42
N LYS E 133 20.85 32.68 -65.42
CA LYS E 133 21.37 31.67 -64.46
C LYS E 133 21.75 32.35 -63.14
N ASP E 134 21.77 33.70 -63.06
CA ASP E 134 22.27 34.44 -61.87
C ASP E 134 21.16 35.36 -61.34
N HIS E 135 19.90 34.97 -61.51
CA HIS E 135 18.72 35.75 -61.04
C HIS E 135 18.31 35.27 -59.65
N PRO E 136 17.92 36.19 -58.73
CA PRO E 136 17.54 35.79 -57.38
C PRO E 136 16.45 34.70 -57.33
N ASP E 137 15.51 34.69 -58.28
CA ASP E 137 14.44 33.67 -58.36
C ASP E 137 15.05 32.28 -58.63
N VAL E 138 16.23 32.22 -59.24
CA VAL E 138 16.94 30.94 -59.51
C VAL E 138 17.56 30.45 -58.19
N ALA E 139 18.09 31.37 -57.39
CA ALA E 139 18.64 31.12 -56.04
C ALA E 139 17.55 30.57 -55.13
N LYS E 140 16.34 31.13 -55.20
CA LYS E 140 15.20 30.69 -54.36
C LYS E 140 14.85 29.25 -54.75
N GLN E 141 14.80 28.94 -56.05
CA GLN E 141 14.47 27.57 -56.53
C GLN E 141 15.58 26.61 -56.07
N LEU E 142 16.84 27.05 -56.06
CA LEU E 142 17.99 26.20 -55.65
C LEU E 142 17.85 25.81 -54.17
N ASN E 143 17.34 26.69 -53.31
CA ASN E 143 17.05 26.36 -51.89
C ASN E 143 16.12 25.15 -51.82
N ASN E 144 15.02 25.17 -52.56
CA ASN E 144 14.05 24.04 -52.55
C ASN E 144 14.73 22.76 -53.05
N LEU E 145 15.48 22.84 -54.16
CA LEU E 145 16.21 21.67 -54.72
C LEU E 145 17.17 21.13 -53.67
N ALA E 146 17.92 22.01 -53.02
CA ALA E 146 18.91 21.66 -51.96
C ALA E 146 18.22 20.86 -50.86
N LEU E 147 17.03 21.29 -50.44
CA LEU E 147 16.25 20.66 -49.35
C LEU E 147 15.80 19.25 -49.78
N LEU E 148 15.35 19.08 -51.02
CA LEU E 148 14.90 17.76 -51.52
C LEU E 148 16.09 16.80 -51.57
N CYS E 149 17.25 17.28 -52.00
CA CYS E 149 18.50 16.49 -52.09
C CYS E 149 19.01 16.17 -50.68
N GLN E 150 18.90 17.12 -49.75
CA GLN E 150 19.33 16.95 -48.33
C GLN E 150 18.62 15.74 -47.72
N ASN E 151 17.33 15.57 -47.97
CA ASN E 151 16.51 14.46 -47.40
C ASN E 151 16.84 13.14 -48.10
N GLN E 152 17.51 13.17 -49.25
CA GLN E 152 17.99 11.95 -49.96
C GLN E 152 19.43 11.62 -49.52
N GLY E 153 20.08 12.48 -48.73
CA GLY E 153 21.46 12.27 -48.26
C GLY E 153 22.52 12.62 -49.31
N LYS E 154 22.17 13.36 -50.36
CA LYS E 154 23.08 13.77 -51.46
C LYS E 154 23.83 15.06 -51.10
N TYR E 155 24.64 15.02 -50.04
CA TYR E 155 25.20 16.22 -49.38
C TYR E 155 26.13 16.99 -50.32
N GLU E 156 26.83 16.31 -51.23
CA GLU E 156 27.77 16.97 -52.17
C GLU E 156 26.97 17.94 -53.04
N GLU E 157 25.86 17.47 -53.62
CA GLU E 157 24.93 18.31 -54.43
C GLU E 157 24.36 19.44 -53.56
N VAL E 158 23.92 19.12 -52.35
CA VAL E 158 23.24 20.08 -51.43
C VAL E 158 24.17 21.27 -51.20
N GLU E 159 25.43 21.01 -50.84
CA GLU E 159 26.43 22.07 -50.51
C GLU E 159 26.61 22.95 -51.74
N TYR E 160 26.68 22.38 -52.94
CA TYR E 160 26.91 23.12 -54.20
C TYR E 160 25.74 24.08 -54.46
N TYR E 161 24.51 23.58 -54.36
CA TYR E 161 23.29 24.37 -54.68
C TYR E 161 23.18 25.56 -53.71
N TYR E 162 23.39 25.32 -52.41
CA TYR E 162 23.33 26.39 -51.39
C TYR E 162 24.41 27.44 -51.71
N GLN E 163 25.64 27.01 -51.98
CA GLN E 163 26.77 27.95 -52.24
C GLN E 163 26.43 28.77 -53.49
N ARG E 164 25.87 28.13 -54.51
CA ARG E 164 25.48 28.83 -55.77
C ARG E 164 24.44 29.90 -55.44
N ALA E 165 23.38 29.52 -54.71
CA ALA E 165 22.26 30.40 -54.29
C ALA E 165 22.82 31.56 -53.47
N LEU E 166 23.68 31.24 -52.49
CA LEU E 166 24.29 32.24 -51.59
C LEU E 166 25.05 33.29 -52.42
N GLY E 167 25.80 32.85 -53.44
CA GLY E 167 26.56 33.73 -54.35
C GLY E 167 25.63 34.67 -55.10
N ILE E 168 24.54 34.13 -55.64
CA ILE E 168 23.55 34.93 -56.42
C ILE E 168 23.01 36.03 -55.50
N TYR E 169 22.50 35.67 -54.33
CA TYR E 169 21.89 36.61 -53.37
C TYR E 169 22.90 37.71 -53.00
N GLN E 170 24.13 37.33 -52.64
CA GLN E 170 25.15 38.28 -52.11
C GLN E 170 25.60 39.23 -53.22
N THR E 171 25.72 38.77 -54.47
CA THR E 171 26.15 39.63 -55.60
C THR E 171 24.96 40.50 -56.04
N LYS E 172 23.77 39.94 -56.21
CA LYS E 172 22.59 40.65 -56.81
C LYS E 172 21.90 41.54 -55.78
N LEU E 173 21.62 41.02 -54.58
CA LEU E 173 20.99 41.78 -53.47
C LEU E 173 22.09 42.14 -52.47
N GLY E 174 21.81 42.93 -51.44
CA GLY E 174 22.82 43.27 -50.42
C GLY E 174 23.36 42.01 -49.72
N PRO E 175 24.55 42.07 -49.11
CA PRO E 175 24.93 41.10 -48.07
C PRO E 175 24.02 41.15 -46.83
N ASP E 176 23.27 42.24 -46.64
CA ASP E 176 22.31 42.44 -45.53
C ASP E 176 20.88 42.04 -45.93
N ASP E 177 20.68 41.33 -47.04
CA ASP E 177 19.33 40.88 -47.49
C ASP E 177 18.87 39.71 -46.62
N PRO E 178 17.55 39.64 -46.27
CA PRO E 178 17.03 38.51 -45.48
C PRO E 178 17.29 37.15 -46.11
N ASN E 179 17.26 37.06 -47.45
CA ASN E 179 17.47 35.80 -48.19
C ASN E 179 18.86 35.23 -47.88
N VAL E 180 19.82 36.08 -47.54
CA VAL E 180 21.22 35.64 -47.27
C VAL E 180 21.24 34.89 -45.95
N ALA E 181 20.71 35.48 -44.88
CA ALA E 181 20.69 34.87 -43.53
C ALA E 181 19.90 33.56 -43.60
N LYS E 182 18.74 33.55 -44.27
CA LYS E 182 17.88 32.34 -44.39
C LYS E 182 18.68 31.22 -45.06
N THR E 183 19.40 31.52 -46.15
CA THR E 183 20.13 30.51 -46.95
C THR E 183 21.29 29.98 -46.10
N LYS E 184 21.96 30.86 -45.36
CA LYS E 184 23.08 30.46 -44.48
C LYS E 184 22.57 29.49 -43.41
N ASN E 185 21.38 29.75 -42.87
CA ASN E 185 20.73 28.86 -41.88
C ASN E 185 20.47 27.49 -42.52
N ASN E 186 19.91 27.46 -43.71
CA ASN E 186 19.53 26.20 -44.42
C ASN E 186 20.79 25.36 -44.61
N LEU E 187 21.90 26.01 -45.02
CA LEU E 187 23.21 25.36 -45.21
C LEU E 187 23.74 24.83 -43.87
N ALA E 188 23.63 25.63 -42.80
CA ALA E 188 24.08 25.23 -41.44
C ALA E 188 23.36 23.93 -41.04
N SER E 189 22.05 23.84 -41.33
CA SER E 189 21.22 22.64 -41.05
C SER E 189 21.82 21.44 -41.77
N CYS E 190 22.18 21.61 -43.04
CA CYS E 190 22.82 20.56 -43.87
C CYS E 190 24.11 20.09 -43.17
N TYR E 191 24.94 21.02 -42.70
CA TYR E 191 26.21 20.72 -41.99
C TYR E 191 25.92 19.95 -40.70
N LEU E 192 24.86 20.32 -39.97
CA LEU E 192 24.47 19.67 -38.69
C LEU E 192 24.14 18.19 -38.94
N LYS E 193 23.42 17.89 -40.03
CA LYS E 193 23.00 16.52 -40.41
C LYS E 193 24.22 15.68 -40.79
N GLN E 194 25.29 16.31 -41.26
CA GLN E 194 26.54 15.63 -41.69
C GLN E 194 27.52 15.48 -40.52
N GLY E 195 27.25 16.11 -39.39
CA GLY E 195 28.17 16.14 -38.24
C GLY E 195 29.30 17.15 -38.43
N LYS E 196 29.16 18.08 -39.37
CA LYS E 196 30.16 19.15 -39.63
C LYS E 196 29.86 20.34 -38.73
N PHE E 197 30.00 20.15 -37.42
CA PHE E 197 29.55 21.12 -36.38
C PHE E 197 30.35 22.42 -36.47
N LYS E 198 31.64 22.38 -36.78
CA LYS E 198 32.48 23.60 -36.77
C LYS E 198 32.07 24.50 -37.95
N GLN E 199 31.76 23.91 -39.10
CA GLN E 199 31.30 24.70 -40.28
C GLN E 199 29.96 25.38 -39.96
N ALA E 200 29.05 24.66 -39.31
CA ALA E 200 27.73 25.20 -38.88
C ALA E 200 27.94 26.33 -37.87
N GLU E 201 28.83 26.15 -36.91
CA GLU E 201 29.16 27.17 -35.87
C GLU E 201 29.59 28.46 -36.58
N THR E 202 30.44 28.35 -37.60
CA THR E 202 31.00 29.52 -38.31
C THR E 202 29.87 30.31 -38.98
N LEU E 203 28.94 29.63 -39.67
CA LEU E 203 27.79 30.27 -40.36
C LEU E 203 26.93 31.00 -39.32
N TYR E 204 26.66 30.38 -38.18
CA TYR E 204 25.81 30.97 -37.12
C TYR E 204 26.47 32.26 -36.64
N LYS E 205 27.79 32.25 -36.47
CA LYS E 205 28.54 33.44 -35.99
C LYS E 205 28.52 34.53 -37.07
N GLU E 206 28.71 34.18 -38.34
CA GLU E 206 28.64 35.14 -39.47
C GLU E 206 27.28 35.86 -39.40
N ILE E 207 26.20 35.10 -39.24
CA ILE E 207 24.80 35.63 -39.19
C ILE E 207 24.65 36.63 -38.04
N LEU E 208 25.09 36.27 -36.84
CA LEU E 208 24.93 37.11 -35.62
C LEU E 208 25.85 38.32 -35.70
N THR E 209 27.08 38.17 -36.20
CA THR E 209 28.04 39.28 -36.34
C THR E 209 27.43 40.33 -37.27
N ARG E 210 26.92 39.90 -38.43
CA ARG E 210 26.34 40.80 -39.46
C ARG E 210 25.12 41.52 -38.87
N ALA E 211 24.24 40.80 -38.16
CA ALA E 211 23.01 41.36 -37.54
C ALA E 211 23.40 42.44 -36.53
N HIS E 212 24.47 42.19 -35.77
CA HIS E 212 25.01 43.13 -34.76
C HIS E 212 25.56 44.39 -35.44
N GLU E 213 26.36 44.23 -36.50
CA GLU E 213 26.99 45.34 -37.26
C GLU E 213 25.90 46.25 -37.83
N ARG E 214 24.81 45.67 -38.34
CA ARG E 214 23.68 46.42 -38.92
C ARG E 214 23.07 47.37 -37.87
N GLU E 215 22.97 46.96 -36.61
CA GLU E 215 22.34 47.79 -35.54
C GLU E 215 23.35 48.68 -34.80
N PHE E 216 24.60 48.27 -34.61
CA PHE E 216 25.56 48.97 -33.72
C PHE E 216 26.88 49.33 -34.44
N GLY E 217 26.95 49.13 -35.75
CA GLY E 217 28.16 49.43 -36.55
C GLY E 217 29.30 48.46 -36.27
N SER E 218 30.53 48.93 -36.46
CA SER E 218 31.73 48.06 -36.45
C SER E 218 31.86 47.31 -35.12
N VAL E 219 32.47 46.13 -35.16
CA VAL E 219 32.78 45.30 -33.96
C VAL E 219 34.12 45.80 -33.39
N ASP E 220 34.19 46.03 -32.08
CA ASP E 220 35.44 46.33 -31.33
C ASP E 220 35.30 45.75 -29.92
N ASP E 221 36.31 45.96 -29.07
CA ASP E 221 36.33 45.49 -27.67
C ASP E 221 35.08 45.98 -26.92
N GLU E 222 34.67 47.24 -27.12
CA GLU E 222 33.55 47.86 -26.34
C GLU E 222 32.19 47.54 -26.99
N ASN E 223 32.17 47.12 -28.25
CA ASN E 223 30.94 46.79 -29.02
C ASN E 223 31.14 45.42 -29.69
N LYS E 224 30.61 44.35 -29.08
CA LYS E 224 30.85 42.96 -29.55
C LYS E 224 29.51 42.28 -29.80
N PRO E 225 29.47 41.24 -30.67
CA PRO E 225 28.26 40.45 -30.86
C PRO E 225 27.97 39.54 -29.66
N ILE E 226 26.73 39.09 -29.51
CA ILE E 226 26.28 38.32 -28.32
C ILE E 226 27.17 37.09 -28.13
N TRP E 227 27.54 36.40 -29.20
CA TRP E 227 28.34 35.15 -29.09
C TRP E 227 29.72 35.44 -28.50
N MET E 228 30.30 36.61 -28.77
CA MET E 228 31.61 36.99 -28.19
C MET E 228 31.46 37.18 -26.67
N HIS E 229 30.38 37.84 -26.23
CA HIS E 229 30.03 38.00 -24.80
C HIS E 229 29.88 36.61 -24.19
N ALA E 230 29.27 35.66 -24.89
CA ALA E 230 28.99 34.29 -24.37
C ALA E 230 30.32 33.57 -24.09
N GLU E 231 31.25 33.58 -25.05
CA GLU E 231 32.53 32.83 -24.91
C GLU E 231 33.38 33.45 -23.78
N GLU E 232 33.26 34.76 -23.59
CA GLU E 232 33.89 35.48 -22.44
C GLU E 232 33.30 34.94 -21.13
N ARG E 233 31.97 34.93 -21.05
CA ARG E 233 31.21 34.46 -19.87
C ARG E 233 31.67 33.03 -19.51
N GLU E 234 31.96 32.20 -20.51
CA GLU E 234 32.41 30.79 -20.29
C GLU E 234 33.80 30.77 -19.65
N GLU E 235 34.74 31.61 -20.10
CA GLU E 235 36.13 31.63 -19.59
C GLU E 235 36.17 32.17 -18.15
N CYS E 236 35.14 32.89 -17.70
CA CYS E 236 34.96 33.32 -16.28
C CYS E 236 33.72 32.66 -15.67
N GLY E 250 16.28 52.58 -24.22
CA GLY E 250 15.09 53.01 -24.99
C GLY E 250 15.08 52.42 -26.40
N GLY E 251 15.11 51.10 -26.53
CA GLY E 251 15.16 50.40 -27.83
C GLY E 251 13.93 49.53 -28.05
N TRP E 252 12.85 49.79 -27.32
CA TRP E 252 11.62 48.97 -27.39
C TRP E 252 11.04 49.05 -28.81
N TYR E 253 11.12 50.21 -29.45
CA TYR E 253 10.63 50.47 -30.83
C TYR E 253 11.39 49.61 -31.85
N LYS E 254 12.66 49.28 -31.56
CA LYS E 254 13.57 48.52 -32.45
C LYS E 254 13.10 47.06 -32.53
N ALA E 255 12.57 46.50 -31.43
CA ALA E 255 11.97 45.15 -31.40
C ALA E 255 10.82 45.09 -32.42
N SER E 260 14.06 39.18 -36.21
CA SER E 260 13.99 38.15 -37.27
C SER E 260 13.79 36.78 -36.61
N PRO E 261 12.84 35.97 -37.12
CA PRO E 261 12.69 34.57 -36.71
C PRO E 261 13.97 33.76 -36.98
N THR E 262 14.67 34.07 -38.08
CA THR E 262 15.91 33.38 -38.53
C THR E 262 17.00 33.61 -37.47
N VAL E 263 17.09 34.83 -36.93
CA VAL E 263 18.07 35.14 -35.85
C VAL E 263 17.75 34.30 -34.61
N THR E 264 16.49 34.12 -34.24
CA THR E 264 16.16 33.33 -33.01
C THR E 264 16.58 31.87 -33.27
N THR E 265 16.34 31.34 -34.47
CA THR E 265 16.80 29.96 -34.86
C THR E 265 18.31 29.85 -34.68
N THR E 266 19.06 30.85 -35.16
CA THR E 266 20.54 30.91 -35.12
C THR E 266 20.98 30.88 -33.65
N LEU E 267 20.34 31.68 -32.81
CA LEU E 267 20.69 31.77 -31.37
C LEU E 267 20.50 30.39 -30.73
N LYS E 268 19.36 29.75 -30.97
CA LYS E 268 19.02 28.43 -30.37
C LYS E 268 20.04 27.39 -30.81
N ASN E 269 20.34 27.33 -32.12
CA ASN E 269 21.20 26.29 -32.71
C ASN E 269 22.65 26.50 -32.25
N LEU E 270 23.13 27.75 -32.22
CA LEU E 270 24.51 28.02 -31.73
C LEU E 270 24.55 27.66 -30.24
N GLY E 271 23.51 28.02 -29.48
CA GLY E 271 23.37 27.64 -28.07
C GLY E 271 23.49 26.14 -27.89
N ALA E 272 22.82 25.36 -28.74
CA ALA E 272 22.87 23.88 -28.73
C ALA E 272 24.31 23.41 -28.99
N LEU E 273 24.99 24.01 -29.95
CA LEU E 273 26.38 23.66 -30.30
C LEU E 273 27.29 23.93 -29.09
N TYR E 274 27.09 25.03 -28.36
CA TYR E 274 27.90 25.36 -27.16
C TYR E 274 27.65 24.29 -26.09
N ARG E 275 26.40 23.89 -25.93
CA ARG E 275 25.99 22.89 -24.91
C ARG E 275 26.67 21.56 -25.22
N ARG E 276 26.70 21.16 -26.48
CA ARG E 276 27.35 19.91 -26.97
C ARG E 276 28.85 19.92 -26.62
N GLN E 277 29.50 21.09 -26.65
CA GLN E 277 30.95 21.26 -26.32
C GLN E 277 31.13 21.38 -24.79
N GLY E 278 30.05 21.33 -24.01
CA GLY E 278 30.12 21.44 -22.54
C GLY E 278 30.27 22.88 -22.06
N LYS E 279 30.09 23.87 -22.94
CA LYS E 279 30.15 25.31 -22.61
C LYS E 279 28.75 25.78 -22.21
N PHE E 280 28.32 25.43 -21.00
CA PHE E 280 26.93 25.61 -20.51
C PHE E 280 26.61 27.10 -20.27
N GLU E 281 27.59 27.89 -19.86
CA GLU E 281 27.42 29.34 -19.60
C GLU E 281 27.28 30.09 -20.95
N ALA E 282 28.00 29.66 -21.98
CA ALA E 282 27.87 30.24 -23.33
C ALA E 282 26.45 29.97 -23.85
N ALA E 283 26.00 28.73 -23.72
CA ALA E 283 24.67 28.28 -24.18
C ALA E 283 23.58 29.11 -23.46
N GLU E 284 23.75 29.34 -22.16
CA GLU E 284 22.76 30.08 -21.33
C GLU E 284 22.59 31.48 -21.92
N THR E 285 23.69 32.13 -22.31
CA THR E 285 23.68 33.52 -22.83
C THR E 285 22.84 33.58 -24.11
N LEU E 286 23.06 32.63 -25.02
CA LEU E 286 22.39 32.65 -26.34
C LEU E 286 20.92 32.27 -26.17
N GLU E 287 20.66 31.31 -25.28
CA GLU E 287 19.28 30.79 -25.07
C GLU E 287 18.44 31.85 -24.35
N GLU E 288 19.02 32.63 -23.43
CA GLU E 288 18.37 33.78 -22.73
C GLU E 288 17.92 34.80 -23.80
N ALA E 289 18.79 35.09 -24.76
CA ALA E 289 18.50 36.02 -25.88
C ALA E 289 17.33 35.48 -26.73
N ALA E 290 17.33 34.19 -27.01
CA ALA E 290 16.29 33.52 -27.81
C ALA E 290 14.94 33.64 -27.13
N MET E 291 14.88 33.50 -25.79
CA MET E 291 13.61 33.58 -25.02
C MET E 291 12.99 34.96 -25.21
N ARG E 292 13.82 36.00 -25.18
CA ARG E 292 13.36 37.40 -25.21
C ARG E 292 13.00 37.80 -26.64
N SER E 293 13.43 37.07 -27.66
CA SER E 293 13.27 37.44 -29.09
C SER E 293 11.82 37.30 -29.60
N ARG E 294 11.01 36.44 -28.99
CA ARG E 294 9.58 36.25 -29.35
C ARG E 294 8.78 37.52 -29.00
N VAL E 329 19.12 18.87 -28.45
CA VAL E 329 18.60 18.62 -29.83
C VAL E 329 18.43 20.00 -30.51
N PHE E 330 19.01 20.15 -31.70
CA PHE E 330 18.94 21.37 -32.54
C PHE E 330 17.51 21.52 -33.08
N THR E 331 17.00 22.76 -33.18
CA THR E 331 15.64 23.01 -33.74
C THR E 331 15.78 23.25 -35.25
N THR E 332 15.40 22.30 -36.11
CA THR E 332 15.57 22.42 -37.59
C THR E 332 14.31 21.96 -38.30
N GLU E 333 13.56 22.86 -38.92
CA GLU E 333 12.37 22.57 -39.75
C GLU E 333 12.75 22.75 -41.22
N ASP E 334 12.42 21.81 -42.11
CA ASP E 334 12.47 22.01 -43.59
C ASP E 334 11.49 23.13 -43.98
N ILE E 335 11.98 24.26 -44.47
CA ILE E 335 11.09 25.37 -44.93
C ILE E 335 11.21 25.45 -46.46
N TYR E 336 10.23 24.90 -47.15
CA TYR E 336 10.12 24.99 -48.63
C TYR E 336 9.50 26.33 -48.99
N GLU E 337 9.98 26.96 -50.04
CA GLU E 337 9.42 28.23 -50.57
C GLU E 337 8.30 27.87 -51.53
N TRP E 338 7.13 28.51 -51.38
CA TRP E 338 5.96 28.26 -52.26
C TRP E 338 5.87 29.37 -53.33
N ASP E 339 5.77 29.02 -54.60
CA ASP E 339 5.80 30.01 -55.72
C ASP E 339 4.54 30.87 -55.71
N ASP E 340 3.39 30.25 -55.46
CA ASP E 340 2.06 30.95 -55.44
C ASP E 340 1.93 31.79 -56.72
N SER E 341 1.57 33.08 -56.60
CA SER E 341 1.43 34.01 -57.76
C SER E 341 0.56 33.37 -58.86
N ILE F 9 27.26 32.03 -4.10
CA ILE F 9 26.03 31.40 -4.66
C ILE F 9 26.31 29.92 -4.95
N PRO F 10 25.46 28.98 -4.50
CA PRO F 10 25.73 27.55 -4.66
C PRO F 10 25.74 27.10 -6.14
N ALA F 11 26.51 26.05 -6.42
CA ALA F 11 26.61 25.40 -7.74
C ALA F 11 25.24 24.90 -8.20
N ARG F 12 24.43 24.35 -7.29
CA ARG F 12 23.09 23.81 -7.57
C ARG F 12 22.23 24.89 -8.24
N LEU F 13 22.19 26.11 -7.69
CA LEU F 13 21.46 27.23 -8.32
C LEU F 13 21.95 27.49 -9.74
N ARG F 14 23.26 27.47 -9.95
CA ARG F 14 23.87 27.70 -11.28
C ARG F 14 23.27 26.68 -12.25
N THR F 15 23.26 25.40 -11.88
CA THR F 15 22.74 24.29 -12.71
C THR F 15 21.22 24.46 -12.91
N LEU F 16 20.47 24.79 -11.87
CA LEU F 16 19.00 24.96 -11.99
C LEU F 16 18.69 26.11 -12.95
N HIS F 17 19.36 27.25 -12.81
CA HIS F 17 19.14 28.42 -13.67
C HIS F 17 19.43 28.02 -15.11
N ASN F 18 20.55 27.33 -15.33
CA ASN F 18 21.00 26.83 -16.65
C ASN F 18 19.89 25.99 -17.28
N LEU F 19 19.34 25.01 -16.54
CA LEU F 19 18.27 24.10 -17.05
C LEU F 19 16.98 24.88 -17.33
N VAL F 20 16.57 25.78 -16.44
CA VAL F 20 15.33 26.57 -16.62
C VAL F 20 15.41 27.28 -17.97
N ILE F 21 16.52 27.99 -18.20
CA ILE F 21 16.77 28.73 -19.47
C ILE F 21 16.73 27.74 -20.63
N GLN F 22 17.46 26.62 -20.54
CA GLN F 22 17.54 25.61 -21.62
C GLN F 22 16.12 25.22 -22.05
N TYR F 23 15.26 24.84 -21.11
CA TYR F 23 13.96 24.20 -21.41
C TYR F 23 12.93 25.28 -21.74
N ALA F 24 13.04 26.49 -21.19
CA ALA F 24 12.14 27.59 -21.56
C ALA F 24 12.42 28.04 -23.01
N SER F 25 13.70 28.10 -23.43
CA SER F 25 14.09 28.44 -24.84
C SER F 25 13.38 27.53 -25.82
N GLN F 26 13.25 26.24 -25.45
CA GLN F 26 12.79 25.15 -26.33
C GLN F 26 11.26 25.03 -26.25
N GLY F 27 10.62 25.83 -25.41
CA GLY F 27 9.15 25.79 -25.26
C GLY F 27 8.70 24.57 -24.49
N ARG F 28 9.61 23.90 -23.79
CA ARG F 28 9.33 22.70 -22.97
C ARG F 28 8.97 23.14 -21.55
N TYR F 29 7.78 23.68 -21.40
CA TYR F 29 7.27 24.34 -20.17
C TYR F 29 6.97 23.29 -19.09
N GLU F 30 6.64 22.06 -19.49
CA GLU F 30 6.34 20.94 -18.57
C GLU F 30 7.58 20.65 -17.71
N VAL F 31 8.77 21.07 -18.16
CA VAL F 31 10.06 20.90 -17.45
C VAL F 31 10.46 22.22 -16.79
N ALA F 32 10.34 23.33 -17.52
CA ALA F 32 10.81 24.66 -17.07
C ALA F 32 10.06 25.10 -15.81
N VAL F 33 8.72 24.96 -15.77
CA VAL F 33 7.91 25.45 -14.63
C VAL F 33 8.37 24.81 -13.31
N PRO F 34 8.41 23.46 -13.19
CA PRO F 34 8.85 22.84 -11.94
C PRO F 34 10.25 23.27 -11.52
N LEU F 35 11.22 23.29 -12.46
CA LEU F 35 12.62 23.66 -12.15
C LEU F 35 12.68 25.11 -11.68
N CYS F 36 11.87 25.96 -12.30
CA CYS F 36 11.78 27.40 -11.97
C CYS F 36 11.30 27.57 -10.53
N LYS F 37 10.25 26.86 -10.14
CA LYS F 37 9.70 26.88 -8.76
C LYS F 37 10.76 26.38 -7.78
N GLN F 38 11.50 25.33 -8.16
CA GLN F 38 12.60 24.75 -7.35
C GLN F 38 13.68 25.81 -7.14
N ALA F 39 14.08 26.49 -8.21
CA ALA F 39 15.11 27.56 -8.18
C ALA F 39 14.64 28.69 -7.26
N LEU F 40 13.37 29.07 -7.31
CA LEU F 40 12.80 30.16 -6.45
C LEU F 40 12.88 29.73 -4.98
N GLU F 41 12.50 28.48 -4.68
CA GLU F 41 12.55 27.92 -3.30
C GLU F 41 13.98 28.03 -2.76
N ASP F 42 14.97 27.62 -3.56
CA ASP F 42 16.41 27.52 -3.16
C ASP F 42 17.02 28.94 -3.15
N LEU F 43 16.53 29.84 -3.99
CA LEU F 43 17.04 31.23 -4.07
C LEU F 43 16.60 32.01 -2.83
N GLU F 44 15.36 31.85 -2.37
CA GLU F 44 14.83 32.55 -1.18
C GLU F 44 15.62 32.12 0.07
N LYS F 45 16.04 30.86 0.16
CA LYS F 45 16.91 30.36 1.26
C LYS F 45 18.28 31.06 1.22
N THR F 46 18.88 31.25 0.05
CA THR F 46 20.25 31.83 -0.08
C THR F 46 20.20 33.35 0.05
N SER F 47 19.46 34.03 -0.83
CA SER F 47 19.53 35.49 -1.07
C SER F 47 18.31 36.22 -0.47
N GLY F 48 17.36 35.50 0.12
CA GLY F 48 16.13 36.11 0.69
C GLY F 48 15.15 36.45 -0.42
N HIS F 49 13.94 36.90 -0.05
CA HIS F 49 12.80 37.13 -0.97
C HIS F 49 12.89 38.51 -1.66
N ASP F 50 13.66 39.47 -1.14
CA ASP F 50 13.62 40.88 -1.62
C ASP F 50 14.91 41.21 -2.38
N HIS F 51 15.32 40.33 -3.29
CA HIS F 51 16.59 40.44 -4.07
C HIS F 51 16.25 40.50 -5.55
N PRO F 52 16.89 41.38 -6.37
CA PRO F 52 16.55 41.49 -7.79
C PRO F 52 16.63 40.17 -8.57
N ASP F 53 17.50 39.23 -8.17
CA ASP F 53 17.60 37.87 -8.79
C ASP F 53 16.27 37.12 -8.64
N VAL F 54 15.58 37.29 -7.51
CA VAL F 54 14.27 36.62 -7.24
C VAL F 54 13.24 37.18 -8.21
N ALA F 55 13.24 38.50 -8.42
CA ALA F 55 12.34 39.20 -9.35
C ALA F 55 12.58 38.71 -10.79
N THR F 56 13.84 38.45 -11.17
CA THR F 56 14.20 37.94 -12.52
C THR F 56 13.59 36.54 -12.71
N MET F 57 13.76 35.64 -11.74
CA MET F 57 13.25 34.25 -11.83
C MET F 57 11.71 34.31 -11.88
N LEU F 58 11.09 35.24 -11.15
CA LEU F 58 9.63 35.43 -11.16
C LEU F 58 9.18 35.86 -12.56
N ASN F 59 9.92 36.77 -13.19
CA ASN F 59 9.65 37.25 -14.57
C ASN F 59 9.70 36.07 -15.55
N ILE F 60 10.71 35.21 -15.42
CA ILE F 60 10.90 34.03 -16.31
C ILE F 60 9.68 33.10 -16.18
N LEU F 61 9.24 32.82 -14.96
CA LEU F 61 8.07 31.93 -14.74
C LEU F 61 6.82 32.61 -15.33
N ALA F 62 6.69 33.93 -15.16
CA ALA F 62 5.54 34.71 -15.67
C ALA F 62 5.48 34.62 -17.20
N LEU F 63 6.64 34.75 -17.86
CA LEU F 63 6.79 34.58 -19.34
C LEU F 63 6.20 33.23 -19.73
N VAL F 64 6.62 32.18 -19.03
CA VAL F 64 6.20 30.79 -19.35
C VAL F 64 4.68 30.72 -19.18
N TYR F 65 4.16 31.20 -18.05
CA TYR F 65 2.70 31.15 -17.77
C TYR F 65 1.95 31.96 -18.84
N ARG F 66 2.53 33.06 -19.31
CA ARG F 66 1.91 33.91 -20.35
C ARG F 66 1.69 33.07 -21.62
N ASP F 67 2.67 32.26 -22.01
CA ASP F 67 2.59 31.43 -23.24
C ASP F 67 1.59 30.29 -23.06
N GLN F 68 1.33 29.87 -21.82
CA GLN F 68 0.34 28.82 -21.48
C GLN F 68 -1.05 29.45 -21.27
N ASN F 69 -1.16 30.78 -21.43
CA ASN F 69 -2.43 31.54 -21.26
C ASN F 69 -2.92 31.43 -19.81
N LYS F 70 -2.00 31.25 -18.86
CA LYS F 70 -2.28 31.27 -17.40
C LYS F 70 -2.03 32.70 -16.91
N TYR F 71 -2.87 33.62 -17.37
CA TYR F 71 -2.71 35.08 -17.19
C TYR F 71 -2.84 35.41 -15.70
N LYS F 72 -3.78 34.78 -14.98
CA LYS F 72 -4.00 35.07 -13.53
C LYS F 72 -2.71 34.77 -12.74
N ASP F 73 -2.14 33.59 -12.97
CA ASP F 73 -0.91 33.11 -12.28
C ASP F 73 0.28 34.01 -12.66
N ALA F 74 0.42 34.34 -13.95
CA ALA F 74 1.49 35.22 -14.45
C ALA F 74 1.40 36.57 -13.73
N ALA F 75 0.18 37.12 -13.61
CA ALA F 75 -0.08 38.43 -12.96
C ALA F 75 0.39 38.38 -11.51
N ASN F 76 0.07 37.30 -10.78
CA ASN F 76 0.48 37.14 -9.36
C ASN F 76 2.00 37.27 -9.24
N LEU F 77 2.74 36.54 -10.07
CA LEU F 77 4.23 36.53 -10.03
C LEU F 77 4.76 37.93 -10.35
N LEU F 78 4.16 38.63 -11.31
CA LEU F 78 4.63 39.98 -11.74
C LEU F 78 4.28 41.03 -10.67
N ASN F 79 3.14 40.89 -10.00
CA ASN F 79 2.78 41.73 -8.81
C ASN F 79 3.87 41.60 -7.75
N ASP F 80 4.30 40.37 -7.47
CA ASP F 80 5.36 40.05 -6.49
C ASP F 80 6.68 40.69 -6.95
N ALA F 81 7.04 40.49 -8.22
CA ALA F 81 8.27 41.02 -8.86
C ALA F 81 8.28 42.54 -8.85
N LEU F 82 7.13 43.16 -9.12
CA LEU F 82 6.97 44.65 -9.15
C LEU F 82 7.33 45.21 -7.77
N ALA F 83 6.73 44.67 -6.70
CA ALA F 83 6.98 45.05 -5.29
C ALA F 83 8.49 45.03 -5.03
N ILE F 84 9.16 43.96 -5.43
CA ILE F 84 10.61 43.74 -5.15
C ILE F 84 11.42 44.79 -5.91
N ARG F 85 11.06 45.08 -7.16
CA ARG F 85 11.84 45.98 -8.05
C ARG F 85 11.66 47.44 -7.60
N GLU F 86 10.44 47.82 -7.21
CA GLU F 86 10.11 49.16 -6.65
C GLU F 86 11.05 49.43 -5.48
N LYS F 87 11.14 48.45 -4.57
CA LYS F 87 11.87 48.54 -3.27
C LYS F 87 13.38 48.50 -3.48
N THR F 88 13.88 47.84 -4.54
CA THR F 88 15.34 47.66 -4.78
C THR F 88 15.86 48.72 -5.76
N LEU F 89 15.16 48.99 -6.88
CA LEU F 89 15.66 49.81 -8.01
C LEU F 89 15.04 51.20 -8.03
N GLY F 90 13.95 51.43 -7.29
CA GLY F 90 13.23 52.72 -7.23
C GLY F 90 12.00 52.73 -8.12
N ARG F 91 11.02 53.59 -7.82
CA ARG F 91 9.67 53.60 -8.46
C ARG F 91 9.71 54.14 -9.90
N ASP F 92 10.81 54.73 -10.36
CA ASP F 92 10.91 55.37 -11.70
C ASP F 92 11.99 54.70 -12.57
N HIS F 93 12.34 53.46 -12.25
CA HIS F 93 13.38 52.68 -12.97
C HIS F 93 12.76 52.02 -14.20
N PRO F 94 13.47 52.02 -15.36
CA PRO F 94 12.98 51.39 -16.58
C PRO F 94 12.43 49.96 -16.42
N ALA F 95 13.07 49.13 -15.61
CA ALA F 95 12.64 47.75 -15.30
C ALA F 95 11.25 47.76 -14.65
N VAL F 96 10.91 48.80 -13.91
CA VAL F 96 9.56 48.94 -13.27
C VAL F 96 8.53 49.24 -14.36
N ALA F 97 8.87 50.07 -15.34
CA ALA F 97 7.98 50.42 -16.48
C ALA F 97 7.64 49.15 -17.27
N ALA F 98 8.63 48.32 -17.55
CA ALA F 98 8.46 47.04 -18.27
C ALA F 98 7.50 46.13 -17.51
N THR F 99 7.68 45.99 -16.20
CA THR F 99 6.84 45.12 -15.34
C THR F 99 5.41 45.65 -15.35
N LEU F 100 5.25 46.98 -15.21
CA LEU F 100 3.92 47.64 -15.20
C LEU F 100 3.22 47.35 -16.53
N ASN F 101 3.93 47.54 -17.65
CA ASN F 101 3.36 47.31 -19.01
C ASN F 101 2.84 45.88 -19.08
N ASN F 102 3.67 44.93 -18.68
CA ASN F 102 3.38 43.49 -18.84
C ASN F 102 2.21 43.11 -17.94
N LEU F 103 2.15 43.64 -16.71
CA LEU F 103 1.00 43.46 -15.79
C LEU F 103 -0.28 43.96 -16.47
N ALA F 104 -0.22 45.16 -17.08
CA ALA F 104 -1.36 45.81 -17.74
C ALA F 104 -1.87 44.91 -18.86
N VAL F 105 -0.94 44.35 -19.64
CA VAL F 105 -1.29 43.44 -20.76
C VAL F 105 -1.95 42.19 -20.16
N LEU F 106 -1.38 41.61 -19.11
CA LEU F 106 -1.94 40.39 -18.47
C LEU F 106 -3.37 40.65 -18.00
N TYR F 107 -3.62 41.78 -17.32
CA TYR F 107 -4.97 42.17 -16.89
C TYR F 107 -5.84 42.37 -18.13
N GLY F 108 -5.30 43.06 -19.14
CA GLY F 108 -5.98 43.26 -20.43
C GLY F 108 -6.42 41.97 -21.10
N LYS F 109 -5.57 40.93 -21.09
CA LYS F 109 -5.86 39.64 -21.75
C LYS F 109 -7.03 38.96 -21.03
N ARG F 110 -7.23 39.23 -19.74
CA ARG F 110 -8.46 38.87 -18.97
C ARG F 110 -9.54 39.93 -19.22
N GLY F 111 -10.64 39.99 -18.47
CA GLY F 111 -11.64 41.06 -18.67
C GLY F 111 -11.21 42.41 -18.09
N LYS F 112 -10.10 42.47 -17.33
CA LYS F 112 -9.90 43.46 -16.23
C LYS F 112 -9.23 44.72 -16.76
N TYR F 113 -9.93 45.50 -17.59
CA TYR F 113 -9.43 46.73 -18.25
C TYR F 113 -9.40 47.90 -17.24
N LYS F 114 -10.35 47.93 -16.31
CA LYS F 114 -10.45 48.94 -15.23
C LYS F 114 -9.13 48.91 -14.43
N GLU F 115 -8.67 47.71 -14.11
CA GLU F 115 -7.47 47.46 -13.27
C GLU F 115 -6.20 47.70 -14.10
N ALA F 116 -6.25 47.43 -15.42
CA ALA F 116 -5.11 47.54 -16.35
C ALA F 116 -4.76 49.00 -16.64
N GLU F 117 -5.75 49.86 -16.86
CA GLU F 117 -5.55 51.26 -17.31
C GLU F 117 -4.57 52.00 -16.40
N PRO F 118 -4.75 52.07 -15.05
CA PRO F 118 -3.83 52.83 -14.20
C PRO F 118 -2.37 52.35 -14.26
N LEU F 119 -2.15 51.03 -14.39
CA LEU F 119 -0.79 50.42 -14.51
C LEU F 119 -0.13 50.86 -15.81
N CYS F 120 -0.86 50.81 -16.93
CA CYS F 120 -0.37 51.23 -18.27
C CYS F 120 -0.02 52.71 -18.23
N LYS F 121 -0.87 53.52 -17.57
CA LYS F 121 -0.69 55.00 -17.43
C LYS F 121 0.57 55.28 -16.60
N ARG F 122 0.81 54.53 -15.54
CA ARG F 122 1.99 54.72 -14.66
C ARG F 122 3.25 54.39 -15.47
N ALA F 123 3.22 53.33 -16.28
CA ALA F 123 4.35 52.94 -17.16
C ALA F 123 4.66 54.08 -18.12
N LEU F 124 3.61 54.68 -18.71
CA LEU F 124 3.72 55.80 -19.66
C LEU F 124 4.40 56.98 -18.97
N GLU F 125 3.92 57.36 -17.78
CA GLU F 125 4.52 58.46 -16.95
C GLU F 125 6.02 58.22 -16.81
N ILE F 126 6.42 56.99 -16.45
CA ILE F 126 7.84 56.63 -16.18
C ILE F 126 8.63 56.79 -17.48
N ARG F 127 8.14 56.26 -18.59
CA ARG F 127 8.86 56.31 -19.89
C ARG F 127 9.01 57.76 -20.34
N GLU F 128 7.97 58.59 -20.19
CA GLU F 128 8.03 60.02 -20.61
C GLU F 128 9.07 60.73 -19.74
N LYS F 129 9.11 60.48 -18.44
CA LYS F 129 10.06 61.09 -17.48
C LYS F 129 11.51 60.75 -17.87
N VAL F 130 11.80 59.51 -18.27
CA VAL F 130 13.20 59.08 -18.55
C VAL F 130 13.57 59.37 -20.01
N LEU F 131 12.71 59.07 -20.99
CA LEU F 131 13.05 59.17 -22.43
C LEU F 131 12.58 60.49 -23.06
N GLY F 132 11.60 61.18 -22.48
CA GLY F 132 10.98 62.39 -23.05
C GLY F 132 9.63 62.06 -23.65
N LYS F 133 8.80 63.07 -23.89
CA LYS F 133 7.37 62.86 -24.24
C LYS F 133 7.23 62.51 -25.72
N ASP F 134 8.30 62.57 -26.52
CA ASP F 134 8.25 62.39 -28.00
C ASP F 134 9.19 61.26 -28.41
N HIS F 135 9.40 60.27 -27.54
CA HIS F 135 10.29 59.12 -27.79
C HIS F 135 9.47 57.96 -28.35
N PRO F 136 9.98 57.22 -29.36
CA PRO F 136 9.21 56.12 -29.94
C PRO F 136 8.72 55.08 -28.92
N ASP F 137 9.47 54.84 -27.85
CA ASP F 137 9.06 53.91 -26.77
C ASP F 137 7.79 54.42 -26.07
N VAL F 138 7.55 55.73 -26.09
CA VAL F 138 6.33 56.34 -25.49
C VAL F 138 5.15 56.06 -26.42
N ALA F 139 5.38 56.16 -27.74
CA ALA F 139 4.40 55.83 -28.81
C ALA F 139 3.98 54.37 -28.69
N LYS F 140 4.93 53.46 -28.44
CA LYS F 140 4.63 52.02 -28.30
C LYS F 140 3.72 51.81 -27.08
N GLN F 141 4.02 52.46 -25.96
CA GLN F 141 3.21 52.35 -24.73
C GLN F 141 1.81 52.91 -25.00
N LEU F 142 1.70 53.99 -25.79
CA LEU F 142 0.38 54.61 -26.11
C LEU F 142 -0.49 53.64 -26.90
N ASN F 143 0.08 52.81 -27.79
CA ASN F 143 -0.66 51.75 -28.51
C ASN F 143 -1.35 50.84 -27.48
N ASN F 144 -0.63 50.36 -26.47
CA ASN F 144 -1.21 49.45 -25.44
C ASN F 144 -2.32 50.19 -24.67
N LEU F 145 -2.10 51.41 -24.26
CA LEU F 145 -3.11 52.22 -23.54
C LEU F 145 -4.35 52.38 -24.42
N ALA F 146 -4.16 52.70 -25.70
CA ALA F 146 -5.25 52.88 -26.69
C ALA F 146 -6.11 51.60 -26.72
N LEU F 147 -5.47 50.43 -26.73
CA LEU F 147 -6.14 49.11 -26.83
C LEU F 147 -6.97 48.86 -25.56
N LEU F 148 -6.43 49.20 -24.38
CA LEU F 148 -7.16 49.01 -23.11
C LEU F 148 -8.39 49.91 -23.09
N CYS F 149 -8.26 51.14 -23.56
CA CYS F 149 -9.37 52.14 -23.61
C CYS F 149 -10.39 51.72 -24.67
N GLN F 150 -9.93 51.16 -25.79
CA GLN F 150 -10.79 50.68 -26.90
C GLN F 150 -11.79 49.64 -26.36
N ASN F 151 -11.33 48.72 -25.52
CA ASN F 151 -12.18 47.65 -24.95
C ASN F 151 -13.12 48.20 -23.88
N GLN F 152 -12.88 49.41 -23.38
CA GLN F 152 -13.79 50.11 -22.43
C GLN F 152 -14.78 51.00 -23.20
N GLY F 153 -14.65 51.10 -24.52
CA GLY F 153 -15.56 51.88 -25.40
C GLY F 153 -15.25 53.37 -25.39
N LYS F 154 -14.08 53.79 -24.89
CA LYS F 154 -13.68 55.21 -24.75
C LYS F 154 -12.99 55.66 -26.02
N TYR F 155 -13.73 55.72 -27.13
CA TYR F 155 -13.20 55.91 -28.49
C TYR F 155 -12.50 57.27 -28.63
N GLU F 156 -12.99 58.32 -27.95
CA GLU F 156 -12.40 59.68 -28.08
C GLU F 156 -10.97 59.61 -27.55
N GLU F 157 -10.76 59.01 -26.38
CA GLU F 157 -9.40 58.77 -25.80
C GLU F 157 -8.57 57.93 -26.77
N VAL F 158 -9.12 56.85 -27.28
CA VAL F 158 -8.40 55.88 -28.15
C VAL F 158 -7.83 56.62 -29.38
N GLU F 159 -8.66 57.41 -30.05
CA GLU F 159 -8.25 58.15 -31.28
C GLU F 159 -7.10 59.11 -30.92
N TYR F 160 -7.15 59.77 -29.77
CA TYR F 160 -6.12 60.75 -29.34
C TYR F 160 -4.80 60.01 -29.15
N TYR F 161 -4.79 58.89 -28.42
CA TYR F 161 -3.54 58.16 -28.09
C TYR F 161 -2.88 57.66 -29.38
N TYR F 162 -3.66 57.08 -30.28
CA TYR F 162 -3.14 56.59 -31.58
C TYR F 162 -2.57 57.76 -32.38
N GLN F 163 -3.27 58.87 -32.48
CA GLN F 163 -2.84 60.04 -33.29
C GLN F 163 -1.54 60.56 -32.67
N ARG F 164 -1.44 60.59 -31.33
CA ARG F 164 -0.21 61.05 -30.65
C ARG F 164 0.95 60.12 -31.03
N ALA F 165 0.74 58.82 -30.90
CA ALA F 165 1.74 57.76 -31.22
C ALA F 165 2.16 57.88 -32.68
N LEU F 166 1.19 58.02 -33.57
CA LEU F 166 1.42 58.13 -35.02
C LEU F 166 2.35 59.32 -35.30
N GLY F 167 2.09 60.46 -34.65
CA GLY F 167 2.90 61.69 -34.79
C GLY F 167 4.34 61.46 -34.35
N ILE F 168 4.51 60.79 -33.22
CA ILE F 168 5.86 60.50 -32.65
C ILE F 168 6.63 59.67 -33.68
N TYR F 169 6.05 58.55 -34.12
CA TYR F 169 6.70 57.62 -35.06
C TYR F 169 7.08 58.35 -36.34
N GLN F 170 6.16 59.13 -36.93
CA GLN F 170 6.36 59.77 -38.26
C GLN F 170 7.44 60.85 -38.15
N THR F 171 7.50 61.61 -37.06
CA THR F 171 8.52 62.67 -36.87
C THR F 171 9.87 62.03 -36.50
N LYS F 172 9.90 61.09 -35.55
CA LYS F 172 11.15 60.54 -34.96
C LYS F 172 11.75 59.48 -35.88
N LEU F 173 10.96 58.52 -36.35
CA LEU F 173 11.40 57.44 -37.29
C LEU F 173 10.91 57.83 -38.69
N GLY F 174 11.28 57.08 -39.72
CA GLY F 174 10.80 57.39 -41.09
C GLY F 174 9.28 57.33 -41.19
N PRO F 175 8.66 57.98 -42.20
CA PRO F 175 7.32 57.59 -42.64
C PRO F 175 7.24 56.16 -43.19
N ASP F 176 8.38 55.56 -43.53
CA ASP F 176 8.52 54.17 -44.03
C ASP F 176 8.79 53.17 -42.89
N ASP F 177 8.66 53.56 -41.62
CA ASP F 177 8.94 52.66 -40.48
C ASP F 177 7.78 51.67 -40.30
N PRO F 178 8.06 50.39 -39.96
CA PRO F 178 6.99 49.41 -39.73
C PRO F 178 5.97 49.85 -38.65
N ASN F 179 6.44 50.56 -37.62
CA ASN F 179 5.60 51.03 -36.49
C ASN F 179 4.50 51.96 -37.03
N VAL F 180 4.74 52.65 -38.14
CA VAL F 180 3.76 53.63 -38.70
C VAL F 180 2.59 52.84 -39.28
N ALA F 181 2.85 51.86 -40.14
CA ALA F 181 1.79 51.06 -40.78
C ALA F 181 0.99 50.33 -39.70
N LYS F 182 1.67 49.74 -38.70
CA LYS F 182 1.01 48.99 -37.60
C LYS F 182 0.05 49.92 -36.87
N THR F 183 0.50 51.13 -36.54
CA THR F 183 -0.29 52.08 -35.71
C THR F 183 -1.48 52.57 -36.53
N LYS F 184 -1.28 52.80 -37.83
CA LYS F 184 -2.38 53.23 -38.74
C LYS F 184 -3.44 52.13 -38.78
N ASN F 185 -3.02 50.86 -38.81
CA ASN F 185 -3.96 49.71 -38.79
C ASN F 185 -4.76 49.73 -37.50
N ASN F 186 -4.09 49.90 -36.37
CA ASN F 186 -4.72 49.86 -35.03
C ASN F 186 -5.80 50.94 -34.96
N LEU F 187 -5.49 52.13 -35.48
CA LEU F 187 -6.42 53.29 -35.52
C LEU F 187 -7.58 52.96 -36.46
N ALA F 188 -7.31 52.37 -37.61
CA ALA F 188 -8.36 51.98 -38.59
C ALA F 188 -9.35 51.04 -37.90
N SER F 189 -8.86 50.08 -37.09
CA SER F 189 -9.70 49.14 -36.31
C SER F 189 -10.63 49.93 -35.39
N CYS F 190 -10.10 50.94 -34.72
CA CYS F 190 -10.87 51.83 -33.82
C CYS F 190 -12.00 52.49 -34.63
N TYR F 191 -11.69 53.02 -35.82
CA TYR F 191 -12.68 53.67 -36.71
C TYR F 191 -13.75 52.65 -37.14
N LEU F 192 -13.35 51.41 -37.42
CA LEU F 192 -14.28 50.33 -37.86
C LEU F 192 -15.30 50.05 -36.76
N LYS F 193 -14.86 50.00 -35.50
CA LYS F 193 -15.74 49.72 -34.33
C LYS F 193 -16.75 50.86 -34.14
N GLN F 194 -16.42 52.07 -34.58
CA GLN F 194 -17.28 53.27 -34.41
C GLN F 194 -18.20 53.44 -35.62
N GLY F 195 -17.99 52.68 -36.69
CA GLY F 195 -18.74 52.86 -37.94
C GLY F 195 -18.21 54.02 -38.77
N LYS F 196 -17.00 54.50 -38.50
CA LYS F 196 -16.34 55.58 -39.27
C LYS F 196 -15.60 54.96 -40.46
N PHE F 197 -16.35 54.38 -41.40
CA PHE F 197 -15.81 53.53 -42.48
C PHE F 197 -14.95 54.33 -43.44
N LYS F 198 -15.30 55.58 -43.74
CA LYS F 198 -14.53 56.37 -44.74
C LYS F 198 -13.16 56.71 -44.16
N GLN F 199 -13.08 57.03 -42.87
CA GLN F 199 -11.79 57.35 -42.22
C GLN F 199 -10.88 56.10 -42.25
N ALA F 200 -11.45 54.93 -41.96
CA ALA F 200 -10.71 53.64 -41.99
C ALA F 200 -10.22 53.35 -43.41
N GLU F 201 -11.08 53.57 -44.41
CA GLU F 201 -10.75 53.36 -45.85
C GLU F 201 -9.51 54.19 -46.21
N THR F 202 -9.49 55.45 -45.76
CA THR F 202 -8.39 56.39 -46.09
C THR F 202 -7.06 55.85 -45.55
N LEU F 203 -7.04 55.42 -44.29
CA LEU F 203 -5.83 54.87 -43.63
C LEU F 203 -5.33 53.64 -44.41
N TYR F 204 -6.24 52.74 -44.78
CA TYR F 204 -5.90 51.49 -45.51
C TYR F 204 -5.22 51.87 -46.83
N LYS F 205 -5.75 52.88 -47.52
CA LYS F 205 -5.21 53.30 -48.83
C LYS F 205 -3.83 53.94 -48.63
N GLU F 206 -3.68 54.79 -47.61
CA GLU F 206 -2.37 55.42 -47.28
C GLU F 206 -1.33 54.29 -47.11
N ILE F 207 -1.67 53.25 -46.35
CA ILE F 207 -0.76 52.12 -46.05
C ILE F 207 -0.33 51.42 -47.34
N LEU F 208 -1.28 51.08 -48.21
CA LEU F 208 -1.01 50.32 -49.47
C LEU F 208 -0.27 51.21 -50.46
N THR F 209 -0.63 52.50 -50.56
CA THR F 209 0.05 53.45 -51.47
C THR F 209 1.53 53.54 -51.07
N ARG F 210 1.80 53.73 -49.79
CA ARG F 210 3.19 53.90 -49.26
C ARG F 210 3.98 52.61 -49.51
N ALA F 211 3.39 51.45 -49.26
CA ALA F 211 4.03 50.12 -49.45
C ALA F 211 4.40 49.94 -50.92
N HIS F 212 3.52 50.39 -51.82
CA HIS F 212 3.70 50.33 -53.28
C HIS F 212 4.86 51.26 -53.70
N GLU F 213 4.87 52.50 -53.22
CA GLU F 213 5.90 53.53 -53.53
C GLU F 213 7.27 53.01 -53.11
N ARG F 214 7.36 52.35 -51.95
CA ARG F 214 8.63 51.80 -51.41
C ARG F 214 9.22 50.78 -52.39
N GLU F 215 8.40 49.96 -53.06
CA GLU F 215 8.89 48.88 -53.97
C GLU F 215 9.00 49.37 -55.43
N PHE F 216 8.13 50.27 -55.91
CA PHE F 216 8.04 50.62 -57.35
C PHE F 216 8.20 52.13 -57.62
N GLY F 217 8.53 52.92 -56.59
CA GLY F 217 8.67 54.38 -56.73
C GLY F 217 7.33 55.09 -56.93
N SER F 218 7.35 56.22 -57.60
CA SER F 218 6.21 57.16 -57.74
C SER F 218 4.98 56.42 -58.29
N VAL F 219 3.80 56.90 -57.93
CA VAL F 219 2.50 56.48 -58.55
C VAL F 219 2.30 57.30 -59.84
N ASP F 220 1.95 56.64 -60.94
CA ASP F 220 1.51 57.27 -62.20
C ASP F 220 0.48 56.35 -62.87
N ASP F 221 0.01 56.72 -64.06
CA ASP F 221 -0.96 55.93 -64.86
C ASP F 221 -0.47 54.49 -65.05
N GLU F 222 0.82 54.28 -65.34
CA GLU F 222 1.35 52.93 -65.67
C GLU F 222 1.71 52.15 -64.39
N ASN F 223 1.88 52.83 -63.25
CA ASN F 223 2.38 52.20 -61.99
C ASN F 223 1.47 52.61 -60.82
N LYS F 224 0.45 51.81 -60.51
CA LYS F 224 -0.58 52.14 -59.50
C LYS F 224 -0.60 51.08 -58.40
N PRO F 225 -1.08 51.44 -57.18
CA PRO F 225 -1.28 50.47 -56.10
C PRO F 225 -2.49 49.56 -56.39
N ILE F 226 -2.55 48.42 -55.72
CA ILE F 226 -3.59 47.36 -55.93
C ILE F 226 -4.98 48.00 -55.83
N TRP F 227 -5.22 48.90 -54.87
CA TRP F 227 -6.57 49.46 -54.63
C TRP F 227 -7.03 50.29 -55.82
N MET F 228 -6.10 50.94 -56.54
CA MET F 228 -6.46 51.71 -57.77
C MET F 228 -6.89 50.73 -58.87
N HIS F 229 -6.15 49.64 -59.05
CA HIS F 229 -6.52 48.54 -60.00
C HIS F 229 -7.89 47.98 -59.61
N ALA F 230 -8.15 47.83 -58.32
CA ALA F 230 -9.40 47.24 -57.79
C ALA F 230 -10.59 48.13 -58.18
N GLU F 231 -10.49 49.45 -57.95
CA GLU F 231 -11.60 50.38 -58.21
C GLU F 231 -11.81 50.52 -59.72
N GLU F 232 -10.75 50.42 -60.53
CA GLU F 232 -10.84 50.38 -62.02
C GLU F 232 -11.68 49.17 -62.44
N ARG F 233 -11.29 48.00 -61.95
CA ARG F 233 -11.96 46.69 -62.20
C ARG F 233 -13.46 46.85 -61.90
N GLU F 234 -13.83 47.55 -60.84
CA GLU F 234 -15.24 47.74 -60.42
C GLU F 234 -16.01 48.57 -61.45
N GLU F 235 -15.41 49.64 -61.97
CA GLU F 235 -16.08 50.57 -62.92
C GLU F 235 -16.26 49.90 -64.29
N CYS F 236 -15.48 48.85 -64.59
CA CYS F 236 -15.61 48.02 -65.83
C CYS F 236 -15.98 46.58 -65.46
N GLY F 250 9.00 38.11 -62.37
CA GLY F 250 10.14 37.56 -61.61
C GLY F 250 10.37 38.31 -60.31
N GLY F 251 9.40 38.29 -59.39
CA GLY F 251 9.48 38.93 -58.07
C GLY F 251 9.42 37.92 -56.94
N TRP F 252 9.76 36.66 -57.22
CA TRP F 252 9.61 35.56 -56.22
C TRP F 252 10.50 35.84 -55.01
N TYR F 253 11.69 36.39 -55.23
CA TYR F 253 12.67 36.76 -54.17
C TYR F 253 12.09 37.81 -53.21
N LYS F 254 11.16 38.65 -53.69
CA LYS F 254 10.34 39.59 -52.86
C LYS F 254 9.21 38.80 -52.19
N SER F 260 4.82 41.87 -45.53
CA SER F 260 4.39 42.29 -44.17
C SER F 260 3.05 41.64 -43.85
N PRO F 261 2.92 41.05 -42.64
CA PRO F 261 1.63 40.61 -42.13
C PRO F 261 0.61 41.76 -42.03
N THR F 262 1.09 42.97 -41.70
CA THR F 262 0.28 44.21 -41.54
C THR F 262 -0.38 44.54 -42.89
N VAL F 263 0.37 44.40 -43.99
CA VAL F 263 -0.16 44.64 -45.35
C VAL F 263 -1.27 43.62 -45.65
N THR F 264 -1.11 42.35 -45.27
CA THR F 264 -2.17 41.35 -45.59
C THR F 264 -3.42 41.73 -44.79
N THR F 265 -3.30 42.15 -43.53
CA THR F 265 -4.44 42.62 -42.71
C THR F 265 -5.15 43.79 -43.42
N THR F 266 -4.37 44.75 -43.93
CA THR F 266 -4.87 45.95 -44.64
C THR F 266 -5.66 45.51 -45.88
N LEU F 267 -5.11 44.57 -46.64
CA LEU F 267 -5.77 44.06 -47.87
C LEU F 267 -7.13 43.45 -47.51
N LYS F 268 -7.15 42.59 -46.48
CA LYS F 268 -8.39 41.89 -46.06
C LYS F 268 -9.46 42.92 -45.62
N ASN F 269 -9.06 43.88 -44.79
CA ASN F 269 -9.98 44.85 -44.17
C ASN F 269 -10.49 45.83 -45.23
N LEU F 270 -9.62 46.30 -46.12
CA LEU F 270 -10.07 47.20 -47.23
C LEU F 270 -11.01 46.41 -48.13
N GLY F 271 -10.68 45.15 -48.42
CA GLY F 271 -11.56 44.23 -49.17
C GLY F 271 -12.94 44.15 -48.53
N ALA F 272 -13.00 43.99 -47.21
CA ALA F 272 -14.27 43.93 -46.44
C ALA F 272 -15.04 45.25 -46.61
N LEU F 273 -14.35 46.37 -46.52
CA LEU F 273 -14.97 47.71 -46.69
C LEU F 273 -15.55 47.85 -48.09
N TYR F 274 -14.87 47.35 -49.12
CA TYR F 274 -15.38 47.42 -50.50
C TYR F 274 -16.64 46.58 -50.61
N ARG F 275 -16.64 45.41 -49.98
CA ARG F 275 -17.79 44.47 -50.00
C ARG F 275 -19.01 45.18 -49.37
N ARG F 276 -18.81 45.84 -48.24
CA ARG F 276 -19.86 46.57 -47.50
C ARG F 276 -20.48 47.67 -48.38
N GLN F 277 -19.70 48.29 -49.28
CA GLN F 277 -20.16 49.35 -50.21
C GLN F 277 -20.79 48.71 -51.46
N GLY F 278 -20.80 47.38 -51.56
CA GLY F 278 -21.37 46.68 -52.73
C GLY F 278 -20.41 46.63 -53.90
N LYS F 279 -19.13 47.00 -53.71
CA LYS F 279 -18.08 46.92 -54.76
C LYS F 279 -17.41 45.54 -54.68
N PHE F 280 -18.09 44.50 -55.16
CA PHE F 280 -17.71 43.07 -54.99
C PHE F 280 -16.46 42.74 -55.82
N GLU F 281 -16.29 43.38 -56.98
CA GLU F 281 -15.13 43.13 -57.88
C GLU F 281 -13.88 43.78 -57.25
N ALA F 282 -14.01 44.93 -56.61
CA ALA F 282 -12.89 45.59 -55.90
C ALA F 282 -12.43 44.68 -54.75
N ALA F 283 -13.39 44.16 -53.98
CA ALA F 283 -13.14 43.27 -52.82
C ALA F 283 -12.39 42.03 -53.27
N GLU F 284 -12.81 41.47 -54.40
CA GLU F 284 -12.23 40.21 -54.95
C GLU F 284 -10.75 40.44 -55.24
N THR F 285 -10.40 41.61 -55.80
CA THR F 285 -9.02 41.95 -56.20
C THR F 285 -8.12 41.95 -54.97
N LEU F 286 -8.57 42.61 -53.90
CA LEU F 286 -7.74 42.79 -52.69
C LEU F 286 -7.65 41.45 -51.95
N GLU F 287 -8.74 40.69 -51.93
CA GLU F 287 -8.80 39.42 -51.16
C GLU F 287 -7.96 38.36 -51.87
N GLU F 288 -7.94 38.36 -53.21
CA GLU F 288 -7.08 37.47 -54.05
C GLU F 288 -5.61 37.72 -53.69
N ALA F 289 -5.22 38.99 -53.56
CA ALA F 289 -3.85 39.41 -53.17
C ALA F 289 -3.52 38.88 -51.76
N ALA F 290 -4.47 39.00 -50.83
CA ALA F 290 -4.31 38.55 -49.43
C ALA F 290 -4.05 37.03 -49.38
N MET F 291 -4.74 36.25 -50.21
CA MET F 291 -4.60 34.77 -50.25
C MET F 291 -3.17 34.41 -50.63
N ARG F 292 -2.62 35.13 -51.62
CA ARG F 292 -1.29 34.83 -52.21
C ARG F 292 -0.18 35.33 -51.28
N SER F 293 -0.47 36.23 -50.34
CA SER F 293 0.57 36.88 -49.50
C SER F 293 0.69 36.20 -48.13
N ARG F 294 0.52 34.88 -48.03
CA ARG F 294 0.71 34.15 -46.74
C ARG F 294 1.75 33.02 -46.94
N VAL F 329 -17.90 40.79 -41.30
CA VAL F 329 -16.74 40.35 -40.45
C VAL F 329 -15.53 41.19 -40.86
N PHE F 330 -14.76 41.66 -39.87
CA PHE F 330 -13.47 42.37 -40.05
C PHE F 330 -12.37 41.63 -39.29
N THR F 331 -11.13 41.65 -39.80
CA THR F 331 -9.96 41.01 -39.16
C THR F 331 -9.37 41.96 -38.10
N THR F 332 -10.05 42.12 -36.98
CA THR F 332 -9.57 42.90 -35.80
C THR F 332 -9.11 41.95 -34.70
N GLU F 333 -7.84 41.95 -34.35
CA GLU F 333 -7.29 41.15 -33.21
C GLU F 333 -6.47 42.09 -32.34
N ASP F 334 -6.74 42.16 -31.03
CA ASP F 334 -6.00 43.02 -30.08
C ASP F 334 -4.55 42.51 -30.01
N ILE F 335 -3.58 43.30 -30.47
CA ILE F 335 -2.14 42.94 -30.40
C ILE F 335 -1.51 43.88 -29.39
N TYR F 336 -1.29 43.39 -28.17
CA TYR F 336 -0.56 44.11 -27.10
C TYR F 336 0.93 43.92 -27.35
N GLU F 337 1.70 44.98 -27.15
CA GLU F 337 3.17 44.93 -27.25
C GLU F 337 3.70 44.53 -25.87
N TRP F 338 4.56 43.52 -25.80
CA TRP F 338 5.16 43.02 -24.54
C TRP F 338 6.58 43.60 -24.38
N ASP F 339 6.95 44.07 -23.19
CA ASP F 339 8.30 44.61 -22.94
C ASP F 339 9.22 43.47 -22.47
N ASP F 340 10.20 43.08 -23.29
CA ASP F 340 11.09 41.92 -22.99
C ASP F 340 12.26 42.41 -22.14
N SER F 341 12.76 43.62 -22.41
CA SER F 341 13.91 44.25 -21.72
C SER F 341 15.00 43.26 -21.28
#